data_1WIK
#
_entry.id   1WIK
#
_entity_poly.entity_id   1
_entity_poly.type   'polypeptide(L)'
_entity_poly.pdbx_seq_one_letter_code
;GSSGSSGLKVLTNKASVMLFMKGNKQEAKCGFSKQILEILNSTGVEYETFDILEDEEVRQGLKTFSNWPTYPQLYVRGDL
VGGLDIVKELKDNGELLPILKGESGPSSG
;
_entity_poly.pdbx_strand_id   A
#
# COMPACT_ATOMS: atom_id res chain seq x y z
N GLY A 1 3.54 21.10 6.42
CA GLY A 1 4.25 20.51 5.30
C GLY A 1 5.77 20.55 5.53
N SER A 2 6.32 19.37 5.76
CA SER A 2 7.75 19.24 5.99
C SER A 2 8.53 19.64 4.74
N SER A 3 8.99 20.89 4.74
CA SER A 3 9.74 21.40 3.60
C SER A 3 10.94 20.50 3.32
N GLY A 4 10.90 19.86 2.16
CA GLY A 4 11.96 18.96 1.75
C GLY A 4 11.41 17.60 1.33
N SER A 5 11.91 17.12 0.20
CA SER A 5 11.48 15.83 -0.32
C SER A 5 9.98 15.87 -0.61
N SER A 6 9.66 16.33 -1.81
CA SER A 6 8.27 16.42 -2.24
C SER A 6 7.99 15.40 -3.33
N GLY A 7 7.47 14.25 -2.92
CA GLY A 7 7.16 13.18 -3.85
C GLY A 7 6.50 12.01 -3.13
N LEU A 8 5.31 12.26 -2.60
CA LEU A 8 4.57 11.23 -1.90
C LEU A 8 3.64 10.52 -2.88
N LYS A 9 2.74 11.29 -3.47
CA LYS A 9 1.78 10.74 -4.41
C LYS A 9 2.51 9.78 -5.35
N VAL A 10 3.63 10.24 -5.90
CA VAL A 10 4.42 9.44 -6.81
C VAL A 10 4.73 8.09 -6.15
N LEU A 11 5.19 8.17 -4.91
CA LEU A 11 5.54 6.97 -4.17
C LEU A 11 4.33 6.03 -4.15
N THR A 12 3.20 6.55 -3.68
CA THR A 12 1.99 5.77 -3.61
C THR A 12 1.52 5.38 -5.01
N ASN A 13 2.07 6.06 -6.00
CA ASN A 13 1.73 5.80 -7.39
C ASN A 13 2.96 5.27 -8.12
N LYS A 14 3.86 4.67 -7.36
CA LYS A 14 5.08 4.14 -7.92
C LYS A 14 4.78 2.78 -8.58
N ALA A 15 4.23 1.88 -7.78
CA ALA A 15 3.89 0.55 -8.28
C ALA A 15 2.38 0.37 -8.21
N SER A 16 1.89 -0.48 -9.10
CA SER A 16 0.46 -0.76 -9.15
C SER A 16 -0.11 -0.88 -7.74
N VAL A 17 0.53 -1.72 -6.94
CA VAL A 17 0.11 -1.93 -5.57
C VAL A 17 1.24 -1.53 -4.62
N MET A 18 0.99 -0.47 -3.87
CA MET A 18 1.98 0.04 -2.93
C MET A 18 1.67 -0.44 -1.51
N LEU A 19 2.73 -0.78 -0.79
CA LEU A 19 2.58 -1.24 0.58
C LEU A 19 3.70 -0.65 1.44
N PHE A 20 3.31 0.33 2.25
CA PHE A 20 4.26 1.00 3.12
C PHE A 20 4.24 0.37 4.52
N MET A 21 5.43 0.00 4.98
CA MET A 21 5.57 -0.60 6.29
C MET A 21 7.01 -0.54 6.79
N LYS A 22 7.19 -0.87 8.06
CA LYS A 22 8.51 -0.85 8.66
C LYS A 22 9.20 -2.19 8.40
N GLY A 23 10.27 -2.13 7.60
CA GLY A 23 11.01 -3.34 7.28
C GLY A 23 10.91 -3.65 5.80
N ASN A 24 9.77 -3.32 5.22
CA ASN A 24 9.53 -3.56 3.80
C ASN A 24 9.72 -5.05 3.52
N LYS A 25 9.36 -5.43 2.30
CA LYS A 25 9.49 -6.83 1.89
C LYS A 25 10.79 -7.40 2.44
N GLN A 26 11.77 -6.51 2.58
CA GLN A 26 13.07 -6.93 3.10
C GLN A 26 12.91 -7.61 4.46
N GLU A 27 12.41 -6.84 5.42
CA GLU A 27 12.20 -7.35 6.76
C GLU A 27 10.71 -7.39 7.09
N ALA A 28 10.33 -8.40 7.86
CA ALA A 28 8.94 -8.55 8.25
C ALA A 28 8.87 -9.42 9.51
N LYS A 29 8.28 -8.84 10.55
CA LYS A 29 8.14 -9.55 11.82
C LYS A 29 7.60 -10.95 11.56
N CYS A 30 6.37 -10.99 11.06
CA CYS A 30 5.73 -12.26 10.76
C CYS A 30 4.24 -12.00 10.52
N GLY A 31 3.68 -11.16 11.38
CA GLY A 31 2.26 -10.81 11.26
C GLY A 31 2.08 -9.30 11.16
N PHE A 32 0.86 -8.91 10.81
CA PHE A 32 0.54 -7.50 10.68
C PHE A 32 1.27 -6.88 9.48
N SER A 33 2.59 -6.85 9.60
CA SER A 33 3.42 -6.28 8.54
C SER A 33 3.51 -7.27 7.38
N LYS A 34 3.93 -8.48 7.70
CA LYS A 34 4.07 -9.52 6.69
C LYS A 34 2.68 -9.94 6.21
N GLN A 35 1.72 -9.88 7.11
CA GLN A 35 0.36 -10.26 6.80
C GLN A 35 -0.08 -9.58 5.49
N ILE A 36 -0.33 -8.28 5.60
CA ILE A 36 -0.76 -7.50 4.45
C ILE A 36 0.01 -7.97 3.22
N LEU A 37 1.32 -8.03 3.37
CA LEU A 37 2.19 -8.45 2.27
C LEU A 37 1.68 -9.79 1.71
N GLU A 38 1.81 -10.82 2.53
CA GLU A 38 1.37 -12.14 2.13
C GLU A 38 0.06 -12.05 1.34
N ILE A 39 -0.80 -11.15 1.78
CA ILE A 39 -2.08 -10.95 1.14
C ILE A 39 -1.87 -10.22 -0.19
N LEU A 40 -1.14 -9.13 -0.11
CA LEU A 40 -0.86 -8.32 -1.29
C LEU A 40 -0.20 -9.21 -2.35
N ASN A 41 0.43 -10.28 -1.88
CA ASN A 41 1.10 -11.21 -2.77
C ASN A 41 0.14 -12.34 -3.13
N SER A 42 -0.45 -12.92 -2.10
CA SER A 42 -1.38 -14.01 -2.30
C SER A 42 -2.34 -13.69 -3.45
N THR A 43 -2.62 -12.41 -3.60
CA THR A 43 -3.51 -11.95 -4.66
C THR A 43 -2.99 -12.43 -6.03
N GLY A 44 -1.70 -12.22 -6.24
CA GLY A 44 -1.08 -12.62 -7.49
C GLY A 44 -0.77 -11.41 -8.36
N VAL A 45 -1.28 -10.26 -7.93
CA VAL A 45 -1.07 -9.02 -8.65
C VAL A 45 0.37 -8.53 -8.42
N GLU A 46 0.63 -7.32 -8.88
CA GLU A 46 1.95 -6.73 -8.74
C GLU A 46 1.92 -5.62 -7.69
N TYR A 47 2.91 -5.64 -6.82
CA TYR A 47 3.01 -4.64 -5.76
C TYR A 47 4.47 -4.42 -5.36
N GLU A 48 4.65 -3.44 -4.48
CA GLU A 48 5.99 -3.10 -4.01
C GLU A 48 5.93 -2.60 -2.56
N THR A 49 7.12 -2.41 -2.00
CA THR A 49 7.21 -1.94 -0.63
C THR A 49 8.13 -0.70 -0.55
N PHE A 50 8.03 -0.01 0.57
CA PHE A 50 8.83 1.19 0.79
C PHE A 50 9.22 1.33 2.26
N ASP A 51 10.22 2.16 2.49
CA ASP A 51 10.69 2.40 3.84
C ASP A 51 10.04 3.67 4.39
N ILE A 52 9.48 3.52 5.59
CA ILE A 52 8.81 4.65 6.24
C ILE A 52 9.70 5.19 7.36
N LEU A 53 10.65 4.35 7.77
CA LEU A 53 11.57 4.74 8.82
C LEU A 53 12.71 5.57 8.23
N GLU A 54 13.47 4.92 7.36
CA GLU A 54 14.60 5.59 6.71
C GLU A 54 14.21 7.01 6.31
N ASP A 55 13.02 7.12 5.73
CA ASP A 55 12.51 8.42 5.31
C ASP A 55 11.42 8.89 6.27
N GLU A 56 11.86 9.42 7.39
CA GLU A 56 10.93 9.91 8.40
C GLU A 56 9.94 10.89 7.78
N GLU A 57 10.48 11.89 7.10
CA GLU A 57 9.66 12.90 6.45
C GLU A 57 8.44 12.23 5.80
N VAL A 58 8.71 11.16 5.06
CA VAL A 58 7.65 10.45 4.38
C VAL A 58 6.70 9.85 5.41
N ARG A 59 7.28 9.24 6.43
CA ARG A 59 6.50 8.63 7.49
C ARG A 59 5.30 9.51 7.84
N GLN A 60 5.60 10.68 8.38
CA GLN A 60 4.56 11.61 8.77
C GLN A 60 3.95 12.27 7.52
N GLY A 61 4.79 12.42 6.51
CA GLY A 61 4.35 13.03 5.26
C GLY A 61 3.21 12.23 4.63
N LEU A 62 3.22 10.93 4.91
CA LEU A 62 2.19 10.05 4.37
C LEU A 62 0.98 10.07 5.31
N LYS A 63 1.23 9.69 6.55
CA LYS A 63 0.16 9.65 7.54
C LYS A 63 -0.59 10.99 7.52
N THR A 64 0.17 12.06 7.35
CA THR A 64 -0.42 13.38 7.31
C THR A 64 -1.20 13.59 6.01
N PHE A 65 -0.83 12.80 5.01
CA PHE A 65 -1.49 12.88 3.71
C PHE A 65 -2.70 11.94 3.66
N SER A 66 -2.46 10.70 4.04
CA SER A 66 -3.51 9.70 4.04
C SER A 66 -4.43 9.90 5.25
N ASN A 67 -3.84 10.41 6.32
CA ASN A 67 -4.58 10.65 7.55
C ASN A 67 -4.85 9.31 8.23
N TRP A 68 -3.91 8.39 8.09
CA TRP A 68 -4.04 7.09 8.70
C TRP A 68 -2.63 6.59 9.08
N PRO A 69 -2.18 7.06 10.27
CA PRO A 69 -0.86 6.68 10.76
C PRO A 69 -0.86 5.24 11.27
N THR A 70 -2.02 4.61 11.18
CA THR A 70 -2.17 3.23 11.63
C THR A 70 -1.73 2.26 10.53
N TYR A 71 -0.45 2.35 10.18
CA TYR A 71 0.11 1.50 9.15
C TYR A 71 -0.19 0.02 9.44
N PRO A 72 0.00 -0.82 8.40
CA PRO A 72 0.46 -0.33 7.11
C PRO A 72 -0.67 0.39 6.36
N GLN A 73 -0.38 0.77 5.13
CA GLN A 73 -1.35 1.46 4.31
C GLN A 73 -1.25 1.00 2.86
N LEU A 74 -2.41 0.79 2.26
CA LEU A 74 -2.46 0.34 0.87
C LEU A 74 -3.07 1.45 0.01
N TYR A 75 -2.43 1.70 -1.12
CA TYR A 75 -2.90 2.72 -2.03
C TYR A 75 -3.24 2.13 -3.41
N VAL A 76 -4.45 2.41 -3.86
CA VAL A 76 -4.91 1.90 -5.13
C VAL A 76 -5.60 3.04 -5.91
N ARG A 77 -5.39 3.03 -7.21
CA ARG A 77 -5.99 4.04 -8.07
C ARG A 77 -5.39 5.41 -7.77
N GLY A 78 -5.73 5.93 -6.60
CA GLY A 78 -5.24 7.23 -6.18
C GLY A 78 -5.65 7.54 -4.74
N ASP A 79 -6.88 7.14 -4.41
CA ASP A 79 -7.40 7.37 -3.08
C ASP A 79 -6.90 6.27 -2.14
N LEU A 80 -6.71 6.65 -0.89
CA LEU A 80 -6.24 5.69 0.11
C LEU A 80 -7.27 4.58 0.28
N VAL A 81 -6.77 3.35 0.21
CA VAL A 81 -7.63 2.19 0.36
C VAL A 81 -7.94 1.96 1.83
N GLY A 82 -6.89 1.72 2.59
CA GLY A 82 -7.03 1.48 4.02
C GLY A 82 -5.84 0.70 4.58
N GLY A 83 -6.01 0.18 5.78
CA GLY A 83 -4.97 -0.59 6.43
C GLY A 83 -5.26 -2.08 6.33
N LEU A 84 -4.36 -2.87 6.92
CA LEU A 84 -4.51 -4.32 6.91
C LEU A 84 -5.96 -4.68 7.17
N ASP A 85 -6.45 -4.24 8.33
CA ASP A 85 -7.82 -4.52 8.72
C ASP A 85 -8.74 -4.29 7.51
N ILE A 86 -8.47 -3.21 6.80
CA ILE A 86 -9.25 -2.86 5.63
C ILE A 86 -8.91 -3.82 4.49
N VAL A 87 -7.65 -3.76 4.06
CA VAL A 87 -7.18 -4.61 2.99
C VAL A 87 -7.74 -6.01 3.17
N LYS A 88 -7.35 -6.63 4.28
CA LYS A 88 -7.80 -7.99 4.58
C LYS A 88 -9.31 -8.07 4.35
N GLU A 89 -10.02 -7.07 4.84
CA GLU A 89 -11.46 -7.01 4.69
C GLU A 89 -11.86 -7.34 3.25
N LEU A 90 -11.39 -6.50 2.34
CA LEU A 90 -11.69 -6.69 0.92
C LEU A 90 -11.33 -8.13 0.52
N LYS A 91 -10.05 -8.44 0.65
CA LYS A 91 -9.57 -9.76 0.30
C LYS A 91 -10.54 -10.81 0.83
N ASP A 92 -10.72 -10.79 2.14
CA ASP A 92 -11.63 -11.72 2.79
C ASP A 92 -12.94 -11.78 2.02
N ASN A 93 -13.55 -10.61 1.87
CA ASN A 93 -14.82 -10.52 1.15
C ASN A 93 -14.65 -11.13 -0.23
N GLY A 94 -13.53 -10.84 -0.86
CA GLY A 94 -13.24 -11.36 -2.18
C GLY A 94 -13.44 -10.28 -3.25
N GLU A 95 -13.04 -9.07 -2.91
CA GLU A 95 -13.17 -7.95 -3.81
C GLU A 95 -11.94 -7.04 -3.73
N LEU A 96 -10.78 -7.67 -3.83
CA LEU A 96 -9.52 -6.93 -3.77
C LEU A 96 -8.75 -7.14 -5.07
N LEU A 97 -8.79 -8.37 -5.56
CA LEU A 97 -8.10 -8.71 -6.79
C LEU A 97 -8.54 -7.75 -7.90
N PRO A 98 -9.88 -7.53 -7.97
CA PRO A 98 -10.44 -6.64 -8.97
C PRO A 98 -10.18 -5.18 -8.61
N ILE A 99 -9.82 -4.96 -7.34
CA ILE A 99 -9.55 -3.62 -6.86
C ILE A 99 -8.07 -3.29 -7.12
N LEU A 100 -7.24 -4.30 -6.99
CA LEU A 100 -5.81 -4.13 -7.20
C LEU A 100 -5.53 -4.05 -8.70
N LYS A 101 -5.99 -5.05 -9.42
CA LYS A 101 -5.79 -5.10 -10.85
C LYS A 101 -6.01 -3.71 -11.44
N GLY A 102 -7.25 -3.27 -11.39
CA GLY A 102 -7.61 -1.96 -11.91
C GLY A 102 -8.40 -2.08 -13.22
N GLU A 103 -9.69 -2.36 -13.08
CA GLU A 103 -10.55 -2.50 -14.24
C GLU A 103 -10.65 -1.17 -14.99
N SER A 104 -10.67 -1.29 -16.31
CA SER A 104 -10.76 -0.11 -17.16
C SER A 104 -11.00 -0.53 -18.62
N GLY A 105 -11.77 0.29 -19.31
CA GLY A 105 -12.09 0.03 -20.70
C GLY A 105 -12.93 -1.25 -20.84
N PRO A 106 -13.57 -1.38 -22.03
CA PRO A 106 -14.40 -2.53 -22.29
C PRO A 106 -13.56 -3.77 -22.58
N SER A 107 -14.19 -4.93 -22.45
CA SER A 107 -13.51 -6.18 -22.70
C SER A 107 -13.93 -6.76 -24.05
N SER A 108 -15.22 -7.00 -24.17
CA SER A 108 -15.77 -7.54 -25.41
C SER A 108 -16.28 -6.41 -26.30
N GLY A 109 -17.22 -5.64 -25.77
CA GLY A 109 -17.79 -4.53 -26.49
C GLY A 109 -19.32 -4.62 -26.52
N GLY A 1 9.41 22.17 -16.55
CA GLY A 1 10.10 22.50 -15.32
C GLY A 1 10.61 21.24 -14.63
N SER A 2 11.21 21.44 -13.47
CA SER A 2 11.75 20.33 -12.70
C SER A 2 12.21 20.82 -11.33
N SER A 3 11.35 20.63 -10.33
CA SER A 3 11.66 21.05 -8.98
C SER A 3 10.91 20.17 -7.98
N GLY A 4 11.66 19.27 -7.35
CA GLY A 4 11.10 18.37 -6.38
C GLY A 4 12.06 18.13 -5.21
N SER A 5 11.65 17.24 -4.32
CA SER A 5 12.47 16.91 -3.16
C SER A 5 11.89 15.69 -2.45
N SER A 6 10.64 15.82 -2.04
CA SER A 6 9.97 14.73 -1.34
C SER A 6 9.02 14.00 -2.30
N GLY A 7 9.55 12.97 -2.94
CA GLY A 7 8.77 12.19 -3.88
C GLY A 7 7.78 11.27 -3.15
N LEU A 8 6.70 11.86 -2.70
CA LEU A 8 5.68 11.11 -1.98
C LEU A 8 4.65 10.58 -2.99
N LYS A 9 3.94 11.51 -3.61
CA LYS A 9 2.92 11.15 -4.58
C LYS A 9 3.51 10.11 -5.55
N VAL A 10 4.78 10.28 -5.85
CA VAL A 10 5.46 9.38 -6.77
C VAL A 10 5.64 8.02 -6.09
N LEU A 11 5.91 8.07 -4.80
CA LEU A 11 6.11 6.85 -4.02
C LEU A 11 4.82 6.03 -4.05
N THR A 12 3.71 6.73 -3.95
CA THR A 12 2.40 6.08 -3.96
C THR A 12 2.08 5.55 -5.36
N ASN A 13 2.57 6.28 -6.36
CA ASN A 13 2.34 5.90 -7.74
C ASN A 13 3.60 5.22 -8.29
N LYS A 14 4.44 4.77 -7.38
CA LYS A 14 5.67 4.11 -7.75
C LYS A 14 5.36 2.77 -8.42
N ALA A 15 4.77 1.88 -7.65
CA ALA A 15 4.40 0.57 -8.15
C ALA A 15 2.88 0.44 -8.17
N SER A 16 2.41 -0.57 -8.90
CA SER A 16 0.97 -0.81 -9.01
C SER A 16 0.34 -0.80 -7.62
N VAL A 17 0.76 -1.75 -6.80
CA VAL A 17 0.24 -1.87 -5.45
C VAL A 17 1.32 -1.44 -4.46
N MET A 18 1.08 -0.32 -3.81
CA MET A 18 2.02 0.20 -2.84
C MET A 18 1.66 -0.25 -1.42
N LEU A 19 2.68 -0.62 -0.67
CA LEU A 19 2.48 -1.08 0.70
C LEU A 19 3.58 -0.51 1.59
N PHE A 20 3.21 0.49 2.37
CA PHE A 20 4.15 1.14 3.27
C PHE A 20 4.08 0.51 4.67
N MET A 21 5.24 0.06 5.14
CA MET A 21 5.33 -0.56 6.45
C MET A 21 6.77 -0.53 6.97
N LYS A 22 6.92 -0.95 8.22
CA LYS A 22 8.22 -0.99 8.85
C LYS A 22 8.85 -2.36 8.62
N GLY A 23 9.97 -2.36 7.89
CA GLY A 23 10.68 -3.59 7.61
C GLY A 23 10.70 -3.86 6.10
N ASN A 24 9.69 -3.35 5.41
CA ASN A 24 9.60 -3.52 3.98
C ASN A 24 9.62 -5.02 3.64
N LYS A 25 9.23 -5.33 2.42
CA LYS A 25 9.19 -6.70 1.97
C LYS A 25 10.43 -7.44 2.48
N GLN A 26 11.51 -6.67 2.64
CA GLN A 26 12.76 -7.23 3.13
C GLN A 26 12.53 -7.95 4.46
N GLU A 27 12.14 -7.17 5.46
CA GLU A 27 11.89 -7.71 6.79
C GLU A 27 10.42 -7.50 7.18
N ALA A 28 9.86 -8.53 7.82
CA ALA A 28 8.48 -8.47 8.25
C ALA A 28 8.40 -8.75 9.75
N LYS A 29 7.18 -8.81 10.24
CA LYS A 29 6.96 -9.06 11.66
C LYS A 29 6.26 -10.42 11.83
N CYS A 30 5.39 -10.72 10.88
CA CYS A 30 4.65 -11.97 10.90
C CYS A 30 3.39 -11.77 11.75
N GLY A 31 2.37 -11.22 11.11
CA GLY A 31 1.11 -10.97 11.78
C GLY A 31 0.32 -9.88 11.06
N PHE A 32 1.00 -8.78 10.78
CA PHE A 32 0.37 -7.65 10.11
C PHE A 32 1.27 -7.13 8.99
N SER A 33 2.52 -6.90 9.32
CA SER A 33 3.48 -6.40 8.36
C SER A 33 3.63 -7.39 7.20
N LYS A 34 3.70 -8.67 7.56
CA LYS A 34 3.85 -9.71 6.57
C LYS A 34 2.46 -10.08 6.02
N GLN A 35 1.49 -10.14 6.92
CA GLN A 35 0.13 -10.47 6.54
C GLN A 35 -0.27 -9.71 5.28
N ILE A 36 -0.47 -8.41 5.45
CA ILE A 36 -0.86 -7.56 4.34
C ILE A 36 -0.03 -7.94 3.10
N LEU A 37 1.25 -8.13 3.33
CA LEU A 37 2.15 -8.49 2.24
C LEU A 37 1.68 -9.81 1.62
N GLU A 38 1.61 -10.83 2.47
CA GLU A 38 1.18 -12.16 2.02
C GLU A 38 -0.11 -12.04 1.19
N ILE A 39 -0.97 -11.13 1.61
CA ILE A 39 -2.23 -10.91 0.93
C ILE A 39 -1.97 -10.12 -0.37
N LEU A 40 -1.20 -9.04 -0.23
CA LEU A 40 -0.88 -8.20 -1.37
C LEU A 40 -0.26 -9.07 -2.46
N ASN A 41 0.33 -10.18 -2.04
CA ASN A 41 0.95 -11.10 -2.99
C ASN A 41 -0.10 -12.08 -3.51
N SER A 42 -1.01 -12.45 -2.64
CA SER A 42 -2.07 -13.37 -3.00
C SER A 42 -2.75 -12.90 -4.30
N THR A 43 -3.03 -11.61 -4.34
CA THR A 43 -3.67 -11.02 -5.51
C THR A 43 -2.94 -11.44 -6.78
N GLY A 44 -1.63 -11.64 -6.64
CA GLY A 44 -0.82 -12.03 -7.78
C GLY A 44 -0.47 -10.82 -8.65
N VAL A 45 -1.04 -9.68 -8.28
CA VAL A 45 -0.81 -8.46 -9.02
C VAL A 45 0.60 -7.93 -8.72
N GLU A 46 0.87 -6.74 -9.22
CA GLU A 46 2.17 -6.12 -9.01
C GLU A 46 2.11 -5.16 -7.81
N TYR A 47 3.03 -5.37 -6.88
CA TYR A 47 3.09 -4.54 -5.70
C TYR A 47 4.54 -4.29 -5.27
N GLU A 48 4.69 -3.50 -4.23
CA GLU A 48 6.01 -3.19 -3.71
C GLU A 48 5.92 -2.72 -2.25
N THR A 49 7.07 -2.37 -1.70
CA THR A 49 7.13 -1.91 -0.32
C THR A 49 8.07 -0.70 -0.20
N PHE A 50 7.97 -0.04 0.93
CA PHE A 50 8.81 1.13 1.18
C PHE A 50 9.13 1.27 2.67
N ASP A 51 10.14 2.08 2.95
CA ASP A 51 10.56 2.30 4.33
C ASP A 51 9.88 3.55 4.87
N ILE A 52 9.19 3.37 5.99
CA ILE A 52 8.48 4.48 6.62
C ILE A 52 9.31 5.00 7.79
N LEU A 53 10.34 4.22 8.15
CA LEU A 53 11.20 4.59 9.25
C LEU A 53 12.37 5.44 8.72
N GLU A 54 13.23 4.79 7.95
CA GLU A 54 14.38 5.47 7.38
C GLU A 54 14.00 6.89 6.94
N ASP A 55 12.80 6.99 6.36
CA ASP A 55 12.32 8.27 5.89
C ASP A 55 11.10 8.69 6.74
N GLU A 56 11.37 9.50 7.75
CA GLU A 56 10.32 9.98 8.63
C GLU A 56 9.42 10.97 7.90
N GLU A 57 10.05 11.94 7.25
CA GLU A 57 9.32 12.95 6.52
C GLU A 57 8.20 12.30 5.70
N VAL A 58 8.58 11.33 4.89
CA VAL A 58 7.62 10.62 4.06
C VAL A 58 6.51 10.04 4.94
N ARG A 59 6.93 9.47 6.06
CA ARG A 59 5.99 8.88 7.00
C ARG A 59 5.00 9.93 7.49
N GLN A 60 5.54 11.00 8.04
CA GLN A 60 4.71 12.08 8.55
C GLN A 60 3.99 12.79 7.40
N GLY A 61 4.43 12.48 6.19
CA GLY A 61 3.84 13.06 5.01
C GLY A 61 2.70 12.21 4.46
N LEU A 62 2.96 10.90 4.41
CA LEU A 62 1.97 9.96 3.92
C LEU A 62 0.79 9.91 4.90
N LYS A 63 1.11 9.62 6.16
CA LYS A 63 0.10 9.53 7.19
C LYS A 63 -0.82 10.75 7.09
N THR A 64 -0.23 11.88 6.74
CA THR A 64 -0.99 13.11 6.61
C THR A 64 -1.76 13.12 5.29
N PHE A 65 -1.01 12.97 4.20
CA PHE A 65 -1.61 12.95 2.87
C PHE A 65 -2.95 12.24 2.89
N SER A 66 -2.96 11.07 3.52
CA SER A 66 -4.17 10.27 3.60
C SER A 66 -4.88 10.55 4.93
N ASN A 67 -4.08 10.88 5.93
CA ASN A 67 -4.62 11.16 7.25
C ASN A 67 -4.91 9.85 7.98
N TRP A 68 -4.04 8.88 7.74
CA TRP A 68 -4.18 7.57 8.36
C TRP A 68 -2.78 7.01 8.61
N PRO A 69 -2.26 7.28 9.84
CA PRO A 69 -0.95 6.80 10.21
C PRO A 69 -0.97 5.30 10.51
N THR A 70 -2.06 4.88 11.14
CA THR A 70 -2.22 3.47 11.49
C THR A 70 -1.72 2.57 10.36
N TYR A 71 -0.50 2.10 10.51
CA TYR A 71 0.10 1.23 9.52
C TYR A 71 -0.29 -0.23 9.76
N PRO A 72 -0.10 -1.06 8.69
CA PRO A 72 0.46 -0.55 7.44
C PRO A 72 -0.59 0.26 6.67
N GLN A 73 -0.22 0.63 5.46
CA GLN A 73 -1.11 1.40 4.60
C GLN A 73 -0.92 1.01 3.14
N LEU A 74 -2.04 0.65 2.51
CA LEU A 74 -2.01 0.24 1.11
C LEU A 74 -2.53 1.39 0.25
N TYR A 75 -1.86 1.61 -0.87
CA TYR A 75 -2.25 2.66 -1.79
C TYR A 75 -2.39 2.11 -3.22
N VAL A 76 -3.50 2.47 -3.84
CA VAL A 76 -3.77 2.03 -5.20
C VAL A 76 -4.09 3.25 -6.07
N ARG A 77 -3.84 3.09 -7.36
CA ARG A 77 -4.09 4.16 -8.32
C ARG A 77 -5.36 4.93 -7.93
N GLY A 78 -6.42 4.17 -7.68
CA GLY A 78 -7.69 4.76 -7.30
C GLY A 78 -7.54 5.61 -6.04
N ASP A 79 -8.07 5.07 -4.94
CA ASP A 79 -8.00 5.77 -3.67
C ASP A 79 -7.43 4.82 -2.60
N LEU A 80 -6.92 5.42 -1.54
CA LEU A 80 -6.35 4.64 -0.45
C LEU A 80 -7.31 3.53 -0.07
N VAL A 81 -6.79 2.31 -0.04
CA VAL A 81 -7.59 1.15 0.31
C VAL A 81 -7.88 1.16 1.81
N GLY A 82 -6.81 1.05 2.59
CA GLY A 82 -6.92 1.06 4.03
C GLY A 82 -5.76 0.29 4.68
N GLY A 83 -5.96 -0.06 5.94
CA GLY A 83 -4.94 -0.79 6.68
C GLY A 83 -5.09 -2.29 6.47
N LEU A 84 -4.11 -3.03 6.97
CA LEU A 84 -4.12 -4.48 6.84
C LEU A 84 -5.52 -5.01 7.15
N ASP A 85 -6.02 -4.61 8.32
CA ASP A 85 -7.34 -5.04 8.75
C ASP A 85 -8.33 -4.83 7.61
N ILE A 86 -8.27 -3.63 7.03
CA ILE A 86 -9.16 -3.28 5.93
C ILE A 86 -8.84 -4.17 4.73
N VAL A 87 -7.60 -4.07 4.27
CA VAL A 87 -7.15 -4.86 3.14
C VAL A 87 -7.64 -6.30 3.29
N LYS A 88 -7.20 -6.93 4.36
CA LYS A 88 -7.59 -8.31 4.64
C LYS A 88 -9.11 -8.44 4.50
N GLU A 89 -9.82 -7.49 5.10
CA GLU A 89 -11.27 -7.48 5.05
C GLU A 89 -11.76 -7.74 3.61
N LEU A 90 -11.43 -6.80 2.74
CA LEU A 90 -11.83 -6.91 1.35
C LEU A 90 -11.41 -8.28 0.81
N LYS A 91 -10.10 -8.50 0.80
CA LYS A 91 -9.56 -9.77 0.31
C LYS A 91 -10.41 -10.92 0.85
N ASP A 92 -10.67 -10.87 2.15
CA ASP A 92 -11.47 -11.89 2.80
C ASP A 92 -12.80 -12.03 2.08
N ASN A 93 -13.49 -10.90 1.97
CA ASN A 93 -14.79 -10.88 1.31
C ASN A 93 -14.62 -11.32 -0.15
N GLY A 94 -13.49 -10.92 -0.72
CA GLY A 94 -13.20 -11.27 -2.10
C GLY A 94 -13.49 -10.09 -3.03
N GLU A 95 -13.08 -8.91 -2.59
CA GLU A 95 -13.28 -7.70 -3.37
C GLU A 95 -12.08 -6.77 -3.23
N LEU A 96 -10.91 -7.32 -3.47
CA LEU A 96 -9.68 -6.55 -3.37
C LEU A 96 -8.92 -6.64 -4.69
N LEU A 97 -8.88 -7.85 -5.24
CA LEU A 97 -8.20 -8.08 -6.50
C LEU A 97 -8.73 -7.11 -7.55
N PRO A 98 -10.08 -6.99 -7.59
CA PRO A 98 -10.73 -6.11 -8.54
C PRO A 98 -10.59 -4.65 -8.13
N ILE A 99 -10.24 -4.45 -6.86
CA ILE A 99 -10.07 -3.11 -6.32
C ILE A 99 -8.62 -2.67 -6.55
N LEU A 100 -7.72 -3.63 -6.51
CA LEU A 100 -6.31 -3.36 -6.72
C LEU A 100 -6.04 -3.15 -8.21
N LYS A 101 -6.43 -4.16 -8.99
CA LYS A 101 -6.24 -4.11 -10.43
C LYS A 101 -6.56 -2.70 -10.92
N GLY A 102 -7.84 -2.48 -11.21
CA GLY A 102 -8.29 -1.19 -11.69
C GLY A 102 -9.59 -0.76 -10.99
N GLU A 103 -10.70 -1.14 -11.62
CA GLU A 103 -12.01 -0.81 -11.07
C GLU A 103 -12.79 -2.08 -10.74
N SER A 104 -12.66 -3.06 -11.63
CA SER A 104 -13.34 -4.33 -11.45
C SER A 104 -13.05 -5.25 -12.64
N GLY A 105 -11.85 -5.84 -12.60
CA GLY A 105 -11.44 -6.76 -13.65
C GLY A 105 -11.27 -6.01 -14.98
N PRO A 106 -10.06 -5.43 -15.16
CA PRO A 106 -9.75 -4.69 -16.37
C PRO A 106 -9.51 -5.63 -17.54
N SER A 107 -10.27 -5.42 -18.61
CA SER A 107 -10.14 -6.24 -19.80
C SER A 107 -9.95 -5.36 -21.03
N SER A 108 -8.90 -5.68 -21.79
CA SER A 108 -8.59 -4.92 -22.98
C SER A 108 -8.33 -5.88 -24.15
N GLY A 109 -9.30 -5.92 -25.06
CA GLY A 109 -9.18 -6.79 -26.22
C GLY A 109 -10.41 -6.63 -27.13
N GLY A 1 7.28 24.09 -8.90
CA GLY A 1 8.14 24.18 -7.73
C GLY A 1 7.94 22.99 -6.79
N SER A 2 7.33 23.29 -5.65
CA SER A 2 7.06 22.26 -4.66
C SER A 2 8.38 21.64 -4.18
N SER A 3 8.74 21.98 -2.96
CA SER A 3 9.96 21.47 -2.36
C SER A 3 9.71 21.02 -0.92
N GLY A 4 10.36 19.95 -0.54
CA GLY A 4 10.22 19.42 0.81
C GLY A 4 10.25 17.89 0.80
N SER A 5 9.16 17.31 0.30
CA SER A 5 9.04 15.87 0.23
C SER A 5 9.50 15.37 -1.15
N SER A 6 10.13 14.21 -1.13
CA SER A 6 10.62 13.61 -2.37
C SER A 6 9.50 12.84 -3.07
N GLY A 7 8.62 13.61 -3.70
CA GLY A 7 7.50 13.02 -4.41
C GLY A 7 6.80 11.96 -3.55
N LEU A 8 5.76 12.42 -2.85
CA LEU A 8 5.00 11.53 -1.99
C LEU A 8 3.85 10.91 -2.79
N LYS A 9 3.06 11.79 -3.40
CA LYS A 9 1.92 11.35 -4.18
C LYS A 9 2.40 10.33 -5.22
N VAL A 10 3.63 10.52 -5.68
CA VAL A 10 4.21 9.64 -6.67
C VAL A 10 4.60 8.32 -6.00
N LEU A 11 5.12 8.45 -4.79
CA LEU A 11 5.53 7.28 -4.03
C LEU A 11 4.33 6.36 -3.81
N THR A 12 3.20 6.98 -3.54
CA THR A 12 1.97 6.24 -3.31
C THR A 12 1.39 5.73 -4.63
N ASN A 13 2.09 6.05 -5.72
CA ASN A 13 1.66 5.64 -7.03
C ASN A 13 2.88 5.18 -7.85
N LYS A 14 3.89 4.75 -7.12
CA LYS A 14 5.12 4.28 -7.75
C LYS A 14 4.83 2.96 -8.47
N ALA A 15 4.42 1.96 -7.69
CA ALA A 15 4.12 0.65 -8.24
C ALA A 15 2.60 0.48 -8.31
N SER A 16 2.19 -0.58 -9.00
CA SER A 16 0.77 -0.88 -9.15
C SER A 16 0.10 -0.93 -7.78
N VAL A 17 0.72 -1.69 -6.88
CA VAL A 17 0.19 -1.83 -5.53
C VAL A 17 1.25 -1.39 -4.52
N MET A 18 0.96 -0.30 -3.85
CA MET A 18 1.86 0.24 -2.85
C MET A 18 1.54 -0.29 -1.46
N LEU A 19 2.59 -0.56 -0.68
CA LEU A 19 2.41 -1.07 0.66
C LEU A 19 3.49 -0.47 1.57
N PHE A 20 3.06 0.47 2.40
CA PHE A 20 3.98 1.13 3.32
C PHE A 20 3.91 0.48 4.71
N MET A 21 5.04 -0.06 5.13
CA MET A 21 5.13 -0.71 6.43
C MET A 21 6.51 -0.49 7.06
N LYS A 22 6.66 -1.02 8.26
CA LYS A 22 7.91 -0.90 8.98
C LYS A 22 8.54 -2.29 9.15
N GLY A 23 9.70 -2.46 8.53
CA GLY A 23 10.41 -3.72 8.61
C GLY A 23 10.89 -4.16 7.23
N ASN A 24 10.36 -3.50 6.21
CA ASN A 24 10.72 -3.81 4.83
C ASN A 24 10.38 -5.28 4.55
N LYS A 25 10.29 -5.58 3.26
CA LYS A 25 9.98 -6.94 2.84
C LYS A 25 11.06 -7.89 3.33
N GLN A 26 12.28 -7.37 3.37
CA GLN A 26 13.41 -8.16 3.82
C GLN A 26 13.02 -9.01 5.04
N GLU A 27 12.37 -8.35 5.98
CA GLU A 27 11.93 -9.02 7.20
C GLU A 27 10.88 -8.19 7.93
N ALA A 28 9.67 -8.73 7.99
CA ALA A 28 8.58 -8.05 8.64
C ALA A 28 8.90 -7.88 10.13
N LYS A 29 8.08 -7.09 10.80
CA LYS A 29 8.27 -6.85 12.22
C LYS A 29 6.97 -7.17 12.96
N CYS A 30 5.86 -6.70 12.40
CA CYS A 30 4.57 -6.93 13.00
C CYS A 30 3.82 -7.97 12.15
N GLY A 31 2.62 -8.30 12.60
CA GLY A 31 1.80 -9.28 11.89
C GLY A 31 1.21 -8.68 10.62
N PHE A 32 0.47 -7.60 10.80
CA PHE A 32 -0.17 -6.93 9.68
C PHE A 32 0.83 -6.71 8.54
N SER A 33 1.99 -6.19 8.90
CA SER A 33 3.03 -5.93 7.93
C SER A 33 3.26 -7.18 7.06
N LYS A 34 3.23 -8.33 7.72
CA LYS A 34 3.43 -9.59 7.03
C LYS A 34 2.13 -9.99 6.34
N GLN A 35 1.07 -10.08 7.13
CA GLN A 35 -0.23 -10.46 6.61
C GLN A 35 -0.52 -9.71 5.30
N ILE A 36 -0.71 -8.41 5.43
CA ILE A 36 -0.98 -7.58 4.27
C ILE A 36 -0.08 -8.01 3.11
N LEU A 37 1.17 -8.26 3.43
CA LEU A 37 2.13 -8.67 2.44
C LEU A 37 1.72 -10.03 1.86
N GLU A 38 1.43 -10.95 2.76
CA GLU A 38 1.01 -12.28 2.35
C GLU A 38 -0.17 -12.20 1.38
N ILE A 39 -1.06 -11.27 1.67
CA ILE A 39 -2.23 -11.07 0.83
C ILE A 39 -1.83 -10.30 -0.43
N LEU A 40 -1.11 -9.21 -0.21
CA LEU A 40 -0.65 -8.37 -1.31
C LEU A 40 0.01 -9.25 -2.37
N ASN A 41 0.56 -10.38 -1.91
CA ASN A 41 1.23 -11.31 -2.80
C ASN A 41 0.19 -12.25 -3.40
N SER A 42 -0.65 -12.80 -2.53
CA SER A 42 -1.67 -13.72 -2.96
C SER A 42 -2.35 -13.20 -4.24
N THR A 43 -2.78 -11.95 -4.17
CA THR A 43 -3.44 -11.31 -5.31
C THR A 43 -2.75 -11.73 -6.61
N GLY A 44 -1.43 -11.79 -6.55
CA GLY A 44 -0.65 -12.16 -7.72
C GLY A 44 -0.28 -10.94 -8.55
N VAL A 45 -0.96 -9.83 -8.24
CA VAL A 45 -0.72 -8.59 -8.96
C VAL A 45 0.69 -8.10 -8.64
N GLU A 46 0.98 -6.88 -9.09
CA GLU A 46 2.27 -6.28 -8.86
C GLU A 46 2.19 -5.23 -7.75
N TYR A 47 3.11 -5.32 -6.82
CA TYR A 47 3.15 -4.39 -5.71
C TYR A 47 4.60 -4.10 -5.29
N GLU A 48 4.72 -3.20 -4.32
CA GLU A 48 6.03 -2.83 -3.81
C GLU A 48 5.97 -2.50 -2.32
N THR A 49 7.11 -2.15 -1.77
CA THR A 49 7.20 -1.82 -0.36
C THR A 49 8.15 -0.63 -0.13
N PHE A 50 7.77 0.22 0.79
CA PHE A 50 8.57 1.39 1.11
C PHE A 50 8.81 1.52 2.61
N ASP A 51 10.07 1.70 2.97
CA ASP A 51 10.44 1.83 4.36
C ASP A 51 9.95 3.17 4.90
N ILE A 52 9.30 3.11 6.06
CA ILE A 52 8.77 4.30 6.69
C ILE A 52 9.62 4.66 7.91
N LEU A 53 10.51 3.73 8.25
CA LEU A 53 11.39 3.94 9.39
C LEU A 53 12.58 4.79 8.97
N GLU A 54 13.42 4.20 8.12
CA GLU A 54 14.60 4.89 7.63
C GLU A 54 14.26 6.35 7.31
N ASP A 55 13.26 6.52 6.46
CA ASP A 55 12.83 7.85 6.05
C ASP A 55 11.65 8.28 6.92
N GLU A 56 11.88 9.30 7.72
CA GLU A 56 10.85 9.82 8.60
C GLU A 56 10.02 10.88 7.88
N GLU A 57 10.72 11.78 7.21
CA GLU A 57 10.07 12.85 6.47
C GLU A 57 8.92 12.28 5.63
N VAL A 58 9.20 11.16 4.98
CA VAL A 58 8.21 10.51 4.14
C VAL A 58 7.14 9.88 5.02
N ARG A 59 7.56 9.43 6.19
CA ARG A 59 6.64 8.81 7.13
C ARG A 59 5.55 9.80 7.55
N GLN A 60 5.96 10.80 8.32
CA GLN A 60 5.04 11.81 8.79
C GLN A 60 4.36 12.50 7.60
N GLY A 61 5.18 12.90 6.64
CA GLY A 61 4.67 13.57 5.46
C GLY A 61 3.55 12.75 4.80
N LEU A 62 3.59 11.45 5.06
CA LEU A 62 2.59 10.55 4.50
C LEU A 62 1.32 10.63 5.34
N LYS A 63 1.41 10.11 6.56
CA LYS A 63 0.28 10.12 7.46
C LYS A 63 -0.33 11.54 7.50
N THR A 64 0.55 12.52 7.38
CA THR A 64 0.12 13.91 7.40
C THR A 64 -0.57 14.27 6.09
N PHE A 65 -0.17 13.59 5.02
CA PHE A 65 -0.75 13.84 3.72
C PHE A 65 -1.97 12.95 3.48
N SER A 66 -1.73 11.65 3.50
CA SER A 66 -2.79 10.68 3.30
C SER A 66 -3.84 10.82 4.40
N ASN A 67 -3.38 11.24 5.57
CA ASN A 67 -4.26 11.41 6.70
C ASN A 67 -4.65 10.04 7.26
N TRP A 68 -3.72 9.11 7.17
CA TRP A 68 -3.94 7.76 7.66
C TRP A 68 -2.61 7.21 8.16
N PRO A 69 -2.35 7.44 9.47
CA PRO A 69 -1.13 6.98 10.09
C PRO A 69 -1.18 5.46 10.34
N THR A 70 -2.34 5.01 10.76
CA THR A 70 -2.55 3.59 11.04
C THR A 70 -2.04 2.75 9.86
N TYR A 71 -0.83 2.25 10.01
CA TYR A 71 -0.22 1.43 8.98
C TYR A 71 -0.42 -0.06 9.28
N PRO A 72 -0.17 -0.90 8.23
CA PRO A 72 0.25 -0.37 6.94
C PRO A 72 -0.92 0.27 6.20
N GLN A 73 -0.64 0.66 4.96
CA GLN A 73 -1.66 1.28 4.14
C GLN A 73 -1.59 0.75 2.70
N LEU A 74 -2.77 0.49 2.14
CA LEU A 74 -2.85 -0.02 0.78
C LEU A 74 -3.20 1.12 -0.17
N TYR A 75 -2.46 1.20 -1.25
CA TYR A 75 -2.68 2.24 -2.25
C TYR A 75 -2.84 1.63 -3.65
N VAL A 76 -3.87 2.08 -4.34
CA VAL A 76 -4.13 1.60 -5.68
C VAL A 76 -4.52 2.77 -6.58
N ARG A 77 -4.39 2.55 -7.88
CA ARG A 77 -4.71 3.58 -8.85
C ARG A 77 -5.95 4.36 -8.40
N GLY A 78 -6.90 3.61 -7.85
CA GLY A 78 -8.14 4.22 -7.38
C GLY A 78 -7.89 5.13 -6.18
N ASP A 79 -8.56 4.81 -5.08
CA ASP A 79 -8.41 5.59 -3.87
C ASP A 79 -7.79 4.71 -2.77
N LEU A 80 -7.26 5.37 -1.76
CA LEU A 80 -6.63 4.66 -0.65
C LEU A 80 -7.57 3.55 -0.18
N VAL A 81 -7.22 2.33 -0.57
CA VAL A 81 -8.02 1.17 -0.19
C VAL A 81 -8.19 1.15 1.34
N GLY A 82 -7.06 1.12 2.02
CA GLY A 82 -7.08 1.10 3.48
C GLY A 82 -5.90 0.31 4.02
N GLY A 83 -5.86 0.19 5.34
CA GLY A 83 -4.79 -0.54 6.00
C GLY A 83 -4.95 -2.05 5.82
N LEU A 84 -4.35 -2.79 6.73
CA LEU A 84 -4.42 -4.24 6.68
C LEU A 84 -5.85 -4.69 7.01
N ASP A 85 -6.35 -4.17 8.12
CA ASP A 85 -7.69 -4.51 8.57
C ASP A 85 -8.66 -4.40 7.38
N ILE A 86 -8.39 -3.45 6.51
CA ILE A 86 -9.21 -3.24 5.34
C ILE A 86 -8.87 -4.30 4.28
N VAL A 87 -7.63 -4.24 3.82
CA VAL A 87 -7.16 -5.18 2.81
C VAL A 87 -7.63 -6.59 3.19
N LYS A 88 -7.19 -7.03 4.37
CA LYS A 88 -7.56 -8.35 4.85
C LYS A 88 -9.05 -8.59 4.62
N GLU A 89 -9.86 -7.69 5.17
CA GLU A 89 -11.30 -7.79 5.03
C GLU A 89 -11.67 -8.06 3.57
N LEU A 90 -11.40 -7.07 2.73
CA LEU A 90 -11.69 -7.21 1.31
C LEU A 90 -11.31 -8.60 0.83
N LYS A 91 -10.05 -8.94 1.06
CA LYS A 91 -9.54 -10.25 0.66
C LYS A 91 -10.47 -11.34 1.19
N ASP A 92 -10.78 -11.25 2.47
CA ASP A 92 -11.65 -12.21 3.11
C ASP A 92 -12.92 -12.37 2.27
N ASN A 93 -13.52 -11.24 1.93
CA ASN A 93 -14.72 -11.24 1.13
C ASN A 93 -14.44 -11.87 -0.23
N GLY A 94 -13.35 -11.41 -0.84
CA GLY A 94 -12.95 -11.92 -2.14
C GLY A 94 -13.12 -10.84 -3.22
N GLU A 95 -12.91 -9.59 -2.82
CA GLU A 95 -13.03 -8.48 -3.73
C GLU A 95 -11.86 -7.51 -3.55
N LEU A 96 -10.66 -8.06 -3.75
CA LEU A 96 -9.46 -7.26 -3.61
C LEU A 96 -8.69 -7.28 -4.94
N LEU A 97 -8.62 -8.47 -5.52
CA LEU A 97 -7.92 -8.64 -6.78
C LEU A 97 -8.47 -7.65 -7.81
N PRO A 98 -9.83 -7.57 -7.85
CA PRO A 98 -10.49 -6.67 -8.78
C PRO A 98 -10.38 -5.22 -8.29
N ILE A 99 -10.06 -5.07 -7.02
CA ILE A 99 -9.92 -3.74 -6.43
C ILE A 99 -8.49 -3.23 -6.66
N LEU A 100 -7.55 -4.16 -6.59
CA LEU A 100 -6.15 -3.82 -6.78
C LEU A 100 -5.90 -3.57 -8.27
N LYS A 101 -6.26 -4.55 -9.08
CA LYS A 101 -6.08 -4.45 -10.52
C LYS A 101 -6.42 -3.03 -10.97
N GLY A 102 -7.72 -2.76 -11.02
CA GLY A 102 -8.19 -1.44 -11.44
C GLY A 102 -9.68 -1.30 -11.17
N GLU A 103 -10.47 -1.83 -12.10
CA GLU A 103 -11.91 -1.76 -11.98
C GLU A 103 -12.55 -3.11 -12.35
N SER A 104 -12.47 -4.04 -11.41
CA SER A 104 -13.03 -5.37 -11.62
C SER A 104 -12.63 -5.89 -13.00
N GLY A 105 -11.47 -6.51 -13.05
CA GLY A 105 -10.96 -7.05 -14.30
C GLY A 105 -11.69 -8.35 -14.67
N PRO A 106 -10.98 -9.21 -15.44
CA PRO A 106 -11.55 -10.48 -15.87
C PRO A 106 -11.59 -11.49 -14.73
N SER A 107 -12.39 -12.51 -14.90
CA SER A 107 -12.53 -13.55 -13.89
C SER A 107 -13.43 -14.67 -14.40
N SER A 108 -12.92 -15.88 -14.32
CA SER A 108 -13.67 -17.05 -14.76
C SER A 108 -14.36 -17.72 -13.58
N GLY A 109 -15.68 -17.83 -13.69
CA GLY A 109 -16.47 -18.43 -12.63
C GLY A 109 -16.94 -17.39 -11.62
N GLY A 1 8.68 24.31 -3.22
CA GLY A 1 7.76 23.21 -3.46
C GLY A 1 8.48 22.03 -4.13
N SER A 2 8.54 20.93 -3.40
CA SER A 2 9.20 19.73 -3.90
C SER A 2 10.69 20.01 -4.15
N SER A 3 11.48 19.76 -3.13
CA SER A 3 12.92 19.97 -3.22
C SER A 3 13.66 18.65 -3.06
N GLY A 4 14.88 18.62 -3.57
CA GLY A 4 15.70 17.43 -3.48
C GLY A 4 15.03 16.26 -4.19
N SER A 5 14.65 15.27 -3.39
CA SER A 5 14.00 14.08 -3.93
C SER A 5 12.87 13.64 -3.00
N SER A 6 11.67 14.13 -3.30
CA SER A 6 10.50 13.80 -2.49
C SER A 6 9.25 13.76 -3.38
N GLY A 7 8.69 12.57 -3.50
CA GLY A 7 7.49 12.39 -4.31
C GLY A 7 6.55 11.37 -3.67
N LEU A 8 5.81 11.83 -2.67
CA LEU A 8 4.87 10.97 -1.97
C LEU A 8 3.84 10.43 -2.96
N LYS A 9 3.10 11.36 -3.55
CA LYS A 9 2.07 10.98 -4.52
C LYS A 9 2.64 9.93 -5.47
N VAL A 10 3.83 10.22 -5.99
CA VAL A 10 4.49 9.30 -6.91
C VAL A 10 4.77 7.98 -6.20
N LEU A 11 5.15 8.10 -4.93
CA LEU A 11 5.44 6.92 -4.13
C LEU A 11 4.18 6.07 -3.98
N THR A 12 3.14 6.70 -3.43
CA THR A 12 1.88 6.02 -3.23
C THR A 12 1.29 5.58 -4.57
N ASN A 13 1.77 6.20 -5.63
CA ASN A 13 1.31 5.90 -6.96
C ASN A 13 2.48 5.36 -7.80
N LYS A 14 3.43 4.76 -7.10
CA LYS A 14 4.59 4.19 -7.76
C LYS A 14 4.20 2.90 -8.47
N ALA A 15 3.78 1.93 -7.66
CA ALA A 15 3.37 0.64 -8.20
C ALA A 15 1.86 0.48 -8.05
N SER A 16 1.29 -0.32 -8.93
CA SER A 16 -0.14 -0.57 -8.91
C SER A 16 -0.61 -0.80 -7.46
N VAL A 17 0.19 -1.56 -6.73
CA VAL A 17 -0.12 -1.86 -5.34
C VAL A 17 1.02 -1.39 -4.45
N MET A 18 0.73 -0.37 -3.65
CA MET A 18 1.72 0.18 -2.75
C MET A 18 1.52 -0.33 -1.32
N LEU A 19 2.61 -0.73 -0.70
CA LEU A 19 2.56 -1.24 0.66
C LEU A 19 3.66 -0.58 1.48
N PHE A 20 3.25 0.36 2.32
CA PHE A 20 4.19 1.06 3.17
C PHE A 20 4.29 0.41 4.56
N MET A 21 5.41 -0.25 4.78
CA MET A 21 5.65 -0.93 6.04
C MET A 21 7.00 -0.55 6.63
N LYS A 22 7.22 -0.96 7.88
CA LYS A 22 8.46 -0.67 8.56
C LYS A 22 9.41 -1.86 8.42
N GLY A 23 10.53 -1.61 7.75
CA GLY A 23 11.52 -2.66 7.53
C GLY A 23 11.47 -3.16 6.09
N ASN A 24 10.41 -2.79 5.40
CA ASN A 24 10.24 -3.21 4.01
C ASN A 24 10.16 -4.73 3.94
N LYS A 25 10.11 -5.23 2.72
CA LYS A 25 10.02 -6.67 2.51
C LYS A 25 11.13 -7.36 3.31
N GLN A 26 12.31 -6.78 3.26
CA GLN A 26 13.45 -7.33 3.97
C GLN A 26 13.05 -7.68 5.41
N GLU A 27 12.04 -6.98 5.90
CA GLU A 27 11.56 -7.21 7.26
C GLU A 27 10.08 -7.59 7.22
N ALA A 28 9.46 -7.52 8.40
CA ALA A 28 8.05 -7.86 8.52
C ALA A 28 7.62 -7.70 9.98
N LYS A 29 8.53 -8.06 10.87
CA LYS A 29 8.26 -7.97 12.30
C LYS A 29 7.45 -9.19 12.74
N CYS A 30 6.39 -9.47 11.99
CA CYS A 30 5.53 -10.60 12.30
C CYS A 30 4.38 -10.10 13.18
N GLY A 31 3.24 -9.89 12.53
CA GLY A 31 2.06 -9.42 13.23
C GLY A 31 1.06 -8.79 12.26
N PHE A 32 1.61 -8.01 11.33
CA PHE A 32 0.78 -7.35 10.34
C PHE A 32 1.58 -7.05 9.07
N SER A 33 2.75 -6.48 9.28
CA SER A 33 3.62 -6.14 8.16
C SER A 33 3.81 -7.35 7.25
N LYS A 34 3.79 -8.52 7.86
CA LYS A 34 3.95 -9.76 7.12
C LYS A 34 2.61 -10.16 6.50
N GLN A 35 1.59 -10.16 7.35
CA GLN A 35 0.25 -10.53 6.90
C GLN A 35 -0.12 -9.74 5.64
N ILE A 36 -0.21 -8.42 5.81
CA ILE A 36 -0.55 -7.56 4.70
C ILE A 36 0.18 -8.03 3.44
N LEU A 37 1.46 -8.35 3.63
CA LEU A 37 2.28 -8.81 2.53
C LEU A 37 1.70 -10.12 1.98
N GLU A 38 1.57 -11.09 2.87
CA GLU A 38 1.03 -12.39 2.50
C GLU A 38 -0.18 -12.23 1.59
N ILE A 39 -1.08 -11.34 2.00
CA ILE A 39 -2.29 -11.08 1.24
C ILE A 39 -1.92 -10.32 -0.04
N LEU A 40 -1.13 -9.28 0.13
CA LEU A 40 -0.70 -8.47 -1.01
C LEU A 40 -0.05 -9.39 -2.05
N ASN A 41 0.51 -10.49 -1.57
CA ASN A 41 1.16 -11.44 -2.44
C ASN A 41 0.17 -12.53 -2.85
N SER A 42 -0.71 -12.85 -1.91
CA SER A 42 -1.72 -13.87 -2.15
C SER A 42 -2.55 -13.51 -3.37
N THR A 43 -2.62 -12.21 -3.63
CA THR A 43 -3.38 -11.72 -4.77
C THR A 43 -2.78 -12.23 -6.08
N GLY A 44 -1.46 -12.16 -6.16
CA GLY A 44 -0.75 -12.61 -7.34
C GLY A 44 -0.47 -11.46 -8.30
N VAL A 45 -0.94 -10.28 -7.90
CA VAL A 45 -0.75 -9.09 -8.71
C VAL A 45 0.65 -8.52 -8.46
N GLU A 46 0.87 -7.32 -8.96
CA GLU A 46 2.15 -6.66 -8.80
C GLU A 46 2.06 -5.56 -7.73
N TYR A 47 3.02 -5.57 -6.84
CA TYR A 47 3.07 -4.59 -5.77
C TYR A 47 4.51 -4.30 -5.34
N GLU A 48 4.66 -3.24 -4.55
CA GLU A 48 5.97 -2.85 -4.07
C GLU A 48 5.88 -2.36 -2.62
N THR A 49 7.04 -2.06 -2.06
CA THR A 49 7.10 -1.58 -0.69
C THR A 49 8.06 -0.39 -0.58
N PHE A 50 7.92 0.34 0.51
CA PHE A 50 8.76 1.50 0.73
C PHE A 50 9.24 1.55 2.19
N ASP A 51 10.22 2.41 2.43
CA ASP A 51 10.77 2.57 3.77
C ASP A 51 10.11 3.76 4.46
N ILE A 52 9.41 3.46 5.54
CA ILE A 52 8.73 4.50 6.30
C ILE A 52 9.58 4.89 7.51
N LEU A 53 10.61 4.08 7.74
CA LEU A 53 11.50 4.32 8.87
C LEU A 53 12.64 5.25 8.42
N GLU A 54 13.49 4.71 7.57
CA GLU A 54 14.62 5.47 7.06
C GLU A 54 14.21 6.91 6.77
N ASP A 55 13.27 7.06 5.85
CA ASP A 55 12.77 8.37 5.49
C ASP A 55 11.70 8.81 6.49
N GLU A 56 12.07 9.76 7.33
CA GLU A 56 11.15 10.27 8.34
C GLU A 56 10.20 11.30 7.71
N GLU A 57 10.80 12.26 7.02
CA GLU A 57 10.03 13.31 6.38
C GLU A 57 8.81 12.71 5.68
N VAL A 58 9.05 11.61 4.99
CA VAL A 58 7.98 10.93 4.27
C VAL A 58 7.10 10.17 5.27
N ARG A 59 7.75 9.46 6.18
CA ARG A 59 7.03 8.70 7.18
C ARG A 59 5.81 9.47 7.67
N GLN A 60 6.08 10.55 8.39
CA GLN A 60 5.00 11.37 8.91
C GLN A 60 4.31 12.14 7.78
N GLY A 61 5.12 12.54 6.80
CA GLY A 61 4.61 13.27 5.67
C GLY A 61 3.60 12.42 4.87
N LEU A 62 3.56 11.15 5.22
CA LEU A 62 2.66 10.22 4.55
C LEU A 62 1.32 10.19 5.31
N LYS A 63 1.44 10.18 6.63
CA LYS A 63 0.25 10.14 7.47
C LYS A 63 -0.64 11.34 7.16
N THR A 64 0.02 12.43 6.77
CA THR A 64 -0.69 13.65 6.43
C THR A 64 -1.23 13.59 5.00
N PHE A 65 -0.76 12.58 4.28
CA PHE A 65 -1.18 12.40 2.90
C PHE A 65 -2.68 12.09 2.82
N SER A 66 -3.07 11.01 3.49
CA SER A 66 -4.46 10.60 3.50
C SER A 66 -4.97 10.52 4.94
N ASN A 67 -4.26 11.22 5.82
CA ASN A 67 -4.63 11.23 7.22
C ASN A 67 -4.69 9.79 7.75
N TRP A 68 -3.70 9.01 7.35
CA TRP A 68 -3.62 7.62 7.77
C TRP A 68 -2.23 7.38 8.38
N PRO A 69 -2.10 7.76 9.68
CA PRO A 69 -0.84 7.59 10.37
C PRO A 69 -0.61 6.13 10.74
N THR A 70 -1.55 5.29 10.35
CA THR A 70 -1.47 3.87 10.62
C THR A 70 -0.74 3.15 9.48
N TYR A 71 0.04 2.15 9.87
CA TYR A 71 0.80 1.37 8.89
C TYR A 71 0.88 -0.09 9.31
N PRO A 72 1.03 -0.97 8.28
CA PRO A 72 1.08 -0.51 6.91
C PRO A 72 -0.30 -0.10 6.41
N GLN A 73 -0.31 0.55 5.26
CA GLN A 73 -1.56 1.01 4.66
C GLN A 73 -1.70 0.48 3.24
N LEU A 74 -2.80 0.85 2.60
CA LEU A 74 -3.04 0.43 1.24
C LEU A 74 -3.54 1.62 0.42
N TYR A 75 -2.97 1.76 -0.77
CA TYR A 75 -3.33 2.85 -1.66
C TYR A 75 -3.80 2.32 -3.02
N VAL A 76 -4.98 2.79 -3.43
CA VAL A 76 -5.54 2.38 -4.69
C VAL A 76 -6.12 3.59 -5.41
N ARG A 77 -5.78 3.70 -6.69
CA ARG A 77 -6.26 4.81 -7.49
C ARG A 77 -5.90 6.14 -6.83
N GLY A 78 -4.82 6.13 -6.08
CA GLY A 78 -4.35 7.31 -5.39
C GLY A 78 -5.02 7.44 -4.02
N ASP A 79 -6.32 7.16 -4.00
CA ASP A 79 -7.09 7.24 -2.77
C ASP A 79 -6.69 6.07 -1.86
N LEU A 80 -6.53 6.38 -0.58
CA LEU A 80 -6.15 5.38 0.39
C LEU A 80 -7.31 4.39 0.55
N VAL A 81 -6.94 3.12 0.73
CA VAL A 81 -7.92 2.07 0.90
C VAL A 81 -8.12 1.79 2.39
N GLY A 82 -7.01 1.48 3.05
CA GLY A 82 -7.05 1.19 4.47
C GLY A 82 -5.81 0.40 4.90
N GLY A 83 -5.94 -0.25 6.05
CA GLY A 83 -4.84 -1.04 6.58
C GLY A 83 -5.09 -2.54 6.35
N LEU A 84 -4.44 -3.35 7.18
CA LEU A 84 -4.58 -4.79 7.09
C LEU A 84 -6.06 -5.17 7.22
N ASP A 85 -6.62 -4.82 8.37
CA ASP A 85 -8.01 -5.12 8.64
C ASP A 85 -8.84 -4.82 7.39
N ILE A 86 -8.51 -3.71 6.75
CA ILE A 86 -9.21 -3.29 5.55
C ILE A 86 -8.81 -4.20 4.39
N VAL A 87 -7.55 -4.08 3.99
CA VAL A 87 -7.03 -4.89 2.90
C VAL A 87 -7.56 -6.31 3.03
N LYS A 88 -7.31 -6.90 4.19
CA LYS A 88 -7.75 -8.26 4.45
C LYS A 88 -9.23 -8.38 4.13
N GLU A 89 -10.00 -7.41 4.58
CA GLU A 89 -11.42 -7.39 4.35
C GLU A 89 -11.73 -7.62 2.86
N LEU A 90 -11.37 -6.62 2.07
CA LEU A 90 -11.59 -6.70 0.63
C LEU A 90 -11.20 -8.09 0.13
N LYS A 91 -9.97 -8.46 0.43
CA LYS A 91 -9.45 -9.76 0.03
C LYS A 91 -10.42 -10.85 0.51
N ASP A 92 -10.83 -10.72 1.76
CA ASP A 92 -11.74 -11.69 2.35
C ASP A 92 -13.05 -11.71 1.55
N ASN A 93 -13.70 -10.56 1.53
CA ASN A 93 -14.95 -10.43 0.81
C ASN A 93 -14.78 -10.98 -0.61
N GLY A 94 -13.62 -10.68 -1.19
CA GLY A 94 -13.32 -11.15 -2.54
C GLY A 94 -13.49 -10.01 -3.55
N GLU A 95 -12.97 -8.86 -3.19
CA GLU A 95 -13.06 -7.69 -4.06
C GLU A 95 -11.81 -6.83 -3.92
N LEU A 96 -10.66 -7.49 -4.03
CA LEU A 96 -9.40 -6.80 -3.91
C LEU A 96 -8.59 -6.99 -5.20
N LEU A 97 -8.64 -8.22 -5.71
CA LEU A 97 -7.93 -8.55 -6.93
C LEU A 97 -8.38 -7.61 -8.04
N PRO A 98 -9.72 -7.42 -8.14
CA PRO A 98 -10.30 -6.54 -9.15
C PRO A 98 -10.08 -5.08 -8.80
N ILE A 99 -10.02 -4.82 -7.50
CA ILE A 99 -9.83 -3.46 -7.01
C ILE A 99 -8.38 -3.06 -7.21
N LEU A 100 -7.50 -4.05 -7.10
CA LEU A 100 -6.08 -3.81 -7.26
C LEU A 100 -5.76 -3.66 -8.75
N LYS A 101 -6.04 -4.74 -9.49
CA LYS A 101 -5.80 -4.74 -10.92
C LYS A 101 -6.18 -3.39 -11.51
N GLY A 102 -7.47 -3.21 -11.72
CA GLY A 102 -7.99 -1.97 -12.28
C GLY A 102 -9.52 -1.93 -12.25
N GLU A 103 -10.11 -2.69 -13.16
CA GLU A 103 -11.56 -2.76 -13.25
C GLU A 103 -12.02 -4.22 -13.15
N SER A 104 -11.37 -5.07 -13.93
CA SER A 104 -11.71 -6.48 -13.94
C SER A 104 -13.10 -6.68 -14.56
N GLY A 105 -13.09 -7.21 -15.77
CA GLY A 105 -14.34 -7.47 -16.48
C GLY A 105 -14.23 -8.71 -17.36
N PRO A 106 -15.13 -8.77 -18.39
CA PRO A 106 -15.13 -9.89 -19.30
C PRO A 106 -13.98 -9.81 -20.29
N SER A 107 -13.53 -10.96 -20.75
CA SER A 107 -12.44 -11.03 -21.70
C SER A 107 -12.28 -12.46 -22.22
N SER A 108 -13.13 -12.79 -23.19
CA SER A 108 -13.09 -14.11 -23.79
C SER A 108 -13.37 -15.18 -22.72
N GLY A 109 -14.66 -15.41 -22.49
CA GLY A 109 -15.08 -16.39 -21.51
C GLY A 109 -16.26 -17.23 -22.03
N GLY A 1 18.54 25.67 -7.95
CA GLY A 1 18.88 24.83 -6.82
C GLY A 1 17.63 24.20 -6.20
N SER A 2 17.82 23.02 -5.64
CA SER A 2 16.72 22.31 -5.01
C SER A 2 17.20 21.63 -3.72
N SER A 3 16.41 21.79 -2.68
CA SER A 3 16.74 21.21 -1.39
C SER A 3 16.23 19.77 -1.32
N GLY A 4 14.94 19.61 -1.61
CA GLY A 4 14.32 18.30 -1.59
C GLY A 4 12.87 18.38 -2.07
N SER A 5 12.45 17.30 -2.73
CA SER A 5 11.10 17.23 -3.25
C SER A 5 10.28 16.20 -2.47
N SER A 6 10.82 15.00 -2.40
CA SER A 6 10.16 13.91 -1.69
C SER A 6 8.79 13.62 -2.32
N GLY A 7 8.81 12.71 -3.28
CA GLY A 7 7.59 12.34 -3.97
C GLY A 7 6.75 11.37 -3.12
N LEU A 8 5.65 11.89 -2.61
CA LEU A 8 4.76 11.09 -1.78
C LEU A 8 3.68 10.46 -2.67
N LYS A 9 2.85 11.33 -3.23
CA LYS A 9 1.77 10.87 -4.09
C LYS A 9 2.33 9.89 -5.13
N VAL A 10 3.44 10.28 -5.74
CA VAL A 10 4.08 9.46 -6.74
C VAL A 10 4.42 8.08 -6.13
N LEU A 11 4.96 8.13 -4.92
CA LEU A 11 5.33 6.91 -4.23
C LEU A 11 4.14 5.96 -4.22
N THR A 12 3.03 6.43 -3.66
CA THR A 12 1.82 5.64 -3.59
C THR A 12 1.37 5.22 -4.99
N ASN A 13 1.92 5.90 -5.98
CA ASN A 13 1.58 5.62 -7.36
C ASN A 13 2.83 5.13 -8.10
N LYS A 14 3.79 4.65 -7.31
CA LYS A 14 5.04 4.16 -7.87
C LYS A 14 4.78 2.81 -8.57
N ALA A 15 4.27 1.86 -7.79
CA ALA A 15 3.98 0.55 -8.31
C ALA A 15 2.46 0.32 -8.28
N SER A 16 2.04 -0.67 -9.06
CA SER A 16 0.62 -1.00 -9.13
C SER A 16 0.05 -1.15 -7.73
N VAL A 17 0.75 -1.91 -6.91
CA VAL A 17 0.32 -2.14 -5.54
C VAL A 17 1.42 -1.68 -4.58
N MET A 18 1.12 -0.58 -3.89
CA MET A 18 2.08 -0.02 -2.94
C MET A 18 1.79 -0.51 -1.53
N LEU A 19 2.84 -0.94 -0.85
CA LEU A 19 2.72 -1.44 0.51
C LEU A 19 3.78 -0.78 1.38
N PHE A 20 3.34 0.16 2.19
CA PHE A 20 4.25 0.87 3.09
C PHE A 20 4.30 0.20 4.46
N MET A 21 5.49 -0.26 4.82
CA MET A 21 5.70 -0.92 6.10
C MET A 21 7.08 -0.59 6.67
N LYS A 22 7.33 -1.13 7.86
CA LYS A 22 8.60 -0.91 8.52
C LYS A 22 9.52 -2.11 8.28
N GLY A 23 10.56 -1.87 7.50
CA GLY A 23 11.52 -2.91 7.18
C GLY A 23 11.42 -3.31 5.70
N ASN A 24 10.30 -2.95 5.10
CA ASN A 24 10.07 -3.27 3.69
C ASN A 24 10.08 -4.78 3.51
N LYS A 25 9.69 -5.20 2.31
CA LYS A 25 9.65 -6.61 1.99
C LYS A 25 10.87 -7.31 2.60
N GLN A 26 11.95 -6.55 2.70
CA GLN A 26 13.19 -7.07 3.27
C GLN A 26 12.91 -7.74 4.61
N GLU A 27 12.21 -7.01 5.47
CA GLU A 27 11.88 -7.51 6.79
C GLU A 27 10.51 -6.98 7.23
N ALA A 28 9.82 -7.79 8.01
CA ALA A 28 8.51 -7.42 8.51
C ALA A 28 8.60 -7.17 10.01
N LYS A 29 7.43 -6.96 10.62
CA LYS A 29 7.37 -6.70 12.04
C LYS A 29 7.42 -8.03 12.80
N CYS A 30 6.36 -8.81 12.63
CA CYS A 30 6.28 -10.11 13.29
C CYS A 30 5.00 -10.81 12.81
N GLY A 31 3.88 -10.18 13.10
CA GLY A 31 2.59 -10.73 12.71
C GLY A 31 1.55 -9.62 12.52
N PHE A 32 1.89 -8.68 11.65
CA PHE A 32 1.00 -7.57 11.37
C PHE A 32 1.35 -6.91 10.04
N SER A 33 2.63 -6.63 9.86
CA SER A 33 3.11 -6.01 8.65
C SER A 33 3.35 -7.07 7.57
N LYS A 34 3.54 -8.30 8.02
CA LYS A 34 3.77 -9.41 7.11
C LYS A 34 2.43 -9.87 6.54
N GLN A 35 1.42 -9.89 7.40
CA GLN A 35 0.09 -10.32 6.99
C GLN A 35 -0.29 -9.65 5.66
N ILE A 36 -0.40 -8.32 5.72
CA ILE A 36 -0.76 -7.55 4.55
C ILE A 36 0.00 -8.09 3.33
N LEU A 37 1.32 -8.19 3.49
CA LEU A 37 2.16 -8.69 2.42
C LEU A 37 1.59 -9.99 1.89
N GLU A 38 1.59 -11.01 2.74
CA GLU A 38 1.08 -12.31 2.36
C GLU A 38 -0.18 -12.15 1.51
N ILE A 39 -0.98 -11.16 1.87
CA ILE A 39 -2.22 -10.89 1.15
C ILE A 39 -1.90 -10.19 -0.16
N LEU A 40 -1.17 -9.08 -0.04
CA LEU A 40 -0.79 -8.32 -1.22
C LEU A 40 -0.08 -9.23 -2.21
N ASN A 41 0.56 -10.26 -1.67
CA ASN A 41 1.29 -11.21 -2.50
C ASN A 41 0.30 -12.22 -3.08
N SER A 42 -0.68 -12.59 -2.26
CA SER A 42 -1.69 -13.55 -2.66
C SER A 42 -2.25 -13.16 -4.03
N THR A 43 -2.55 -11.87 -4.17
CA THR A 43 -3.09 -11.36 -5.41
C THR A 43 -2.16 -11.70 -6.58
N GLY A 44 -0.90 -11.91 -6.25
CA GLY A 44 0.10 -12.24 -7.26
C GLY A 44 0.17 -11.16 -8.33
N VAL A 45 -0.33 -9.99 -7.98
CA VAL A 45 -0.32 -8.86 -8.89
C VAL A 45 0.93 -8.01 -8.65
N GLU A 46 1.09 -6.99 -9.49
CA GLU A 46 2.23 -6.11 -9.37
C GLU A 46 2.15 -5.30 -8.08
N TYR A 47 3.23 -5.37 -7.31
CA TYR A 47 3.29 -4.65 -6.05
C TYR A 47 4.73 -4.26 -5.70
N GLU A 48 4.88 -3.61 -4.56
CA GLU A 48 6.19 -3.18 -4.11
C GLU A 48 6.15 -2.83 -2.62
N THR A 49 7.31 -2.49 -2.09
CA THR A 49 7.42 -2.12 -0.70
C THR A 49 8.27 -0.85 -0.54
N PHE A 50 8.00 -0.13 0.53
CA PHE A 50 8.72 1.10 0.81
C PHE A 50 9.17 1.16 2.27
N ASP A 51 10.12 2.04 2.53
CA ASP A 51 10.64 2.21 3.88
C ASP A 51 10.04 3.47 4.51
N ILE A 52 9.45 3.28 5.68
CA ILE A 52 8.84 4.39 6.39
C ILE A 52 9.79 4.90 7.47
N LEU A 53 10.84 4.11 7.71
CA LEU A 53 11.83 4.47 8.71
C LEU A 53 12.75 5.54 8.13
N GLU A 54 13.58 5.13 7.17
CA GLU A 54 14.51 6.04 6.54
C GLU A 54 13.85 7.39 6.28
N ASP A 55 13.25 7.51 5.11
CA ASP A 55 12.58 8.73 4.72
C ASP A 55 11.55 9.10 5.79
N GLU A 56 11.98 9.96 6.71
CA GLU A 56 11.11 10.39 7.79
C GLU A 56 10.02 11.33 7.26
N GLU A 57 10.48 12.35 6.53
CA GLU A 57 9.55 13.31 5.96
C GLU A 57 8.36 12.60 5.33
N VAL A 58 8.67 11.64 4.46
CA VAL A 58 7.63 10.88 3.79
C VAL A 58 6.74 10.20 4.84
N ARG A 59 7.38 9.73 5.90
CA ARG A 59 6.66 9.07 6.97
C ARG A 59 5.56 9.98 7.52
N GLN A 60 5.99 11.12 8.02
CA GLN A 60 5.07 12.10 8.58
C GLN A 60 4.20 12.70 7.48
N GLY A 61 4.77 12.76 6.28
CA GLY A 61 4.07 13.30 5.14
C GLY A 61 2.95 12.36 4.68
N LEU A 62 3.21 11.08 4.82
CA LEU A 62 2.24 10.07 4.42
C LEU A 62 1.09 10.05 5.43
N LYS A 63 1.43 9.70 6.66
CA LYS A 63 0.45 9.65 7.73
C LYS A 63 -0.44 10.90 7.66
N THR A 64 0.21 12.03 7.48
CA THR A 64 -0.50 13.30 7.40
C THR A 64 -1.37 13.34 6.14
N PHE A 65 -0.81 12.80 5.06
CA PHE A 65 -1.52 12.77 3.79
C PHE A 65 -2.99 12.40 3.99
N SER A 66 -3.19 11.26 4.63
CA SER A 66 -4.54 10.77 4.89
C SER A 66 -4.77 10.65 6.40
N ASN A 67 -4.00 11.43 7.14
CA ASN A 67 -4.12 11.43 8.59
C ASN A 67 -4.32 10.00 9.09
N TRP A 68 -3.67 9.08 8.40
CA TRP A 68 -3.77 7.67 8.75
C TRP A 68 -2.35 7.12 8.88
N PRO A 69 -1.80 7.24 10.12
CA PRO A 69 -0.46 6.75 10.40
C PRO A 69 -0.44 5.23 10.51
N THR A 70 -1.51 4.70 11.09
CA THR A 70 -1.62 3.26 11.26
C THR A 70 -1.07 2.53 10.04
N TYR A 71 -0.04 1.74 10.28
CA TYR A 71 0.60 0.98 9.22
C TYR A 71 0.47 -0.52 9.47
N PRO A 72 0.69 -1.31 8.38
CA PRO A 72 1.01 -0.72 7.09
C PRO A 72 -0.24 -0.10 6.44
N GLN A 73 -0.06 0.38 5.22
CA GLN A 73 -1.16 0.99 4.49
C GLN A 73 -1.05 0.66 3.00
N LEU A 74 -2.18 0.26 2.43
CA LEU A 74 -2.22 -0.08 1.03
C LEU A 74 -2.76 1.11 0.23
N TYR A 75 -1.99 1.49 -0.79
CA TYR A 75 -2.37 2.61 -1.63
C TYR A 75 -2.52 2.17 -3.09
N VAL A 76 -3.65 2.53 -3.67
CA VAL A 76 -3.93 2.18 -5.05
C VAL A 76 -4.15 3.46 -5.87
N ARG A 77 -3.76 3.39 -7.13
CA ARG A 77 -3.91 4.53 -8.02
C ARG A 77 -5.24 5.24 -7.75
N GLY A 78 -6.22 4.46 -7.33
CA GLY A 78 -7.54 5.00 -7.02
C GLY A 78 -7.51 5.83 -5.74
N ASP A 79 -8.01 5.22 -4.68
CA ASP A 79 -8.05 5.89 -3.38
C ASP A 79 -7.41 4.99 -2.33
N LEU A 80 -6.99 5.62 -1.24
CA LEU A 80 -6.36 4.88 -0.15
C LEU A 80 -7.31 3.79 0.33
N VAL A 81 -6.91 2.55 0.08
CA VAL A 81 -7.73 1.41 0.48
C VAL A 81 -7.91 1.43 1.99
N GLY A 82 -6.81 1.24 2.70
CA GLY A 82 -6.84 1.24 4.14
C GLY A 82 -5.69 0.40 4.72
N GLY A 83 -5.89 -0.06 5.94
CA GLY A 83 -4.88 -0.87 6.61
C GLY A 83 -5.12 -2.36 6.34
N LEU A 84 -4.29 -3.17 6.99
CA LEU A 84 -4.39 -4.61 6.82
C LEU A 84 -5.85 -5.05 7.04
N ASP A 85 -6.38 -4.67 8.20
CA ASP A 85 -7.75 -5.02 8.53
C ASP A 85 -8.66 -4.70 7.35
N ILE A 86 -8.45 -3.52 6.78
CA ILE A 86 -9.24 -3.08 5.64
C ILE A 86 -8.94 -3.98 4.44
N VAL A 87 -7.69 -3.92 4.00
CA VAL A 87 -7.26 -4.72 2.87
C VAL A 87 -7.88 -6.12 2.96
N LYS A 88 -7.59 -6.77 4.08
CA LYS A 88 -8.12 -8.11 4.31
C LYS A 88 -9.63 -8.11 4.10
N GLU A 89 -10.30 -7.17 4.77
CA GLU A 89 -11.74 -7.05 4.65
C GLU A 89 -12.18 -7.20 3.20
N LEU A 90 -11.49 -6.48 2.32
CA LEU A 90 -11.79 -6.53 0.90
C LEU A 90 -11.46 -7.92 0.36
N LYS A 91 -10.29 -8.41 0.73
CA LYS A 91 -9.85 -9.71 0.29
C LYS A 91 -10.90 -10.76 0.69
N ASP A 92 -11.16 -10.81 1.99
CA ASP A 92 -12.13 -11.76 2.51
C ASP A 92 -13.42 -11.69 1.68
N ASN A 93 -13.93 -10.47 1.54
CA ASN A 93 -15.15 -10.24 0.79
C ASN A 93 -14.93 -10.72 -0.65
N GLY A 94 -13.87 -10.23 -1.26
CA GLY A 94 -13.54 -10.60 -2.62
C GLY A 94 -13.55 -9.37 -3.54
N GLU A 95 -13.12 -8.25 -2.99
CA GLU A 95 -13.08 -7.01 -3.74
C GLU A 95 -11.71 -6.33 -3.56
N LEU A 96 -10.67 -7.09 -3.80
CA LEU A 96 -9.31 -6.59 -3.67
C LEU A 96 -8.57 -6.82 -4.99
N LEU A 97 -8.65 -8.05 -5.48
CA LEU A 97 -7.99 -8.40 -6.72
C LEU A 97 -8.40 -7.41 -7.82
N PRO A 98 -9.72 -7.15 -7.88
CA PRO A 98 -10.25 -6.22 -8.88
C PRO A 98 -9.95 -4.77 -8.49
N ILE A 99 -9.54 -4.60 -7.25
CA ILE A 99 -9.21 -3.28 -6.75
C ILE A 99 -7.73 -2.99 -7.00
N LEU A 100 -6.91 -4.00 -6.73
CA LEU A 100 -5.48 -3.87 -6.92
C LEU A 100 -5.18 -3.81 -8.42
N LYS A 101 -5.76 -4.75 -9.15
CA LYS A 101 -5.56 -4.81 -10.59
C LYS A 101 -5.70 -3.40 -11.18
N GLY A 102 -6.94 -2.95 -11.23
CA GLY A 102 -7.22 -1.63 -11.77
C GLY A 102 -8.63 -1.58 -12.38
N GLU A 103 -9.62 -1.56 -11.51
CA GLU A 103 -11.00 -1.51 -11.94
C GLU A 103 -11.18 -2.31 -13.23
N SER A 104 -11.37 -3.62 -13.07
CA SER A 104 -11.54 -4.50 -14.20
C SER A 104 -11.95 -5.89 -13.71
N GLY A 105 -12.46 -6.69 -14.65
CA GLY A 105 -12.90 -8.04 -14.34
C GLY A 105 -11.84 -9.06 -14.74
N PRO A 106 -12.34 -10.25 -15.20
CA PRO A 106 -11.45 -11.32 -15.63
C PRO A 106 -10.84 -11.01 -16.99
N SER A 107 -9.89 -11.85 -17.38
CA SER A 107 -9.22 -11.68 -18.66
C SER A 107 -10.25 -11.79 -19.80
N SER A 108 -9.93 -11.11 -20.90
CA SER A 108 -10.80 -11.12 -22.06
C SER A 108 -9.99 -11.32 -23.33
N GLY A 109 -10.09 -12.52 -23.89
CA GLY A 109 -9.36 -12.85 -25.09
C GLY A 109 -9.24 -14.37 -25.26
N GLY A 1 -1.01 17.38 -8.92
CA GLY A 1 -0.49 18.35 -7.97
C GLY A 1 1.02 18.18 -7.78
N SER A 2 1.69 19.31 -7.58
CA SER A 2 3.13 19.30 -7.39
C SER A 2 3.60 20.68 -6.94
N SER A 3 3.90 20.78 -5.65
CA SER A 3 4.36 22.03 -5.09
C SER A 3 5.67 21.81 -4.32
N GLY A 4 6.35 22.91 -4.04
CA GLY A 4 7.61 22.85 -3.31
C GLY A 4 8.43 21.64 -3.75
N SER A 5 8.87 20.87 -2.77
CA SER A 5 9.67 19.68 -3.03
C SER A 5 9.17 18.52 -2.19
N SER A 6 8.59 17.55 -2.88
CA SER A 6 8.08 16.36 -2.20
C SER A 6 7.75 15.27 -3.23
N GLY A 7 7.63 14.05 -2.72
CA GLY A 7 7.33 12.92 -3.58
C GLY A 7 6.57 11.83 -2.82
N LEU A 8 5.40 12.21 -2.32
CA LEU A 8 4.58 11.29 -1.57
C LEU A 8 3.62 10.57 -2.52
N LYS A 9 2.73 11.35 -3.11
CA LYS A 9 1.75 10.81 -4.04
C LYS A 9 2.45 9.85 -5.00
N VAL A 10 3.53 10.34 -5.60
CA VAL A 10 4.30 9.54 -6.53
C VAL A 10 4.64 8.19 -5.89
N LEU A 11 5.11 8.28 -4.65
CA LEU A 11 5.48 7.07 -3.91
C LEU A 11 4.27 6.16 -3.80
N THR A 12 3.22 6.70 -3.22
CA THR A 12 1.99 5.93 -3.04
C THR A 12 1.41 5.52 -4.40
N ASN A 13 1.86 6.23 -5.43
CA ASN A 13 1.39 5.95 -6.78
C ASN A 13 2.59 5.51 -7.63
N LYS A 14 3.55 4.87 -6.97
CA LYS A 14 4.73 4.39 -7.66
C LYS A 14 4.41 3.10 -8.41
N ALA A 15 4.05 2.08 -7.64
CA ALA A 15 3.71 0.80 -8.20
C ALA A 15 2.20 0.59 -8.12
N SER A 16 1.70 -0.28 -8.99
CA SER A 16 0.27 -0.57 -9.03
C SER A 16 -0.28 -0.66 -7.60
N VAL A 17 0.36 -1.51 -6.80
CA VAL A 17 -0.06 -1.69 -5.43
C VAL A 17 1.10 -1.31 -4.50
N MET A 18 0.89 -0.24 -3.74
CA MET A 18 1.90 0.23 -2.81
C MET A 18 1.62 -0.28 -1.39
N LEU A 19 2.68 -0.66 -0.71
CA LEU A 19 2.57 -1.16 0.64
C LEU A 19 3.67 -0.54 1.51
N PHE A 20 3.25 0.40 2.35
CA PHE A 20 4.19 1.08 3.23
C PHE A 20 4.17 0.46 4.63
N MET A 21 5.22 -0.28 4.94
CA MET A 21 5.33 -0.92 6.23
C MET A 21 6.72 -0.73 6.83
N LYS A 22 6.91 -1.27 8.02
CA LYS A 22 8.18 -1.16 8.71
C LYS A 22 8.96 -2.46 8.53
N GLY A 23 10.03 -2.37 7.74
CA GLY A 23 10.86 -3.53 7.48
C GLY A 23 10.99 -3.79 5.99
N ASN A 24 10.02 -3.25 5.24
CA ASN A 24 10.01 -3.43 3.81
C ASN A 24 9.94 -4.91 3.46
N LYS A 25 9.68 -5.20 2.20
CA LYS A 25 9.59 -6.57 1.74
C LYS A 25 10.83 -7.34 2.18
N GLN A 26 11.91 -6.59 2.37
CA GLN A 26 13.17 -7.18 2.79
C GLN A 26 12.93 -8.16 3.95
N GLU A 27 12.29 -7.65 4.99
CA GLU A 27 12.00 -8.44 6.16
C GLU A 27 10.80 -7.86 6.92
N ALA A 28 10.02 -8.76 7.49
CA ALA A 28 8.84 -8.36 8.24
C ALA A 28 9.16 -8.37 9.73
N LYS A 29 8.42 -7.58 10.48
CA LYS A 29 8.61 -7.49 11.92
C LYS A 29 7.25 -7.37 12.61
N CYS A 30 6.37 -8.29 12.27
CA CYS A 30 5.03 -8.31 12.84
C CYS A 30 4.35 -6.98 12.50
N GLY A 31 3.13 -6.84 13.00
CA GLY A 31 2.36 -5.62 12.74
C GLY A 31 1.84 -5.60 11.31
N PHE A 32 1.03 -6.61 10.98
CA PHE A 32 0.47 -6.71 9.65
C PHE A 32 1.50 -6.35 8.58
N SER A 33 2.76 -6.61 8.91
CA SER A 33 3.83 -6.31 7.99
C SER A 33 4.01 -7.46 6.99
N LYS A 34 3.92 -8.68 7.53
CA LYS A 34 4.08 -9.87 6.70
C LYS A 34 2.70 -10.25 6.13
N GLN A 35 1.69 -10.14 6.97
CA GLN A 35 0.34 -10.47 6.57
C GLN A 35 -0.04 -9.71 5.30
N ILE A 36 -0.29 -8.43 5.47
CA ILE A 36 -0.66 -7.58 4.35
C ILE A 36 0.15 -7.99 3.11
N LEU A 37 1.42 -8.31 3.35
CA LEU A 37 2.31 -8.72 2.29
C LEU A 37 1.78 -10.02 1.67
N GLU A 38 1.59 -11.02 2.53
CA GLU A 38 1.11 -12.31 2.08
C GLU A 38 -0.24 -12.14 1.37
N ILE A 39 -0.94 -11.08 1.73
CA ILE A 39 -2.24 -10.80 1.14
C ILE A 39 -2.05 -10.05 -0.17
N LEU A 40 -1.15 -9.08 -0.14
CA LEU A 40 -0.86 -8.28 -1.31
C LEU A 40 -0.30 -9.18 -2.41
N ASN A 41 0.32 -10.27 -1.98
CA ASN A 41 0.91 -11.23 -2.91
C ASN A 41 -0.13 -12.30 -3.25
N SER A 42 -0.80 -12.78 -2.21
CA SER A 42 -1.82 -13.81 -2.39
C SER A 42 -2.74 -13.44 -3.55
N THR A 43 -2.86 -12.14 -3.78
CA THR A 43 -3.71 -11.65 -4.85
C THR A 43 -3.13 -12.04 -6.21
N GLY A 44 -1.82 -11.88 -6.34
CA GLY A 44 -1.14 -12.23 -7.57
C GLY A 44 -0.73 -10.96 -8.34
N VAL A 45 -1.44 -9.89 -8.06
CA VAL A 45 -1.17 -8.61 -8.71
C VAL A 45 0.29 -8.23 -8.46
N GLU A 46 0.62 -7.00 -8.86
CA GLU A 46 1.98 -6.51 -8.69
C GLU A 46 2.00 -5.34 -7.71
N TYR A 47 2.79 -5.49 -6.66
CA TYR A 47 2.90 -4.46 -5.65
C TYR A 47 4.37 -4.25 -5.24
N GLU A 48 4.59 -3.21 -4.46
CA GLU A 48 5.92 -2.89 -3.99
C GLU A 48 5.89 -2.45 -2.53
N THR A 49 7.07 -2.21 -1.98
CA THR A 49 7.19 -1.78 -0.60
C THR A 49 8.12 -0.56 -0.49
N PHE A 50 7.97 0.16 0.61
CA PHE A 50 8.78 1.34 0.84
C PHE A 50 9.35 1.34 2.25
N ASP A 51 10.33 2.21 2.47
CA ASP A 51 10.96 2.32 3.76
C ASP A 51 10.47 3.59 4.46
N ILE A 52 9.52 3.39 5.37
CA ILE A 52 8.94 4.50 6.11
C ILE A 52 9.90 4.90 7.24
N LEU A 53 10.76 3.96 7.59
CA LEU A 53 11.74 4.20 8.65
C LEU A 53 12.81 5.17 8.15
N GLU A 54 13.57 4.70 7.17
CA GLU A 54 14.62 5.51 6.59
C GLU A 54 14.15 6.95 6.41
N ASP A 55 13.19 7.12 5.52
CA ASP A 55 12.64 8.44 5.24
C ASP A 55 11.64 8.81 6.33
N GLU A 56 12.16 9.40 7.40
CA GLU A 56 11.33 9.80 8.52
C GLU A 56 10.36 10.90 8.08
N GLU A 57 10.92 11.96 7.52
CA GLU A 57 10.12 13.08 7.05
C GLU A 57 8.85 12.57 6.36
N VAL A 58 9.06 11.67 5.40
CA VAL A 58 7.95 11.11 4.65
C VAL A 58 6.97 10.45 5.63
N ARG A 59 7.51 9.56 6.45
CA ARG A 59 6.70 8.85 7.43
C ARG A 59 5.66 9.79 8.03
N GLN A 60 6.07 11.05 8.21
CA GLN A 60 5.19 12.06 8.78
C GLN A 60 4.42 12.77 7.67
N GLY A 61 5.14 13.09 6.60
CA GLY A 61 4.54 13.77 5.47
C GLY A 61 3.44 12.92 4.84
N LEU A 62 3.49 11.63 5.13
CA LEU A 62 2.52 10.70 4.59
C LEU A 62 1.26 10.73 5.47
N LYS A 63 1.41 10.21 6.68
CA LYS A 63 0.31 10.18 7.62
C LYS A 63 -0.43 11.51 7.60
N THR A 64 0.34 12.57 7.33
CA THR A 64 -0.23 13.91 7.28
C THR A 64 -0.96 14.11 5.95
N PHE A 65 -0.28 13.77 4.87
CA PHE A 65 -0.86 13.92 3.54
C PHE A 65 -2.04 12.95 3.34
N SER A 66 -1.75 11.68 3.57
CA SER A 66 -2.77 10.65 3.42
C SER A 66 -3.83 10.80 4.51
N ASN A 67 -3.39 11.32 5.64
CA ASN A 67 -4.28 11.52 6.77
C ASN A 67 -4.65 10.16 7.38
N TRP A 68 -3.70 9.24 7.31
CA TRP A 68 -3.91 7.91 7.84
C TRP A 68 -2.55 7.33 8.25
N PRO A 69 -2.23 7.48 9.55
CA PRO A 69 -0.96 6.98 10.07
C PRO A 69 -0.99 5.46 10.22
N THR A 70 -2.11 4.96 10.72
CA THR A 70 -2.27 3.53 10.92
C THR A 70 -1.70 2.76 9.72
N TYR A 71 -0.53 2.16 9.95
CA TYR A 71 0.13 1.40 8.91
C TYR A 71 0.17 -0.09 9.27
N PRO A 72 0.47 -0.92 8.24
CA PRO A 72 0.74 -0.39 6.90
C PRO A 72 -0.56 0.04 6.22
N GLN A 73 -0.42 0.49 4.99
CA GLN A 73 -1.57 0.94 4.21
C GLN A 73 -1.47 0.43 2.78
N LEU A 74 -2.47 0.78 1.98
CA LEU A 74 -2.51 0.37 0.59
C LEU A 74 -3.05 1.53 -0.26
N TYR A 75 -2.48 1.66 -1.45
CA TYR A 75 -2.90 2.71 -2.36
C TYR A 75 -3.09 2.16 -3.78
N VAL A 76 -4.26 2.43 -4.33
CA VAL A 76 -4.57 1.98 -5.67
C VAL A 76 -5.28 3.10 -6.43
N ARG A 77 -4.85 3.29 -7.68
CA ARG A 77 -5.42 4.32 -8.52
C ARG A 77 -4.96 5.70 -8.05
N GLY A 78 -5.26 6.00 -6.80
CA GLY A 78 -4.90 7.28 -6.22
C GLY A 78 -5.47 7.43 -4.81
N ASP A 79 -6.74 7.09 -4.68
CA ASP A 79 -7.41 7.18 -3.40
C ASP A 79 -6.95 6.04 -2.49
N LEU A 80 -6.87 6.34 -1.21
CA LEU A 80 -6.44 5.36 -0.22
C LEU A 80 -7.49 4.24 -0.14
N VAL A 81 -7.00 3.01 -0.08
CA VAL A 81 -7.88 1.86 0.01
C VAL A 81 -8.17 1.57 1.48
N GLY A 82 -7.11 1.48 2.26
CA GLY A 82 -7.24 1.20 3.68
C GLY A 82 -6.04 0.41 4.20
N GLY A 83 -6.11 0.06 5.48
CA GLY A 83 -5.04 -0.70 6.11
C GLY A 83 -5.30 -2.21 6.00
N LEU A 84 -4.36 -2.97 6.53
CA LEU A 84 -4.47 -4.42 6.51
C LEU A 84 -5.92 -4.83 6.82
N ASP A 85 -6.40 -4.33 7.95
CA ASP A 85 -7.76 -4.62 8.38
C ASP A 85 -8.71 -4.48 7.19
N ILE A 86 -8.56 -3.35 6.49
CA ILE A 86 -9.40 -3.08 5.33
C ILE A 86 -9.03 -4.05 4.21
N VAL A 87 -7.78 -3.97 3.78
CA VAL A 87 -7.30 -4.83 2.71
C VAL A 87 -7.84 -6.24 2.93
N LYS A 88 -7.67 -6.74 4.14
CA LYS A 88 -8.14 -8.07 4.47
C LYS A 88 -9.65 -8.14 4.27
N GLU A 89 -10.35 -7.17 4.86
CA GLU A 89 -11.79 -7.11 4.75
C GLU A 89 -12.23 -7.46 3.33
N LEU A 90 -11.52 -6.90 2.37
CA LEU A 90 -11.83 -7.15 0.97
C LEU A 90 -11.52 -8.60 0.63
N LYS A 91 -10.24 -8.93 0.71
CA LYS A 91 -9.81 -10.29 0.42
C LYS A 91 -10.76 -11.28 1.08
N ASP A 92 -11.11 -10.98 2.31
CA ASP A 92 -12.02 -11.84 3.06
C ASP A 92 -13.13 -12.34 2.14
N ASN A 93 -13.94 -11.39 1.68
CA ASN A 93 -15.04 -11.72 0.78
C ASN A 93 -14.48 -12.11 -0.59
N GLY A 94 -13.51 -11.32 -1.03
CA GLY A 94 -12.88 -11.57 -2.32
C GLY A 94 -13.08 -10.38 -3.26
N GLU A 95 -13.07 -9.19 -2.68
CA GLU A 95 -13.24 -7.97 -3.45
C GLU A 95 -11.98 -7.12 -3.39
N LEU A 96 -10.85 -7.80 -3.46
CA LEU A 96 -9.56 -7.12 -3.43
C LEU A 96 -8.80 -7.42 -4.72
N LEU A 97 -8.87 -8.67 -5.14
CA LEU A 97 -8.19 -9.11 -6.34
C LEU A 97 -8.61 -8.20 -7.51
N PRO A 98 -9.94 -7.95 -7.59
CA PRO A 98 -10.48 -7.11 -8.65
C PRO A 98 -10.20 -5.64 -8.37
N ILE A 99 -9.92 -5.35 -7.11
CA ILE A 99 -9.61 -3.98 -6.70
C ILE A 99 -8.16 -3.66 -7.01
N LEU A 100 -7.29 -4.61 -6.67
CA LEU A 100 -5.87 -4.43 -6.90
C LEU A 100 -5.60 -4.45 -8.42
N LYS A 101 -6.10 -5.50 -9.06
CA LYS A 101 -5.93 -5.65 -10.49
C LYS A 101 -6.08 -4.28 -11.16
N GLY A 102 -7.32 -3.79 -11.16
CA GLY A 102 -7.61 -2.50 -11.77
C GLY A 102 -9.11 -2.23 -11.74
N GLU A 103 -9.82 -2.91 -12.63
CA GLU A 103 -11.27 -2.74 -12.73
C GLU A 103 -11.88 -2.64 -11.33
N SER A 104 -12.40 -1.47 -11.03
CA SER A 104 -13.02 -1.23 -9.73
C SER A 104 -14.50 -0.88 -9.91
N GLY A 105 -15.20 -0.81 -8.79
CA GLY A 105 -16.62 -0.48 -8.82
C GLY A 105 -17.34 -1.08 -7.60
N PRO A 106 -17.49 -0.21 -6.56
CA PRO A 106 -18.16 -0.64 -5.34
C PRO A 106 -19.67 -0.73 -5.54
N SER A 107 -20.11 -1.89 -6.01
CA SER A 107 -21.53 -2.11 -6.24
C SER A 107 -22.12 -2.92 -5.10
N SER A 108 -21.49 -4.04 -4.81
CA SER A 108 -21.95 -4.91 -3.74
C SER A 108 -20.78 -5.72 -3.17
N GLY A 109 -20.26 -5.25 -2.05
CA GLY A 109 -19.14 -5.93 -1.40
C GLY A 109 -19.50 -7.36 -1.05
N GLY A 1 6.93 21.45 -11.16
CA GLY A 1 6.20 21.68 -9.92
C GLY A 1 6.19 20.42 -9.05
N SER A 2 6.36 20.64 -7.75
CA SER A 2 6.37 19.54 -6.81
C SER A 2 6.00 20.04 -5.41
N SER A 3 5.70 19.09 -4.53
CA SER A 3 5.33 19.43 -3.17
C SER A 3 5.83 18.34 -2.21
N GLY A 4 7.04 18.55 -1.72
CA GLY A 4 7.64 17.60 -0.80
C GLY A 4 9.17 17.69 -0.83
N SER A 5 9.81 16.61 -0.44
CA SER A 5 11.27 16.55 -0.43
C SER A 5 11.76 15.46 -1.40
N SER A 6 11.20 14.28 -1.23
CA SER A 6 11.58 13.15 -2.07
C SER A 6 10.46 12.85 -3.07
N GLY A 7 9.24 12.81 -2.55
CA GLY A 7 8.07 12.53 -3.38
C GLY A 7 7.18 11.47 -2.73
N LEU A 8 6.01 11.93 -2.29
CA LEU A 8 5.06 11.03 -1.65
C LEU A 8 4.13 10.44 -2.72
N LYS A 9 3.36 11.34 -3.33
CA LYS A 9 2.42 10.93 -4.36
C LYS A 9 3.10 9.89 -5.27
N VAL A 10 4.28 10.24 -5.74
CA VAL A 10 5.03 9.36 -6.61
C VAL A 10 5.19 7.99 -5.94
N LEU A 11 5.65 8.02 -4.70
CA LEU A 11 5.84 6.80 -3.94
C LEU A 11 4.54 5.99 -3.95
N THR A 12 3.49 6.60 -3.41
CA THR A 12 2.20 5.94 -3.36
C THR A 12 1.76 5.50 -4.75
N ASN A 13 2.39 6.10 -5.76
CA ASN A 13 2.08 5.79 -7.14
C ASN A 13 3.34 5.28 -7.84
N LYS A 14 4.14 4.54 -7.09
CA LYS A 14 5.39 4.00 -7.62
C LYS A 14 5.09 2.68 -8.34
N ALA A 15 4.55 1.74 -7.59
CA ALA A 15 4.21 0.44 -8.14
C ALA A 15 2.69 0.30 -8.22
N SER A 16 2.26 -0.57 -9.12
CA SER A 16 0.84 -0.81 -9.31
C SER A 16 0.14 -0.92 -7.95
N VAL A 17 0.87 -1.44 -6.99
CA VAL A 17 0.34 -1.61 -5.64
C VAL A 17 1.43 -1.25 -4.62
N MET A 18 1.17 -0.18 -3.88
CA MET A 18 2.11 0.28 -2.88
C MET A 18 1.74 -0.25 -1.50
N LEU A 19 2.77 -0.64 -0.75
CA LEU A 19 2.56 -1.16 0.59
C LEU A 19 3.60 -0.57 1.54
N PHE A 20 3.14 0.36 2.35
CA PHE A 20 4.02 1.02 3.31
C PHE A 20 3.86 0.42 4.70
N MET A 21 4.91 -0.21 5.19
CA MET A 21 4.90 -0.82 6.50
C MET A 21 6.19 -0.51 7.27
N LYS A 22 6.20 -0.94 8.53
CA LYS A 22 7.36 -0.71 9.37
C LYS A 22 8.26 -1.94 9.32
N GLY A 23 9.36 -1.80 8.59
CA GLY A 23 10.32 -2.89 8.44
C GLY A 23 10.64 -3.14 6.97
N ASN A 24 9.65 -2.89 6.13
CA ASN A 24 9.82 -3.10 4.70
C ASN A 24 9.87 -4.60 4.41
N LYS A 25 9.85 -4.92 3.12
CA LYS A 25 9.88 -6.30 2.69
C LYS A 25 11.03 -7.02 3.40
N GLN A 26 12.22 -6.46 3.25
CA GLN A 26 13.40 -7.03 3.89
C GLN A 26 13.08 -7.49 5.30
N GLU A 27 12.10 -6.82 5.90
CA GLU A 27 11.68 -7.17 7.25
C GLU A 27 10.29 -7.78 7.24
N ALA A 28 9.51 -7.42 8.25
CA ALA A 28 8.15 -7.94 8.37
C ALA A 28 8.19 -9.28 9.11
N LYS A 29 8.59 -9.21 10.37
CA LYS A 29 8.67 -10.41 11.20
C LYS A 29 7.45 -10.46 12.11
N CYS A 30 6.33 -10.02 11.58
CA CYS A 30 5.08 -10.02 12.34
C CYS A 30 3.92 -10.16 11.35
N GLY A 31 3.08 -11.16 11.61
CA GLY A 31 1.93 -11.41 10.76
C GLY A 31 1.26 -10.10 10.35
N PHE A 32 0.96 -9.27 11.36
CA PHE A 32 0.32 -8.00 11.12
C PHE A 32 0.83 -7.36 9.82
N SER A 33 2.14 -7.48 9.62
CA SER A 33 2.76 -6.92 8.44
C SER A 33 2.81 -7.98 7.33
N LYS A 34 3.62 -9.01 7.57
CA LYS A 34 3.76 -10.08 6.61
C LYS A 34 2.41 -10.38 5.97
N GLN A 35 1.40 -10.49 6.81
CA GLN A 35 0.05 -10.77 6.34
C GLN A 35 -0.24 -9.97 5.06
N ILE A 36 -0.46 -8.68 5.26
CA ILE A 36 -0.75 -7.80 4.14
C ILE A 36 0.14 -8.17 2.96
N LEU A 37 1.41 -8.42 3.27
CA LEU A 37 2.37 -8.78 2.25
C LEU A 37 1.93 -10.09 1.57
N GLU A 38 1.65 -11.08 2.42
CA GLU A 38 1.22 -12.38 1.92
C GLU A 38 -0.01 -12.22 1.03
N ILE A 39 -0.96 -11.43 1.51
CA ILE A 39 -2.18 -11.18 0.77
C ILE A 39 -1.86 -10.41 -0.51
N LEU A 40 -1.13 -9.32 -0.33
CA LEU A 40 -0.75 -8.48 -1.46
C LEU A 40 -0.18 -9.36 -2.58
N ASN A 41 0.34 -10.51 -2.17
CA ASN A 41 0.90 -11.45 -3.12
C ASN A 41 -0.19 -12.40 -3.62
N SER A 42 -0.99 -12.87 -2.68
CA SER A 42 -2.08 -13.79 -3.01
C SER A 42 -2.83 -13.27 -4.24
N THR A 43 -3.03 -11.97 -4.28
CA THR A 43 -3.73 -11.34 -5.39
C THR A 43 -3.09 -11.75 -6.72
N GLY A 44 -1.76 -11.65 -6.75
CA GLY A 44 -1.02 -12.00 -7.95
C GLY A 44 -0.56 -10.74 -8.69
N VAL A 45 -1.16 -9.62 -8.32
CA VAL A 45 -0.82 -8.35 -8.94
C VAL A 45 0.62 -7.98 -8.57
N GLU A 46 1.03 -6.81 -9.06
CA GLU A 46 2.38 -6.33 -8.78
C GLU A 46 2.33 -5.21 -7.74
N TYR A 47 3.21 -5.33 -6.75
CA TYR A 47 3.28 -4.35 -5.69
C TYR A 47 4.72 -4.16 -5.21
N GLU A 48 4.90 -3.17 -4.36
CA GLU A 48 6.22 -2.87 -3.82
C GLU A 48 6.10 -2.31 -2.40
N THR A 49 7.22 -2.34 -1.68
CA THR A 49 7.24 -1.83 -0.33
C THR A 49 8.22 -0.65 -0.22
N PHE A 50 8.08 0.09 0.88
CA PHE A 50 8.93 1.24 1.10
C PHE A 50 9.28 1.37 2.58
N ASP A 51 10.28 2.21 2.86
CA ASP A 51 10.73 2.43 4.22
C ASP A 51 10.10 3.72 4.76
N ILE A 52 9.25 3.55 5.76
CA ILE A 52 8.59 4.68 6.38
C ILE A 52 9.41 5.18 7.57
N LEU A 53 10.24 4.28 8.09
CA LEU A 53 11.09 4.61 9.23
C LEU A 53 12.17 5.59 8.77
N GLU A 54 13.12 5.06 8.02
CA GLU A 54 14.22 5.88 7.52
C GLU A 54 13.69 7.20 6.97
N ASP A 55 12.91 7.08 5.90
CA ASP A 55 12.33 8.26 5.26
C ASP A 55 11.28 8.87 6.19
N GLU A 56 11.76 9.38 7.30
CA GLU A 56 10.88 10.01 8.28
C GLU A 56 9.87 10.92 7.58
N GLU A 57 10.41 11.89 6.85
CA GLU A 57 9.57 12.84 6.13
C GLU A 57 8.37 12.13 5.53
N VAL A 58 8.63 10.98 4.92
CA VAL A 58 7.58 10.20 4.30
C VAL A 58 6.65 9.65 5.39
N ARG A 59 7.27 9.11 6.44
CA ARG A 59 6.51 8.55 7.54
C ARG A 59 5.28 9.41 7.83
N GLN A 60 5.53 10.59 8.36
CA GLN A 60 4.46 11.52 8.69
C GLN A 60 3.89 12.15 7.42
N GLY A 61 4.80 12.54 6.53
CA GLY A 61 4.40 13.15 5.28
C GLY A 61 3.26 12.38 4.62
N LEU A 62 3.19 11.10 4.96
CA LEU A 62 2.15 10.25 4.41
C LEU A 62 0.89 10.36 5.27
N LYS A 63 1.08 10.19 6.57
CA LYS A 63 -0.03 10.29 7.51
C LYS A 63 -0.96 11.43 7.09
N THR A 64 -0.33 12.57 6.77
CA THR A 64 -1.08 13.74 6.36
C THR A 64 -1.63 13.54 4.95
N PHE A 65 -0.82 12.94 4.09
CA PHE A 65 -1.22 12.69 2.72
C PHE A 65 -2.59 12.02 2.66
N SER A 66 -2.80 11.08 3.56
CA SER A 66 -4.05 10.36 3.63
C SER A 66 -4.69 10.52 5.01
N ASN A 67 -4.22 11.54 5.72
CA ASN A 67 -4.72 11.81 7.05
C ASN A 67 -4.95 10.50 7.80
N TRP A 68 -3.99 9.59 7.65
CA TRP A 68 -4.06 8.30 8.29
C TRP A 68 -2.63 7.82 8.55
N PRO A 69 -2.21 7.97 9.84
CA PRO A 69 -0.88 7.56 10.24
C PRO A 69 -0.78 6.04 10.36
N THR A 70 -1.80 5.47 10.99
CA THR A 70 -1.84 4.03 11.19
C THR A 70 -1.32 3.31 9.93
N TYR A 71 -0.52 2.28 10.18
CA TYR A 71 0.04 1.50 9.09
C TYR A 71 -0.19 0.00 9.31
N PRO A 72 0.03 -0.78 8.21
CA PRO A 72 0.43 -0.19 6.94
C PRO A 72 -0.74 0.51 6.27
N GLN A 73 -0.48 0.98 5.05
CA GLN A 73 -1.51 1.67 4.29
C GLN A 73 -1.50 1.19 2.83
N LEU A 74 -2.68 1.14 2.25
CA LEU A 74 -2.83 0.70 0.87
C LEU A 74 -3.35 1.87 0.03
N TYR A 75 -2.69 2.07 -1.11
CA TYR A 75 -3.07 3.14 -2.02
C TYR A 75 -3.41 2.59 -3.40
N VAL A 76 -4.59 2.98 -3.88
CA VAL A 76 -5.05 2.53 -5.19
C VAL A 76 -5.67 3.72 -5.93
N ARG A 77 -5.29 3.85 -7.19
CA ARG A 77 -5.79 4.92 -8.02
C ARG A 77 -5.41 6.29 -7.42
N GLY A 78 -4.47 6.25 -6.49
CA GLY A 78 -4.01 7.45 -5.83
C GLY A 78 -4.61 7.59 -4.44
N ASP A 79 -5.93 7.38 -4.38
CA ASP A 79 -6.63 7.48 -3.11
C ASP A 79 -6.25 6.29 -2.22
N LEU A 80 -6.20 6.56 -0.92
CA LEU A 80 -5.85 5.54 0.05
C LEU A 80 -7.03 4.58 0.22
N VAL A 81 -6.71 3.29 0.18
CA VAL A 81 -7.73 2.27 0.33
C VAL A 81 -8.03 2.07 1.82
N GLY A 82 -6.97 1.81 2.57
CA GLY A 82 -7.11 1.59 4.01
C GLY A 82 -5.87 0.90 4.57
N GLY A 83 -6.01 0.43 5.80
CA GLY A 83 -4.92 -0.26 6.47
C GLY A 83 -5.02 -1.77 6.27
N LEU A 84 -4.23 -2.50 7.05
CA LEU A 84 -4.22 -3.95 6.97
C LEU A 84 -5.64 -4.48 7.13
N ASP A 85 -6.25 -4.11 8.24
CA ASP A 85 -7.62 -4.54 8.54
C ASP A 85 -8.47 -4.36 7.28
N ILE A 86 -8.25 -3.24 6.61
CA ILE A 86 -8.99 -2.92 5.40
C ILE A 86 -8.61 -3.92 4.30
N VAL A 87 -7.38 -3.78 3.83
CA VAL A 87 -6.87 -4.66 2.78
C VAL A 87 -7.36 -6.08 3.04
N LYS A 88 -7.14 -6.53 4.27
CA LYS A 88 -7.55 -7.87 4.65
C LYS A 88 -9.05 -8.04 4.40
N GLU A 89 -9.82 -7.11 4.93
CA GLU A 89 -11.27 -7.13 4.76
C GLU A 89 -11.62 -7.48 3.32
N LEU A 90 -11.04 -6.73 2.40
CA LEU A 90 -11.28 -6.95 0.98
C LEU A 90 -11.04 -8.42 0.64
N LYS A 91 -9.76 -8.78 0.62
CA LYS A 91 -9.38 -10.15 0.31
C LYS A 91 -10.29 -11.11 1.10
N ASP A 92 -10.45 -10.82 2.37
CA ASP A 92 -11.28 -11.64 3.23
C ASP A 92 -12.52 -12.09 2.45
N ASN A 93 -13.33 -11.11 2.08
CA ASN A 93 -14.55 -11.40 1.33
C ASN A 93 -14.25 -12.47 0.28
N GLY A 94 -13.21 -12.23 -0.51
CA GLY A 94 -12.83 -13.17 -1.54
C GLY A 94 -12.66 -12.45 -2.89
N GLU A 95 -11.96 -11.32 -2.84
CA GLU A 95 -11.73 -10.54 -4.05
C GLU A 95 -10.36 -9.87 -3.97
N LEU A 96 -10.38 -8.57 -3.71
CA LEU A 96 -9.15 -7.80 -3.60
C LEU A 96 -8.53 -7.67 -4.99
N LEU A 97 -8.30 -8.81 -5.62
CA LEU A 97 -7.71 -8.83 -6.95
C LEU A 97 -8.38 -7.76 -7.81
N PRO A 98 -9.75 -7.76 -7.78
CA PRO A 98 -10.51 -6.79 -8.55
C PRO A 98 -10.45 -5.41 -7.92
N ILE A 99 -10.15 -5.39 -6.63
CA ILE A 99 -10.05 -4.14 -5.89
C ILE A 99 -8.72 -3.47 -6.21
N LEU A 100 -7.67 -4.27 -6.23
CA LEU A 100 -6.34 -3.76 -6.52
C LEU A 100 -6.26 -3.40 -8.00
N LYS A 101 -6.56 -4.37 -8.84
CA LYS A 101 -6.52 -4.16 -10.28
C LYS A 101 -7.10 -2.79 -10.62
N GLY A 102 -8.42 -2.74 -10.71
CA GLY A 102 -9.10 -1.50 -11.02
C GLY A 102 -9.80 -1.57 -12.38
N GLU A 103 -10.91 -2.28 -12.39
CA GLU A 103 -11.68 -2.45 -13.62
C GLU A 103 -11.94 -1.08 -14.27
N SER A 104 -11.53 -0.98 -15.53
CA SER A 104 -11.70 0.25 -16.27
C SER A 104 -13.18 0.45 -16.63
N GLY A 105 -13.74 1.52 -16.11
CA GLY A 105 -15.14 1.84 -16.36
C GLY A 105 -15.29 2.71 -17.61
N PRO A 106 -14.92 4.00 -17.46
CA PRO A 106 -15.02 4.94 -18.57
C PRO A 106 -13.89 4.71 -19.58
N SER A 107 -14.17 5.04 -20.83
CA SER A 107 -13.21 4.88 -21.90
C SER A 107 -12.84 6.24 -22.48
N SER A 108 -11.54 6.45 -22.65
CA SER A 108 -11.05 7.70 -23.20
C SER A 108 -9.87 7.44 -24.13
N GLY A 109 -9.56 8.43 -24.96
CA GLY A 109 -8.46 8.31 -25.89
C GLY A 109 -8.61 7.07 -26.77
N GLY A 1 25.71 19.47 -9.24
CA GLY A 1 24.34 19.32 -8.77
C GLY A 1 24.22 18.16 -7.77
N SER A 2 22.99 17.73 -7.57
CA SER A 2 22.72 16.63 -6.65
C SER A 2 21.61 15.75 -7.19
N SER A 3 20.46 16.37 -7.43
CA SER A 3 19.31 15.65 -7.96
C SER A 3 18.83 14.63 -6.93
N GLY A 4 17.51 14.48 -6.86
CA GLY A 4 16.91 13.54 -5.93
C GLY A 4 15.39 13.76 -5.83
N SER A 5 14.95 14.04 -4.62
CA SER A 5 13.53 14.26 -4.38
C SER A 5 12.73 13.02 -4.76
N SER A 6 12.76 12.04 -3.86
CA SER A 6 12.05 10.79 -4.09
C SER A 6 10.64 11.09 -4.59
N GLY A 7 9.89 11.84 -3.79
CA GLY A 7 8.53 12.20 -4.14
C GLY A 7 7.53 11.31 -3.42
N LEU A 8 6.70 11.93 -2.59
CA LEU A 8 5.69 11.21 -1.84
C LEU A 8 4.65 10.65 -2.81
N LYS A 9 3.93 11.56 -3.44
CA LYS A 9 2.90 11.17 -4.39
C LYS A 9 3.46 10.12 -5.34
N VAL A 10 4.65 10.38 -5.83
CA VAL A 10 5.31 9.47 -6.75
C VAL A 10 5.42 8.09 -6.10
N LEU A 11 5.85 8.10 -4.84
CA LEU A 11 6.01 6.87 -4.09
C LEU A 11 4.68 6.09 -4.12
N THR A 12 3.64 6.74 -3.62
CA THR A 12 2.33 6.14 -3.58
C THR A 12 1.84 5.81 -5.00
N ASN A 13 2.49 6.43 -5.97
CA ASN A 13 2.15 6.22 -7.36
C ASN A 13 3.34 5.58 -8.09
N LYS A 14 4.13 4.85 -7.32
CA LYS A 14 5.30 4.19 -7.88
C LYS A 14 4.86 2.90 -8.58
N ALA A 15 4.30 2.00 -7.78
CA ALA A 15 3.84 0.72 -8.31
C ALA A 15 2.31 0.65 -8.20
N SER A 16 1.72 -0.13 -9.09
CA SER A 16 0.28 -0.29 -9.10
C SER A 16 -0.25 -0.47 -7.67
N VAL A 17 0.37 -1.40 -6.96
CA VAL A 17 -0.01 -1.67 -5.59
C VAL A 17 1.13 -1.27 -4.65
N MET A 18 0.85 -0.25 -3.84
CA MET A 18 1.83 0.24 -2.90
C MET A 18 1.50 -0.20 -1.48
N LEU A 19 2.53 -0.65 -0.77
CA LEU A 19 2.35 -1.11 0.60
C LEU A 19 3.44 -0.49 1.47
N PHE A 20 3.04 0.50 2.26
CA PHE A 20 3.97 1.18 3.15
C PHE A 20 3.90 0.61 4.56
N MET A 21 5.05 0.21 5.07
CA MET A 21 5.14 -0.36 6.40
C MET A 21 6.57 -0.30 6.94
N LYS A 22 6.67 -0.26 8.25
CA LYS A 22 7.97 -0.20 8.90
C LYS A 22 8.54 -1.62 9.00
N GLY A 23 9.67 -1.81 8.34
CA GLY A 23 10.33 -3.12 8.34
C GLY A 23 10.81 -3.50 6.94
N ASN A 24 9.98 -3.15 5.96
CA ASN A 24 10.31 -3.45 4.57
C ASN A 24 10.32 -4.97 4.38
N LYS A 25 10.13 -5.37 3.13
CA LYS A 25 10.11 -6.78 2.80
C LYS A 25 11.28 -7.48 3.50
N GLN A 26 12.41 -6.79 3.52
CA GLN A 26 13.60 -7.33 4.15
C GLN A 26 13.25 -7.95 5.51
N GLU A 27 12.51 -7.18 6.29
CA GLU A 27 12.11 -7.63 7.61
C GLU A 27 10.86 -6.87 8.07
N ALA A 28 9.71 -7.53 7.91
CA ALA A 28 8.46 -6.93 8.30
C ALA A 28 8.30 -7.02 9.82
N LYS A 29 7.75 -8.14 10.26
CA LYS A 29 7.54 -8.36 11.68
C LYS A 29 7.34 -7.01 12.38
N CYS A 30 6.11 -6.52 12.32
CA CYS A 30 5.78 -5.25 12.95
C CYS A 30 4.26 -5.08 12.91
N GLY A 31 3.60 -5.81 13.79
CA GLY A 31 2.15 -5.76 13.88
C GLY A 31 1.50 -6.16 12.55
N PHE A 32 1.19 -7.45 12.45
CA PHE A 32 0.58 -7.98 11.25
C PHE A 32 1.10 -7.27 10.00
N SER A 33 2.40 -7.38 9.79
CA SER A 33 3.04 -6.76 8.65
C SER A 33 3.07 -7.72 7.47
N LYS A 34 3.92 -8.74 7.59
CA LYS A 34 4.04 -9.73 6.54
C LYS A 34 2.66 -10.11 6.03
N GLN A 35 1.70 -10.14 6.95
CA GLN A 35 0.33 -10.48 6.60
C GLN A 35 -0.09 -9.75 5.33
N ILE A 36 -0.35 -8.46 5.49
CA ILE A 36 -0.76 -7.64 4.37
C ILE A 36 0.07 -7.99 3.14
N LEU A 37 1.37 -8.05 3.34
CA LEU A 37 2.29 -8.38 2.26
C LEU A 37 1.85 -9.70 1.62
N GLU A 38 1.71 -10.71 2.46
CA GLU A 38 1.30 -12.03 1.99
C GLU A 38 0.02 -11.91 1.16
N ILE A 39 -0.96 -11.22 1.71
CA ILE A 39 -2.23 -11.03 1.03
C ILE A 39 -1.99 -10.27 -0.28
N LEU A 40 -1.20 -9.21 -0.17
CA LEU A 40 -0.89 -8.39 -1.32
C LEU A 40 -0.31 -9.27 -2.43
N ASN A 41 0.34 -10.35 -2.00
CA ASN A 41 0.95 -11.28 -2.94
C ASN A 41 -0.12 -12.27 -3.43
N SER A 42 -0.81 -12.86 -2.47
CA SER A 42 -1.86 -13.82 -2.79
C SER A 42 -2.64 -13.36 -4.01
N THR A 43 -3.12 -12.12 -3.93
CA THR A 43 -3.90 -11.54 -5.01
C THR A 43 -3.31 -11.96 -6.36
N GLY A 44 -1.99 -12.05 -6.40
CA GLY A 44 -1.30 -12.44 -7.62
C GLY A 44 -0.83 -11.20 -8.40
N VAL A 45 -1.39 -10.06 -8.02
CA VAL A 45 -1.03 -8.82 -8.68
C VAL A 45 0.40 -8.44 -8.32
N GLU A 46 0.78 -7.23 -8.71
CA GLU A 46 2.12 -6.74 -8.43
C GLU A 46 2.07 -5.53 -7.50
N TYR A 47 2.99 -5.50 -6.55
CA TYR A 47 3.05 -4.41 -5.60
C TYR A 47 4.49 -4.19 -5.12
N GLU A 48 4.68 -3.08 -4.41
CA GLU A 48 5.99 -2.74 -3.89
C GLU A 48 5.88 -2.27 -2.44
N THR A 49 7.03 -2.24 -1.78
CA THR A 49 7.07 -1.81 -0.39
C THR A 49 8.05 -0.65 -0.22
N PHE A 50 7.85 0.09 0.86
CA PHE A 50 8.71 1.23 1.15
C PHE A 50 9.08 1.29 2.63
N ASP A 51 10.12 2.05 2.93
CA ASP A 51 10.59 2.19 4.30
C ASP A 51 10.12 3.54 4.85
N ILE A 52 9.35 3.46 5.93
CA ILE A 52 8.83 4.66 6.56
C ILE A 52 9.78 5.08 7.69
N LEU A 53 10.62 4.14 8.10
CA LEU A 53 11.58 4.41 9.16
C LEU A 53 12.75 5.22 8.60
N GLU A 54 13.42 4.63 7.62
CA GLU A 54 14.55 5.28 6.99
C GLU A 54 14.24 6.76 6.75
N ASP A 55 13.18 6.99 6.00
CA ASP A 55 12.76 8.35 5.68
C ASP A 55 11.58 8.74 6.58
N GLU A 56 11.88 9.58 7.57
CA GLU A 56 10.85 10.02 8.49
C GLU A 56 9.97 11.09 7.83
N GLU A 57 10.64 12.00 7.13
CA GLU A 57 9.94 13.07 6.44
C GLU A 57 8.80 12.51 5.60
N VAL A 58 9.11 11.47 4.85
CA VAL A 58 8.13 10.82 3.99
C VAL A 58 7.00 10.26 4.86
N ARG A 59 7.41 9.58 5.93
CA ARG A 59 6.45 8.98 6.84
C ARG A 59 5.43 10.03 7.30
N GLN A 60 5.91 10.97 8.10
CA GLN A 60 5.06 12.02 8.62
C GLN A 60 4.29 12.70 7.48
N GLY A 61 4.98 12.83 6.35
CA GLY A 61 4.38 13.45 5.17
C GLY A 61 3.31 12.55 4.57
N LEU A 62 3.37 11.28 4.92
CA LEU A 62 2.42 10.31 4.42
C LEU A 62 1.18 10.31 5.33
N LYS A 63 1.40 9.93 6.57
CA LYS A 63 0.31 9.88 7.53
C LYS A 63 -0.56 11.13 7.39
N THR A 64 0.12 12.26 7.20
CA THR A 64 -0.58 13.53 7.05
C THR A 64 -1.30 13.58 5.70
N PHE A 65 -0.65 13.03 4.69
CA PHE A 65 -1.22 13.00 3.35
C PHE A 65 -2.65 12.46 3.38
N SER A 66 -2.80 11.32 4.02
CA SER A 66 -4.10 10.69 4.12
C SER A 66 -4.61 10.78 5.57
N ASN A 67 -3.95 11.61 6.35
CA ASN A 67 -4.32 11.79 7.74
C ASN A 67 -4.69 10.44 8.35
N TRP A 68 -3.97 9.42 7.92
CA TRP A 68 -4.20 8.08 8.41
C TRP A 68 -2.86 7.52 8.91
N PRO A 69 -2.47 7.96 10.13
CA PRO A 69 -1.22 7.52 10.73
C PRO A 69 -1.35 6.09 11.26
N THR A 70 -2.22 5.32 10.62
CA THR A 70 -2.45 3.95 11.02
C THR A 70 -1.98 2.99 9.92
N TYR A 71 -0.74 2.53 10.07
CA TYR A 71 -0.17 1.61 9.11
C TYR A 71 -0.41 0.16 9.52
N PRO A 72 -0.22 -0.75 8.54
CA PRO A 72 0.18 -0.34 7.20
C PRO A 72 -0.99 0.28 6.45
N GLN A 73 -0.72 0.62 5.19
CA GLN A 73 -1.75 1.23 4.35
C GLN A 73 -1.45 0.95 2.87
N LEU A 74 -2.52 0.75 2.12
CA LEU A 74 -2.40 0.48 0.70
C LEU A 74 -2.95 1.65 -0.10
N TYR A 75 -2.37 1.88 -1.26
CA TYR A 75 -2.79 2.96 -2.13
C TYR A 75 -2.92 2.50 -3.57
N VAL A 76 -4.08 2.77 -4.16
CA VAL A 76 -4.34 2.38 -5.52
C VAL A 76 -4.88 3.59 -6.30
N ARG A 77 -4.59 3.60 -7.59
CA ARG A 77 -5.05 4.68 -8.45
C ARG A 77 -6.47 5.11 -8.06
N GLY A 78 -7.23 4.14 -7.58
CA GLY A 78 -8.60 4.40 -7.17
C GLY A 78 -8.63 5.32 -5.94
N ASP A 79 -8.99 4.72 -4.80
CA ASP A 79 -9.07 5.46 -3.56
C ASP A 79 -8.28 4.72 -2.48
N LEU A 80 -7.99 5.44 -1.41
CA LEU A 80 -7.25 4.87 -0.30
C LEU A 80 -8.01 3.66 0.25
N VAL A 81 -7.62 2.48 -0.24
CA VAL A 81 -8.26 1.25 0.19
C VAL A 81 -8.42 1.26 1.70
N GLY A 82 -7.29 1.13 2.39
CA GLY A 82 -7.30 1.12 3.85
C GLY A 82 -6.05 0.42 4.39
N GLY A 83 -6.18 -0.05 5.62
CA GLY A 83 -5.08 -0.75 6.28
C GLY A 83 -5.27 -2.26 6.20
N LEU A 84 -4.31 -2.97 6.79
CA LEU A 84 -4.35 -4.43 6.79
C LEU A 84 -5.78 -4.89 7.12
N ASP A 85 -6.21 -4.55 8.33
CA ASP A 85 -7.54 -4.93 8.78
C ASP A 85 -8.53 -4.73 7.64
N ILE A 86 -8.36 -3.63 6.94
CA ILE A 86 -9.23 -3.30 5.82
C ILE A 86 -8.95 -4.28 4.66
N VAL A 87 -7.76 -4.15 4.11
CA VAL A 87 -7.35 -5.01 3.01
C VAL A 87 -7.86 -6.43 3.26
N LYS A 88 -7.41 -7.00 4.36
CA LYS A 88 -7.80 -8.36 4.72
C LYS A 88 -9.30 -8.52 4.47
N GLU A 89 -10.06 -7.53 4.92
CA GLU A 89 -11.51 -7.57 4.74
C GLU A 89 -11.85 -7.79 3.27
N LEU A 90 -11.39 -6.86 2.44
CA LEU A 90 -11.65 -6.95 1.02
C LEU A 90 -11.30 -8.36 0.52
N LYS A 91 -10.07 -8.75 0.78
CA LYS A 91 -9.59 -10.07 0.37
C LYS A 91 -10.54 -11.13 0.91
N ASP A 92 -10.65 -11.17 2.23
CA ASP A 92 -11.52 -12.13 2.88
C ASP A 92 -12.86 -12.19 2.15
N ASN A 93 -13.48 -11.02 2.03
CA ASN A 93 -14.76 -10.93 1.36
C ASN A 93 -14.63 -11.46 -0.07
N GLY A 94 -13.60 -11.00 -0.75
CA GLY A 94 -13.34 -11.42 -2.11
C GLY A 94 -13.50 -10.26 -3.08
N GLU A 95 -13.11 -9.08 -2.61
CA GLU A 95 -13.19 -7.88 -3.43
C GLU A 95 -11.92 -7.04 -3.28
N LEU A 96 -10.79 -7.67 -3.63
CA LEU A 96 -9.51 -7.00 -3.53
C LEU A 96 -8.77 -7.14 -4.86
N LEU A 97 -8.81 -8.34 -5.41
CA LEU A 97 -8.15 -8.63 -6.67
C LEU A 97 -8.63 -7.62 -7.72
N PRO A 98 -9.98 -7.42 -7.75
CA PRO A 98 -10.58 -6.50 -8.70
C PRO A 98 -10.33 -5.05 -8.27
N ILE A 99 -10.00 -4.89 -7.00
CA ILE A 99 -9.74 -3.56 -6.46
C ILE A 99 -8.29 -3.19 -6.72
N LEU A 100 -7.43 -4.19 -6.66
CA LEU A 100 -6.00 -3.99 -6.88
C LEU A 100 -5.75 -3.80 -8.38
N LYS A 101 -6.19 -4.79 -9.14
CA LYS A 101 -6.02 -4.74 -10.59
C LYS A 101 -6.28 -3.32 -11.09
N GLY A 102 -7.54 -2.93 -10.99
CA GLY A 102 -7.93 -1.59 -11.43
C GLY A 102 -9.41 -1.57 -11.84
N GLU A 103 -10.27 -1.42 -10.85
CA GLU A 103 -11.70 -1.37 -11.11
C GLU A 103 -12.07 -2.35 -12.22
N SER A 104 -12.04 -3.63 -11.88
CA SER A 104 -12.37 -4.68 -12.84
C SER A 104 -13.77 -5.20 -12.57
N GLY A 105 -14.51 -5.41 -13.66
CA GLY A 105 -15.86 -5.92 -13.55
C GLY A 105 -16.87 -4.76 -13.51
N PRO A 106 -17.54 -4.54 -14.67
CA PRO A 106 -18.53 -3.47 -14.77
C PRO A 106 -19.83 -3.87 -14.07
N SER A 107 -19.96 -3.40 -12.84
CA SER A 107 -21.14 -3.69 -12.06
C SER A 107 -21.25 -2.73 -10.87
N SER A 108 -22.12 -1.75 -11.02
CA SER A 108 -22.33 -0.76 -9.97
C SER A 108 -21.05 0.05 -9.78
N GLY A 109 -21.22 1.22 -9.16
CA GLY A 109 -20.08 2.09 -8.90
C GLY A 109 -19.52 1.87 -7.50
N GLY A 1 -3.26 14.85 -16.67
CA GLY A 1 -2.48 16.02 -16.29
C GLY A 1 -2.47 16.21 -14.78
N SER A 2 -1.33 16.66 -14.27
CA SER A 2 -1.17 16.88 -12.85
C SER A 2 -0.29 18.11 -12.61
N SER A 3 -0.72 18.94 -11.65
CA SER A 3 0.02 20.14 -11.31
C SER A 3 -0.16 20.46 -9.83
N GLY A 4 0.97 20.56 -9.15
CA GLY A 4 0.95 20.88 -7.72
C GLY A 4 1.87 19.94 -6.95
N SER A 5 1.49 19.68 -5.70
CA SER A 5 2.27 18.80 -4.85
C SER A 5 2.58 17.50 -5.58
N SER A 6 3.83 17.07 -5.43
CA SER A 6 4.27 15.84 -6.08
C SER A 6 5.44 15.22 -5.29
N GLY A 7 5.35 13.92 -5.10
CA GLY A 7 6.38 13.20 -4.37
C GLY A 7 5.79 12.00 -3.63
N LEU A 8 4.83 12.30 -2.77
CA LEU A 8 4.17 11.26 -1.99
C LEU A 8 3.25 10.45 -2.89
N LYS A 9 2.39 11.17 -3.61
CA LYS A 9 1.45 10.53 -4.51
C LYS A 9 2.20 9.59 -5.44
N VAL A 10 3.31 10.09 -5.98
CA VAL A 10 4.13 9.30 -6.88
C VAL A 10 4.56 8.01 -6.18
N LEU A 11 4.81 8.14 -4.89
CA LEU A 11 5.23 6.99 -4.09
C LEU A 11 4.07 6.01 -3.96
N THR A 12 2.96 6.53 -3.44
CA THR A 12 1.77 5.71 -3.26
C THR A 12 1.25 5.21 -4.61
N ASN A 13 1.75 5.83 -5.67
CA ASN A 13 1.36 5.46 -7.02
C ASN A 13 2.59 5.03 -7.81
N LYS A 14 3.61 4.61 -7.08
CA LYS A 14 4.85 4.18 -7.70
C LYS A 14 4.61 2.86 -8.44
N ALA A 15 4.19 1.87 -7.68
CA ALA A 15 3.91 0.56 -8.25
C ALA A 15 2.41 0.27 -8.19
N SER A 16 1.97 -0.62 -9.06
CA SER A 16 0.56 -0.98 -9.11
C SER A 16 -0.01 -1.08 -7.69
N VAL A 17 0.64 -1.91 -6.89
CA VAL A 17 0.20 -2.10 -5.51
C VAL A 17 1.29 -1.60 -4.57
N MET A 18 0.94 -0.57 -3.80
CA MET A 18 1.86 0.02 -2.85
C MET A 18 1.56 -0.45 -1.42
N LEU A 19 2.62 -0.70 -0.68
CA LEU A 19 2.48 -1.15 0.70
C LEU A 19 3.61 -0.56 1.53
N PHE A 20 3.26 0.45 2.32
CA PHE A 20 4.23 1.11 3.17
C PHE A 20 4.29 0.45 4.56
N MET A 21 5.36 -0.30 4.77
CA MET A 21 5.56 -0.99 6.04
C MET A 21 6.92 -0.66 6.65
N LYS A 22 7.06 -1.00 7.92
CA LYS A 22 8.31 -0.74 8.62
C LYS A 22 9.12 -2.03 8.71
N GLY A 23 10.35 -1.94 8.22
CA GLY A 23 11.25 -3.09 8.23
C GLY A 23 11.48 -3.60 6.81
N ASN A 24 10.61 -3.16 5.90
CA ASN A 24 10.72 -3.58 4.51
C ASN A 24 10.48 -5.08 4.41
N LYS A 25 10.25 -5.53 3.18
CA LYS A 25 10.00 -6.94 2.94
C LYS A 25 11.03 -7.78 3.69
N GLN A 26 12.27 -7.33 3.62
CA GLN A 26 13.36 -8.03 4.29
C GLN A 26 13.02 -8.23 5.77
N GLU A 27 12.63 -7.14 6.41
CA GLU A 27 12.29 -7.18 7.82
C GLU A 27 10.79 -6.99 8.00
N ALA A 28 10.11 -8.08 8.39
CA ALA A 28 8.68 -8.03 8.59
C ALA A 28 8.38 -8.26 10.09
N LYS A 29 9.12 -7.54 10.92
CA LYS A 29 8.94 -7.65 12.35
C LYS A 29 7.58 -7.08 12.74
N CYS A 30 6.53 -7.78 12.34
CA CYS A 30 5.18 -7.36 12.64
C CYS A 30 4.21 -8.34 11.98
N GLY A 31 2.98 -8.33 12.48
CA GLY A 31 1.96 -9.21 11.94
C GLY A 31 1.30 -8.60 10.70
N PHE A 32 0.84 -7.38 10.86
CA PHE A 32 0.19 -6.67 9.76
C PHE A 32 1.16 -6.47 8.59
N SER A 33 2.38 -6.10 8.94
CA SER A 33 3.41 -5.87 7.94
C SER A 33 3.55 -7.10 7.04
N LYS A 34 3.79 -8.23 7.67
CA LYS A 34 3.94 -9.48 6.93
C LYS A 34 2.58 -9.91 6.39
N GLN A 35 1.60 -9.92 7.27
CA GLN A 35 0.25 -10.30 6.90
C GLN A 35 -0.17 -9.58 5.61
N ILE A 36 -0.40 -8.28 5.75
CA ILE A 36 -0.81 -7.47 4.62
C ILE A 36 -0.02 -7.90 3.39
N LEU A 37 1.28 -8.06 3.57
CA LEU A 37 2.15 -8.46 2.48
C LEU A 37 1.67 -9.80 1.93
N GLU A 38 1.68 -10.80 2.80
CA GLU A 38 1.26 -12.15 2.40
C GLU A 38 -0.02 -12.06 1.56
N ILE A 39 -0.89 -11.13 1.94
CA ILE A 39 -2.13 -10.95 1.23
C ILE A 39 -1.87 -10.18 -0.07
N LEU A 40 -1.10 -9.11 0.06
CA LEU A 40 -0.77 -8.29 -1.09
C LEU A 40 -0.05 -9.14 -2.13
N ASN A 41 0.57 -10.22 -1.65
CA ASN A 41 1.30 -11.12 -2.52
C ASN A 41 0.35 -12.22 -3.01
N SER A 42 -0.45 -12.71 -2.09
CA SER A 42 -1.40 -13.76 -2.41
C SER A 42 -2.23 -13.37 -3.63
N THR A 43 -2.62 -12.10 -3.66
CA THR A 43 -3.41 -11.58 -4.76
C THR A 43 -2.91 -12.14 -6.09
N GLY A 44 -1.60 -12.34 -6.16
CA GLY A 44 -0.98 -12.86 -7.36
C GLY A 44 -0.67 -11.74 -8.35
N VAL A 45 -0.84 -10.51 -7.89
CA VAL A 45 -0.58 -9.35 -8.72
C VAL A 45 0.82 -8.81 -8.41
N GLU A 46 1.08 -7.60 -8.90
CA GLU A 46 2.36 -6.97 -8.67
C GLU A 46 2.23 -5.87 -7.60
N TYR A 47 3.16 -5.90 -6.66
CA TYR A 47 3.17 -4.92 -5.59
C TYR A 47 4.60 -4.58 -5.16
N GLU A 48 4.71 -3.52 -4.38
CA GLU A 48 6.01 -3.09 -3.90
C GLU A 48 5.90 -2.57 -2.46
N THR A 49 7.05 -2.26 -1.89
CA THR A 49 7.09 -1.76 -0.52
C THR A 49 7.97 -0.51 -0.44
N PHE A 50 7.88 0.17 0.70
CA PHE A 50 8.65 1.38 0.92
C PHE A 50 9.14 1.45 2.36
N ASP A 51 10.22 2.20 2.54
CA ASP A 51 10.80 2.37 3.87
C ASP A 51 10.21 3.62 4.52
N ILE A 52 9.42 3.39 5.56
CA ILE A 52 8.79 4.48 6.28
C ILE A 52 9.69 4.91 7.45
N LEU A 53 10.61 4.01 7.80
CA LEU A 53 11.54 4.28 8.88
C LEU A 53 12.70 5.13 8.36
N GLU A 54 13.45 4.55 7.44
CA GLU A 54 14.59 5.24 6.86
C GLU A 54 14.24 6.70 6.58
N ASP A 55 13.16 6.88 5.82
CA ASP A 55 12.72 8.22 5.48
C ASP A 55 11.65 8.67 6.47
N GLU A 56 12.06 9.54 7.38
CA GLU A 56 11.15 10.05 8.39
C GLU A 56 10.25 11.15 7.80
N GLU A 57 10.84 11.91 6.88
CA GLU A 57 10.12 12.99 6.25
C GLU A 57 8.87 12.46 5.55
N VAL A 58 9.09 11.51 4.66
CA VAL A 58 7.99 10.90 3.92
C VAL A 58 7.02 10.24 4.90
N ARG A 59 7.60 9.66 5.94
CA ARG A 59 6.80 9.00 6.95
C ARG A 59 5.75 9.95 7.52
N GLN A 60 6.23 11.07 8.04
CA GLN A 60 5.35 12.07 8.61
C GLN A 60 4.59 12.81 7.51
N GLY A 61 5.21 12.84 6.33
CA GLY A 61 4.60 13.50 5.19
C GLY A 61 3.46 12.65 4.60
N LEU A 62 3.55 11.36 4.84
CA LEU A 62 2.54 10.44 4.35
C LEU A 62 1.38 10.37 5.34
N LYS A 63 1.71 9.97 6.56
CA LYS A 63 0.71 9.87 7.61
C LYS A 63 -0.09 11.15 7.68
N THR A 64 0.58 12.25 7.33
CA THR A 64 -0.07 13.55 7.34
C THR A 64 -0.91 13.74 6.09
N PHE A 65 -0.49 13.07 5.03
CA PHE A 65 -1.19 13.17 3.75
C PHE A 65 -2.27 12.08 3.65
N SER A 66 -2.18 11.11 4.53
CA SER A 66 -3.12 10.01 4.55
C SER A 66 -3.99 10.08 5.81
N ASN A 67 -3.38 10.61 6.87
CA ASN A 67 -4.09 10.74 8.13
C ASN A 67 -4.30 9.35 8.74
N TRP A 68 -3.33 8.48 8.49
CA TRP A 68 -3.40 7.12 9.00
C TRP A 68 -2.01 6.72 9.48
N PRO A 69 -1.57 7.35 10.60
CA PRO A 69 -0.26 7.06 11.16
C PRO A 69 -0.25 5.71 11.88
N THR A 70 -1.05 4.80 11.36
CA THR A 70 -1.15 3.47 11.93
C THR A 70 -0.32 2.47 11.11
N TYR A 71 -0.64 2.40 9.83
CA TYR A 71 0.05 1.50 8.93
C TYR A 71 -0.01 0.06 9.44
N PRO A 72 0.28 -0.90 8.52
CA PRO A 72 0.61 -0.53 7.15
C PRO A 72 -0.64 -0.11 6.38
N GLN A 73 -0.41 0.46 5.21
CA GLN A 73 -1.51 0.92 4.36
C GLN A 73 -1.30 0.44 2.92
N LEU A 74 -2.41 0.29 2.22
CA LEU A 74 -2.37 -0.15 0.84
C LEU A 74 -2.86 0.97 -0.07
N TYR A 75 -1.97 1.44 -0.92
CA TYR A 75 -2.30 2.52 -1.84
C TYR A 75 -2.25 2.03 -3.30
N VAL A 76 -3.33 2.30 -4.01
CA VAL A 76 -3.42 1.90 -5.40
C VAL A 76 -3.74 3.12 -6.26
N ARG A 77 -3.61 2.94 -7.57
CA ARG A 77 -3.87 4.01 -8.51
C ARG A 77 -5.09 4.83 -8.06
N GLY A 78 -6.10 4.11 -7.60
CA GLY A 78 -7.32 4.74 -7.13
C GLY A 78 -7.07 5.59 -5.88
N ASP A 79 -7.75 5.23 -4.81
CA ASP A 79 -7.60 5.94 -3.56
C ASP A 79 -7.23 4.94 -2.45
N LEU A 80 -6.88 5.49 -1.30
CA LEU A 80 -6.50 4.68 -0.16
C LEU A 80 -7.47 3.49 -0.04
N VAL A 81 -6.90 2.30 -0.09
CA VAL A 81 -7.70 1.08 0.00
C VAL A 81 -8.15 0.90 1.46
N GLY A 82 -7.23 1.12 2.37
CA GLY A 82 -7.52 0.98 3.78
C GLY A 82 -6.47 0.10 4.48
N GLY A 83 -6.46 0.19 5.80
CA GLY A 83 -5.53 -0.59 6.59
C GLY A 83 -5.73 -2.09 6.36
N LEU A 84 -4.91 -2.88 7.06
CA LEU A 84 -5.00 -4.32 6.94
C LEU A 84 -6.43 -4.78 7.21
N ASP A 85 -6.99 -4.26 8.29
CA ASP A 85 -8.34 -4.61 8.67
C ASP A 85 -9.27 -4.41 7.46
N ILE A 86 -8.89 -3.46 6.63
CA ILE A 86 -9.68 -3.15 5.43
C ILE A 86 -9.27 -4.12 4.31
N VAL A 87 -8.02 -4.01 3.92
CA VAL A 87 -7.49 -4.86 2.86
C VAL A 87 -8.03 -6.28 3.03
N LYS A 88 -7.64 -6.89 4.14
CA LYS A 88 -8.08 -8.25 4.45
C LYS A 88 -9.58 -8.37 4.16
N GLU A 89 -10.33 -7.42 4.69
CA GLU A 89 -11.77 -7.42 4.49
C GLU A 89 -12.11 -7.71 3.04
N LEU A 90 -11.55 -6.90 2.15
CA LEU A 90 -11.79 -7.08 0.73
C LEU A 90 -11.33 -8.47 0.30
N LYS A 91 -10.02 -8.70 0.42
CA LYS A 91 -9.44 -9.98 0.05
C LYS A 91 -10.36 -11.10 0.53
N ASP A 92 -10.63 -11.10 1.82
CA ASP A 92 -11.49 -12.11 2.42
C ASP A 92 -12.78 -12.22 1.59
N ASN A 93 -13.45 -11.09 1.46
CA ASN A 93 -14.69 -11.05 0.70
C ASN A 93 -14.44 -11.58 -0.70
N GLY A 94 -13.34 -11.14 -1.28
CA GLY A 94 -12.98 -11.57 -2.63
C GLY A 94 -13.19 -10.45 -3.64
N GLU A 95 -12.97 -9.23 -3.17
CA GLU A 95 -13.14 -8.06 -4.02
C GLU A 95 -11.97 -7.09 -3.82
N LEU A 96 -10.78 -7.65 -3.81
CA LEU A 96 -9.58 -6.86 -3.63
C LEU A 96 -8.76 -6.88 -4.93
N LEU A 97 -8.73 -8.04 -5.55
CA LEU A 97 -7.99 -8.21 -6.79
C LEU A 97 -8.43 -7.15 -7.79
N PRO A 98 -9.78 -6.97 -7.89
CA PRO A 98 -10.34 -5.99 -8.80
C PRO A 98 -10.16 -4.56 -8.26
N ILE A 99 -9.77 -4.50 -6.99
CA ILE A 99 -9.55 -3.21 -6.35
C ILE A 99 -8.08 -2.80 -6.50
N LEU A 100 -7.22 -3.81 -6.56
CA LEU A 100 -5.80 -3.57 -6.71
C LEU A 100 -5.47 -3.35 -8.18
N LYS A 101 -5.88 -4.30 -9.01
CA LYS A 101 -5.64 -4.21 -10.44
C LYS A 101 -6.09 -2.85 -10.95
N GLY A 102 -7.35 -2.54 -10.70
CA GLY A 102 -7.92 -1.28 -11.11
C GLY A 102 -8.95 -1.47 -12.23
N GLU A 103 -10.18 -1.69 -11.82
CA GLU A 103 -11.27 -1.90 -12.76
C GLU A 103 -11.86 -0.55 -13.20
N SER A 104 -12.70 -0.62 -14.22
CA SER A 104 -13.34 0.58 -14.74
C SER A 104 -14.86 0.37 -14.82
N GLY A 105 -15.58 1.47 -14.73
CA GLY A 105 -17.03 1.43 -14.80
C GLY A 105 -17.66 1.69 -13.43
N PRO A 106 -18.09 2.97 -13.23
CA PRO A 106 -18.71 3.36 -11.97
C PRO A 106 -20.13 2.81 -11.86
N SER A 107 -20.78 2.70 -13.01
CA SER A 107 -22.14 2.19 -13.06
C SER A 107 -23.07 3.13 -12.31
N SER A 108 -23.04 3.02 -10.99
CA SER A 108 -23.87 3.86 -10.14
C SER A 108 -23.04 4.99 -9.54
N GLY A 109 -23.38 6.21 -9.94
CA GLY A 109 -22.68 7.39 -9.46
C GLY A 109 -22.80 8.55 -10.46
N GLY A 1 8.51 18.19 -18.68
CA GLY A 1 9.16 17.26 -17.77
C GLY A 1 8.92 17.67 -16.31
N SER A 2 8.90 16.67 -15.45
CA SER A 2 8.68 16.90 -14.03
C SER A 2 9.90 16.44 -13.24
N SER A 3 10.64 17.42 -12.73
CA SER A 3 11.83 17.13 -11.95
C SER A 3 11.72 17.78 -10.57
N GLY A 4 12.61 17.37 -9.68
CA GLY A 4 12.62 17.89 -8.33
C GLY A 4 13.57 17.10 -7.43
N SER A 5 13.00 16.49 -6.41
CA SER A 5 13.78 15.70 -5.47
C SER A 5 12.85 14.93 -4.53
N SER A 6 11.91 15.65 -3.96
CA SER A 6 10.96 15.05 -3.05
C SER A 6 9.68 14.64 -3.80
N GLY A 7 9.35 13.37 -3.68
CA GLY A 7 8.17 12.85 -4.35
C GLY A 7 7.44 11.83 -3.45
N LEU A 8 6.26 12.24 -3.00
CA LEU A 8 5.46 11.39 -2.15
C LEU A 8 4.46 10.60 -3.00
N LYS A 9 3.54 11.32 -3.61
CA LYS A 9 2.53 10.71 -4.45
C LYS A 9 3.21 9.73 -5.42
N VAL A 10 4.29 10.21 -6.03
CA VAL A 10 5.04 9.39 -6.98
C VAL A 10 5.44 8.08 -6.30
N LEU A 11 5.83 8.19 -5.05
CA LEU A 11 6.25 7.03 -4.28
C LEU A 11 5.05 6.11 -4.08
N THR A 12 3.94 6.71 -3.64
CA THR A 12 2.73 5.95 -3.41
C THR A 12 2.19 5.38 -4.73
N ASN A 13 2.72 5.91 -5.81
CA ASN A 13 2.30 5.47 -7.14
C ASN A 13 3.52 4.93 -7.90
N LYS A 14 4.41 4.29 -7.15
CA LYS A 14 5.61 3.72 -7.74
C LYS A 14 5.25 2.44 -8.49
N ALA A 15 4.79 1.46 -7.74
CA ALA A 15 4.41 0.19 -8.32
C ALA A 15 2.89 0.09 -8.35
N SER A 16 2.41 -0.84 -9.17
CA SER A 16 0.97 -1.05 -9.31
C SER A 16 0.31 -1.05 -7.93
N VAL A 17 0.99 -1.68 -6.98
CA VAL A 17 0.48 -1.76 -5.62
C VAL A 17 1.58 -1.34 -4.65
N MET A 18 1.33 -0.25 -3.95
CA MET A 18 2.28 0.27 -2.98
C MET A 18 1.94 -0.21 -1.56
N LEU A 19 2.97 -0.67 -0.87
CA LEU A 19 2.81 -1.16 0.49
C LEU A 19 3.81 -0.46 1.41
N PHE A 20 3.30 0.46 2.20
CA PHE A 20 4.14 1.21 3.13
C PHE A 20 4.09 0.58 4.53
N MET A 21 5.26 0.16 5.00
CA MET A 21 5.36 -0.43 6.32
C MET A 21 6.76 -0.26 6.90
N LYS A 22 6.91 -0.66 8.15
CA LYS A 22 8.18 -0.56 8.83
C LYS A 22 8.94 -1.88 8.72
N GLY A 23 9.96 -1.88 7.89
CA GLY A 23 10.77 -3.07 7.69
C GLY A 23 10.79 -3.47 6.21
N ASN A 24 9.70 -3.14 5.53
CA ASN A 24 9.58 -3.45 4.11
C ASN A 24 9.73 -4.96 3.92
N LYS A 25 9.40 -5.41 2.72
CA LYS A 25 9.49 -6.82 2.39
C LYS A 25 10.78 -7.39 3.00
N GLN A 26 11.81 -6.58 2.99
CA GLN A 26 13.10 -7.00 3.53
C GLN A 26 12.93 -7.44 4.99
N GLU A 27 12.26 -6.61 5.76
CA GLU A 27 12.02 -6.90 7.17
C GLU A 27 10.54 -6.81 7.49
N ALA A 28 10.01 -7.89 8.04
CA ALA A 28 8.60 -7.94 8.39
C ALA A 28 8.40 -8.94 9.53
N LYS A 29 7.23 -9.57 9.53
CA LYS A 29 6.90 -10.55 10.54
C LYS A 29 6.80 -9.86 11.91
N CYS A 30 6.15 -8.70 11.90
CA CYS A 30 5.98 -7.93 13.12
C CYS A 30 4.99 -6.80 12.84
N GLY A 31 4.07 -6.60 13.78
CA GLY A 31 3.07 -5.56 13.63
C GLY A 31 2.09 -5.89 12.51
N PHE A 32 1.84 -7.18 12.34
CA PHE A 32 0.92 -7.64 11.31
C PHE A 32 1.32 -7.08 9.94
N SER A 33 2.62 -7.08 9.70
CA SER A 33 3.14 -6.58 8.43
C SER A 33 3.06 -7.67 7.36
N LYS A 34 3.90 -8.68 7.53
CA LYS A 34 3.94 -9.79 6.58
C LYS A 34 2.51 -10.09 6.12
N GLN A 35 1.58 -10.00 7.06
CA GLN A 35 0.18 -10.27 6.77
C GLN A 35 -0.23 -9.57 5.46
N ILE A 36 -0.22 -8.25 5.51
CA ILE A 36 -0.60 -7.46 4.35
C ILE A 36 0.19 -7.96 3.13
N LEU A 37 1.46 -8.26 3.36
CA LEU A 37 2.32 -8.75 2.29
C LEU A 37 1.75 -10.06 1.74
N GLU A 38 1.68 -11.05 2.63
CA GLU A 38 1.15 -12.35 2.25
C GLU A 38 -0.08 -12.19 1.36
N ILE A 39 -0.97 -11.31 1.79
CA ILE A 39 -2.19 -11.05 1.05
C ILE A 39 -1.86 -10.28 -0.23
N LEU A 40 -1.06 -9.24 -0.06
CA LEU A 40 -0.65 -8.42 -1.19
C LEU A 40 -0.11 -9.31 -2.30
N ASN A 41 0.39 -10.47 -1.89
CA ASN A 41 0.94 -11.43 -2.85
C ASN A 41 -0.18 -12.34 -3.35
N SER A 42 -0.96 -12.84 -2.41
CA SER A 42 -2.06 -13.73 -2.74
C SER A 42 -2.84 -13.16 -3.93
N THR A 43 -3.12 -11.88 -3.87
CA THR A 43 -3.85 -11.21 -4.93
C THR A 43 -3.33 -11.66 -6.30
N GLY A 44 -2.02 -11.88 -6.35
CA GLY A 44 -1.38 -12.30 -7.59
C GLY A 44 -0.87 -11.10 -8.38
N VAL A 45 -1.31 -9.92 -7.96
CA VAL A 45 -0.90 -8.69 -8.62
C VAL A 45 0.54 -8.36 -8.25
N GLU A 46 0.99 -7.20 -8.70
CA GLU A 46 2.34 -6.76 -8.41
C GLU A 46 2.32 -5.57 -7.45
N TYR A 47 3.28 -5.56 -6.53
CA TYR A 47 3.38 -4.49 -5.56
C TYR A 47 4.83 -4.27 -5.12
N GLU A 48 5.03 -3.26 -4.30
CA GLU A 48 6.36 -2.93 -3.81
C GLU A 48 6.28 -2.43 -2.37
N THR A 49 7.45 -2.31 -1.75
CA THR A 49 7.53 -1.84 -0.38
C THR A 49 8.46 -0.63 -0.28
N PHE A 50 8.27 0.15 0.77
CA PHE A 50 9.09 1.33 1.00
C PHE A 50 9.45 1.46 2.48
N ASP A 51 10.43 2.32 2.73
CA ASP A 51 10.89 2.55 4.09
C ASP A 51 10.19 3.79 4.64
N ILE A 52 9.48 3.60 5.74
CA ILE A 52 8.75 4.68 6.37
C ILE A 52 9.60 5.25 7.51
N LEU A 53 10.54 4.42 7.98
CA LEU A 53 11.40 4.82 9.07
C LEU A 53 12.58 5.62 8.51
N GLU A 54 13.35 4.96 7.64
CA GLU A 54 14.50 5.60 7.04
C GLU A 54 14.18 7.06 6.69
N ASP A 55 13.08 7.24 5.98
CA ASP A 55 12.65 8.58 5.59
C ASP A 55 11.43 8.98 6.41
N GLU A 56 11.69 9.69 7.50
CA GLU A 56 10.63 10.15 8.37
C GLU A 56 9.74 11.17 7.65
N GLU A 57 10.38 12.23 7.16
CA GLU A 57 9.67 13.27 6.45
C GLU A 57 8.58 12.66 5.56
N VAL A 58 9.00 11.69 4.76
CA VAL A 58 8.07 11.02 3.86
C VAL A 58 6.91 10.43 4.67
N ARG A 59 7.28 9.72 5.73
CA ARG A 59 6.28 9.09 6.58
C ARG A 59 5.27 10.15 7.07
N GLN A 60 5.77 11.05 7.90
CA GLN A 60 4.94 12.11 8.44
C GLN A 60 4.10 12.75 7.34
N GLY A 61 4.75 12.95 6.19
CA GLY A 61 4.08 13.55 5.05
C GLY A 61 3.09 12.57 4.41
N LEU A 62 3.36 11.29 4.62
CA LEU A 62 2.49 10.25 4.08
C LEU A 62 1.22 10.15 4.92
N LYS A 63 1.42 9.85 6.20
CA LYS A 63 0.31 9.72 7.11
C LYS A 63 -0.59 10.96 7.01
N THR A 64 0.06 12.10 6.80
CA THR A 64 -0.64 13.35 6.68
C THR A 64 -1.32 13.47 5.31
N PHE A 65 -0.75 12.74 4.35
CA PHE A 65 -1.27 12.74 3.00
C PHE A 65 -2.70 12.18 2.97
N SER A 66 -2.91 11.13 3.75
CA SER A 66 -4.21 10.50 3.82
C SER A 66 -4.71 10.50 5.25
N ASN A 67 -4.04 11.26 6.10
CA ASN A 67 -4.40 11.36 7.50
C ASN A 67 -4.64 9.95 8.05
N TRP A 68 -3.81 9.02 7.60
CA TRP A 68 -3.92 7.64 8.04
C TRP A 68 -2.53 7.18 8.48
N PRO A 69 -2.16 7.59 9.73
CA PRO A 69 -0.87 7.21 10.28
C PRO A 69 -0.86 5.75 10.73
N THR A 70 -1.99 5.11 10.52
CA THR A 70 -2.13 3.70 10.90
C THR A 70 -1.59 2.81 9.78
N TYR A 71 -0.38 2.32 10.00
CA TYR A 71 0.25 1.44 9.02
C TYR A 71 0.24 -0.01 9.49
N PRO A 72 0.37 -0.94 8.51
CA PRO A 72 0.51 -0.54 7.12
C PRO A 72 -0.82 -0.07 6.54
N GLN A 73 -0.75 0.48 5.34
CA GLN A 73 -1.94 0.97 4.67
C GLN A 73 -1.86 0.71 3.16
N LEU A 74 -3.02 0.42 2.59
CA LEU A 74 -3.09 0.14 1.16
C LEU A 74 -3.43 1.43 0.40
N TYR A 75 -2.67 1.67 -0.66
CA TYR A 75 -2.89 2.86 -1.47
C TYR A 75 -3.16 2.48 -2.93
N VAL A 76 -4.27 3.00 -3.44
CA VAL A 76 -4.65 2.74 -4.81
C VAL A 76 -4.98 4.06 -5.51
N ARG A 77 -5.11 3.97 -6.84
CA ARG A 77 -5.42 5.15 -7.64
C ARG A 77 -6.88 5.54 -7.44
N GLY A 78 -7.22 5.88 -6.20
CA GLY A 78 -8.58 6.28 -5.88
C GLY A 78 -8.66 6.85 -4.46
N ASP A 79 -9.09 6.02 -3.54
CA ASP A 79 -9.22 6.42 -2.16
C ASP A 79 -8.50 5.41 -1.26
N LEU A 80 -7.81 5.94 -0.26
CA LEU A 80 -7.08 5.09 0.67
C LEU A 80 -7.98 3.94 1.13
N VAL A 81 -7.69 2.76 0.60
CA VAL A 81 -8.45 1.58 0.94
C VAL A 81 -8.46 1.40 2.46
N GLY A 82 -7.30 1.08 3.00
CA GLY A 82 -7.16 0.89 4.43
C GLY A 82 -5.93 0.02 4.74
N GLY A 83 -5.90 -0.48 5.96
CA GLY A 83 -4.80 -1.33 6.41
C GLY A 83 -5.16 -2.81 6.26
N LEU A 84 -4.32 -3.65 6.87
CA LEU A 84 -4.54 -5.08 6.81
C LEU A 84 -6.01 -5.38 7.12
N ASP A 85 -6.43 -5.02 8.32
CA ASP A 85 -7.80 -5.25 8.74
C ASP A 85 -8.75 -4.94 7.57
N ILE A 86 -8.36 -3.93 6.80
CA ILE A 86 -9.16 -3.52 5.65
C ILE A 86 -8.85 -4.44 4.47
N VAL A 87 -7.62 -4.33 3.98
CA VAL A 87 -7.20 -5.14 2.86
C VAL A 87 -7.74 -6.56 3.02
N LYS A 88 -7.51 -7.12 4.19
CA LYS A 88 -7.98 -8.46 4.49
C LYS A 88 -9.49 -8.53 4.29
N GLU A 89 -10.18 -7.58 4.89
CA GLU A 89 -11.63 -7.52 4.79
C GLU A 89 -12.07 -7.68 3.33
N LEU A 90 -11.57 -6.77 2.50
CA LEU A 90 -11.89 -6.80 1.08
C LEU A 90 -11.57 -8.18 0.51
N LYS A 91 -10.37 -8.65 0.83
CA LYS A 91 -9.92 -9.95 0.35
C LYS A 91 -10.97 -11.00 0.71
N ASP A 92 -11.12 -11.23 2.00
CA ASP A 92 -12.07 -12.21 2.48
C ASP A 92 -13.36 -12.10 1.66
N ASN A 93 -13.97 -10.93 1.75
CA ASN A 93 -15.20 -10.68 1.02
C ASN A 93 -15.02 -11.07 -0.45
N GLY A 94 -13.92 -10.59 -1.02
CA GLY A 94 -13.61 -10.89 -2.41
C GLY A 94 -13.73 -9.63 -3.28
N GLU A 95 -13.15 -8.55 -2.77
CA GLU A 95 -13.18 -7.29 -3.48
C GLU A 95 -11.87 -6.52 -3.27
N LEU A 96 -10.78 -7.18 -3.65
CA LEU A 96 -9.47 -6.58 -3.51
C LEU A 96 -8.71 -6.71 -4.85
N LEU A 97 -8.75 -7.91 -5.40
CA LEU A 97 -8.07 -8.17 -6.66
C LEU A 97 -8.53 -7.15 -7.70
N PRO A 98 -9.86 -6.93 -7.75
CA PRO A 98 -10.44 -5.97 -8.68
C PRO A 98 -10.19 -4.54 -8.23
N ILE A 99 -9.84 -4.41 -6.95
CA ILE A 99 -9.57 -3.10 -6.38
C ILE A 99 -8.11 -2.72 -6.63
N LEU A 100 -7.24 -3.71 -6.45
CA LEU A 100 -5.82 -3.51 -6.66
C LEU A 100 -5.54 -3.32 -8.16
N LYS A 101 -6.05 -4.26 -8.94
CA LYS A 101 -5.87 -4.21 -10.38
C LYS A 101 -6.10 -2.78 -10.87
N GLY A 102 -7.36 -2.42 -10.96
CA GLY A 102 -7.73 -1.09 -11.41
C GLY A 102 -8.87 -1.15 -12.43
N GLU A 103 -10.08 -1.24 -11.92
CA GLU A 103 -11.26 -1.32 -12.77
C GLU A 103 -11.55 0.05 -13.39
N SER A 104 -11.36 1.08 -12.57
CA SER A 104 -11.59 2.44 -13.03
C SER A 104 -10.28 3.23 -13.02
N GLY A 105 -10.03 3.89 -14.14
CA GLY A 105 -8.81 4.68 -14.28
C GLY A 105 -8.67 5.22 -15.70
N PRO A 106 -8.12 4.37 -16.59
CA PRO A 106 -7.92 4.74 -17.98
C PRO A 106 -9.24 4.73 -18.75
N SER A 107 -10.14 5.60 -18.32
CA SER A 107 -11.45 5.70 -18.95
C SER A 107 -11.28 5.95 -20.45
N SER A 108 -11.64 4.93 -21.23
CA SER A 108 -11.54 5.03 -22.68
C SER A 108 -12.73 4.32 -23.33
N GLY A 109 -12.84 3.03 -23.03
CA GLY A 109 -13.92 2.22 -23.58
C GLY A 109 -13.58 0.74 -23.52
N GLY A 1 8.39 16.73 -20.72
CA GLY A 1 8.13 15.55 -19.90
C GLY A 1 8.94 15.60 -18.59
N SER A 2 8.27 15.25 -17.51
CA SER A 2 8.91 15.25 -16.21
C SER A 2 8.22 14.25 -15.29
N SER A 3 8.71 13.01 -15.32
CA SER A 3 8.15 11.96 -14.51
C SER A 3 8.44 12.23 -13.03
N GLY A 4 9.72 12.42 -12.73
CA GLY A 4 10.15 12.68 -11.37
C GLY A 4 11.01 11.54 -10.83
N SER A 5 11.62 11.80 -9.68
CA SER A 5 12.48 10.81 -9.05
C SER A 5 12.05 10.60 -7.60
N SER A 6 11.99 11.70 -6.86
CA SER A 6 11.60 11.65 -5.47
C SER A 6 10.24 12.32 -5.27
N GLY A 7 9.62 12.05 -4.14
CA GLY A 7 8.33 12.61 -3.83
C GLY A 7 7.47 11.62 -3.03
N LEU A 8 6.35 12.13 -2.54
CA LEU A 8 5.43 11.31 -1.76
C LEU A 8 4.37 10.72 -2.70
N LYS A 9 3.55 11.61 -3.25
CA LYS A 9 2.49 11.19 -4.15
C LYS A 9 3.05 10.15 -5.12
N VAL A 10 4.19 10.49 -5.71
CA VAL A 10 4.83 9.60 -6.67
C VAL A 10 4.99 8.21 -6.03
N LEU A 11 5.37 8.21 -4.77
CA LEU A 11 5.57 6.97 -4.04
C LEU A 11 4.25 6.20 -4.00
N THR A 12 3.20 6.89 -3.58
CA THR A 12 1.89 6.28 -3.49
C THR A 12 1.35 5.95 -4.88
N ASN A 13 2.05 6.47 -5.89
CA ASN A 13 1.67 6.24 -7.27
C ASN A 13 2.85 5.64 -8.03
N LYS A 14 3.73 4.99 -7.28
CA LYS A 14 4.91 4.37 -7.88
C LYS A 14 4.49 3.07 -8.57
N ALA A 15 4.01 2.13 -7.77
CA ALA A 15 3.57 0.85 -8.29
C ALA A 15 2.05 0.77 -8.26
N SER A 16 1.51 -0.16 -9.04
CA SER A 16 0.07 -0.34 -9.10
C SER A 16 -0.50 -0.54 -7.69
N VAL A 17 0.22 -1.33 -6.90
CA VAL A 17 -0.19 -1.61 -5.54
C VAL A 17 0.92 -1.20 -4.58
N MET A 18 0.69 -0.10 -3.89
CA MET A 18 1.67 0.41 -2.93
C MET A 18 1.37 -0.11 -1.53
N LEU A 19 2.44 -0.39 -0.80
CA LEU A 19 2.31 -0.90 0.56
C LEU A 19 3.42 -0.30 1.43
N PHE A 20 3.00 0.55 2.37
CA PHE A 20 3.94 1.19 3.26
C PHE A 20 3.80 0.66 4.68
N MET A 21 4.84 0.01 5.16
CA MET A 21 4.85 -0.55 6.50
C MET A 21 6.24 -0.49 7.12
N LYS A 22 6.32 -0.96 8.36
CA LYS A 22 7.59 -0.96 9.07
C LYS A 22 8.26 -2.32 8.91
N GLY A 23 9.24 -2.37 8.02
CA GLY A 23 9.97 -3.61 7.76
C GLY A 23 10.29 -3.75 6.27
N ASN A 24 9.37 -3.26 5.45
CA ASN A 24 9.54 -3.33 4.01
C ASN A 24 9.73 -4.79 3.59
N LYS A 25 9.67 -5.02 2.29
CA LYS A 25 9.83 -6.36 1.75
C LYS A 25 11.17 -6.94 2.23
N GLN A 26 12.13 -6.04 2.41
CA GLN A 26 13.45 -6.45 2.87
C GLN A 26 13.33 -7.46 4.01
N GLU A 27 12.49 -7.11 4.97
CA GLU A 27 12.27 -7.98 6.13
C GLU A 27 11.23 -7.36 7.06
N ALA A 28 9.99 -7.80 6.87
CA ALA A 28 8.90 -7.31 7.68
C ALA A 28 9.37 -7.16 9.14
N LYS A 29 9.34 -8.28 9.85
CA LYS A 29 9.76 -8.30 11.24
C LYS A 29 8.84 -7.37 12.05
N CYS A 30 7.55 -7.47 11.76
CA CYS A 30 6.57 -6.66 12.46
C CYS A 30 5.62 -7.60 13.21
N GLY A 31 5.27 -8.69 12.55
CA GLY A 31 4.37 -9.66 13.15
C GLY A 31 2.97 -9.57 12.55
N PHE A 32 2.64 -8.36 12.11
CA PHE A 32 1.33 -8.12 11.52
C PHE A 32 1.47 -7.66 10.07
N SER A 33 2.17 -6.56 9.88
CA SER A 33 2.39 -6.00 8.56
C SER A 33 2.63 -7.13 7.56
N LYS A 34 3.61 -7.97 7.89
CA LYS A 34 3.94 -9.10 7.04
C LYS A 34 2.67 -9.67 6.42
N GLN A 35 1.63 -9.75 7.24
CA GLN A 35 0.36 -10.27 6.78
C GLN A 35 -0.06 -9.60 5.48
N ILE A 36 -0.29 -8.30 5.57
CA ILE A 36 -0.69 -7.52 4.41
C ILE A 36 0.19 -7.90 3.22
N LEU A 37 1.47 -8.02 3.50
CA LEU A 37 2.43 -8.38 2.46
C LEU A 37 2.09 -9.75 1.90
N GLU A 38 1.95 -10.71 2.82
CA GLU A 38 1.62 -12.07 2.42
C GLU A 38 0.41 -12.09 1.49
N ILE A 39 -0.61 -11.32 1.87
CA ILE A 39 -1.82 -11.24 1.08
C ILE A 39 -1.53 -10.45 -0.20
N LEU A 40 -0.88 -9.31 -0.02
CA LEU A 40 -0.54 -8.45 -1.14
C LEU A 40 0.17 -9.28 -2.21
N ASN A 41 0.76 -10.38 -1.77
CA ASN A 41 1.48 -11.27 -2.67
C ASN A 41 0.49 -12.28 -3.27
N SER A 42 -0.47 -12.68 -2.44
CA SER A 42 -1.48 -13.63 -2.87
C SER A 42 -2.12 -13.16 -4.18
N THR A 43 -2.49 -11.89 -4.21
CA THR A 43 -3.11 -11.31 -5.38
C THR A 43 -2.31 -11.66 -6.64
N GLY A 44 -0.99 -11.77 -6.45
CA GLY A 44 -0.11 -12.09 -7.56
C GLY A 44 -0.12 -10.99 -8.61
N VAL A 45 -0.52 -9.80 -8.18
CA VAL A 45 -0.57 -8.66 -9.07
C VAL A 45 0.70 -7.83 -8.91
N GLU A 46 0.69 -6.65 -9.52
CA GLU A 46 1.83 -5.76 -9.46
C GLU A 46 1.76 -4.89 -8.21
N TYR A 47 2.78 -5.00 -7.37
CA TYR A 47 2.84 -4.22 -6.14
C TYR A 47 4.29 -3.95 -5.74
N GLU A 48 4.43 -3.15 -4.70
CA GLU A 48 5.75 -2.79 -4.20
C GLU A 48 5.69 -2.49 -2.70
N THR A 49 6.83 -2.10 -2.16
CA THR A 49 6.92 -1.77 -0.75
C THR A 49 7.95 -0.67 -0.52
N PHE A 50 7.67 0.18 0.46
CA PHE A 50 8.56 1.28 0.79
C PHE A 50 8.95 1.24 2.27
N ASP A 51 9.95 2.04 2.59
CA ASP A 51 10.44 2.11 3.96
C ASP A 51 10.01 3.45 4.58
N ILE A 52 9.30 3.35 5.69
CA ILE A 52 8.82 4.54 6.38
C ILE A 52 9.80 4.90 7.50
N LEU A 53 10.47 3.87 8.00
CA LEU A 53 11.44 4.06 9.08
C LEU A 53 12.63 4.85 8.55
N GLU A 54 13.28 4.29 7.54
CA GLU A 54 14.43 4.94 6.93
C GLU A 54 14.18 6.44 6.79
N ASP A 55 13.19 6.77 5.97
CA ASP A 55 12.84 8.16 5.73
C ASP A 55 11.64 8.54 6.61
N GLU A 56 11.94 9.14 7.75
CA GLU A 56 10.90 9.54 8.68
C GLU A 56 10.07 10.68 8.08
N GLU A 57 10.77 11.61 7.43
CA GLU A 57 10.12 12.75 6.80
C GLU A 57 8.92 12.28 5.99
N VAL A 58 9.12 11.18 5.26
CA VAL A 58 8.07 10.63 4.43
C VAL A 58 7.02 9.97 5.33
N ARG A 59 7.49 9.19 6.28
CA ARG A 59 6.61 8.50 7.20
C ARG A 59 5.49 9.44 7.68
N GLN A 60 5.90 10.45 8.43
CA GLN A 60 4.96 11.42 8.95
C GLN A 60 4.17 12.06 7.80
N GLY A 61 4.86 12.24 6.69
CA GLY A 61 4.24 12.85 5.52
C GLY A 61 3.10 11.98 5.00
N LEU A 62 3.46 10.78 4.56
CA LEU A 62 2.47 9.85 4.04
C LEU A 62 1.29 9.77 5.01
N LYS A 63 1.61 9.49 6.26
CA LYS A 63 0.59 9.38 7.28
C LYS A 63 -0.32 10.62 7.23
N THR A 64 0.28 11.73 6.83
CA THR A 64 -0.46 12.97 6.73
C THR A 64 -1.17 13.06 5.39
N PHE A 65 -0.43 12.78 4.33
CA PHE A 65 -0.99 12.82 2.99
C PHE A 65 -2.26 11.98 2.90
N SER A 66 -2.35 10.99 3.76
CA SER A 66 -3.51 10.11 3.79
C SER A 66 -4.28 10.31 5.10
N ASN A 67 -3.54 10.65 6.15
CA ASN A 67 -4.13 10.87 7.45
C ASN A 67 -4.38 9.51 8.12
N TRP A 68 -3.43 8.60 7.93
CA TRP A 68 -3.53 7.28 8.51
C TRP A 68 -2.18 6.94 9.15
N PRO A 69 -1.85 7.67 10.24
CA PRO A 69 -0.61 7.45 10.94
C PRO A 69 -0.66 6.17 11.79
N THR A 70 -1.37 5.19 11.25
CA THR A 70 -1.51 3.92 11.94
C THR A 70 -0.78 2.82 11.16
N TYR A 71 -1.01 2.78 9.86
CA TYR A 71 -0.39 1.79 9.01
C TYR A 71 -0.67 0.37 9.52
N PRO A 72 -0.46 -0.61 8.60
CA PRO A 72 -0.01 -0.30 7.26
C PRO A 72 -1.13 0.29 6.41
N GLN A 73 -0.76 0.76 5.23
CA GLN A 73 -1.73 1.35 4.32
C GLN A 73 -1.38 1.00 2.88
N LEU A 74 -2.40 0.59 2.13
CA LEU A 74 -2.21 0.24 0.74
C LEU A 74 -2.76 1.35 -0.15
N TYR A 75 -2.17 1.45 -1.33
CA TYR A 75 -2.60 2.47 -2.29
C TYR A 75 -2.64 1.91 -3.71
N VAL A 76 -3.67 2.31 -4.44
CA VAL A 76 -3.84 1.86 -5.81
C VAL A 76 -4.27 3.05 -6.68
N ARG A 77 -4.15 2.84 -7.99
CA ARG A 77 -4.51 3.87 -8.94
C ARG A 77 -5.77 4.62 -8.47
N GLY A 78 -6.71 3.85 -7.96
CA GLY A 78 -7.95 4.41 -7.47
C GLY A 78 -7.71 5.33 -6.27
N ASP A 79 -8.33 4.97 -5.15
CA ASP A 79 -8.18 5.76 -3.94
C ASP A 79 -7.52 4.90 -2.86
N LEU A 80 -7.25 5.53 -1.73
CA LEU A 80 -6.60 4.84 -0.62
C LEU A 80 -7.48 3.67 -0.19
N VAL A 81 -7.05 2.48 -0.58
CA VAL A 81 -7.77 1.27 -0.24
C VAL A 81 -8.18 1.31 1.24
N GLY A 82 -7.17 1.24 2.10
CA GLY A 82 -7.40 1.27 3.53
C GLY A 82 -6.28 0.55 4.28
N GLY A 83 -6.40 0.56 5.60
CA GLY A 83 -5.41 -0.08 6.44
C GLY A 83 -5.39 -1.60 6.23
N LEU A 84 -4.74 -2.30 7.15
CA LEU A 84 -4.66 -3.74 7.07
C LEU A 84 -6.05 -4.35 7.26
N ASP A 85 -6.75 -3.83 8.26
CA ASP A 85 -8.09 -4.32 8.56
C ASP A 85 -8.95 -4.22 7.29
N ILE A 86 -8.62 -3.23 6.47
CA ILE A 86 -9.35 -3.02 5.23
C ILE A 86 -8.94 -4.09 4.21
N VAL A 87 -7.69 -3.98 3.77
CA VAL A 87 -7.15 -4.92 2.80
C VAL A 87 -7.65 -6.33 3.14
N LYS A 88 -7.38 -6.74 4.37
CA LYS A 88 -7.78 -8.06 4.83
C LYS A 88 -9.28 -8.23 4.58
N GLU A 89 -10.05 -7.33 5.15
CA GLU A 89 -11.50 -7.37 5.01
C GLU A 89 -11.87 -7.77 3.57
N LEU A 90 -11.28 -7.06 2.62
CA LEU A 90 -11.54 -7.32 1.21
C LEU A 90 -11.10 -8.75 0.88
N LYS A 91 -9.80 -8.96 0.94
CA LYS A 91 -9.23 -10.27 0.64
C LYS A 91 -10.13 -11.35 1.25
N ASP A 92 -10.43 -11.16 2.53
CA ASP A 92 -11.27 -12.11 3.24
C ASP A 92 -12.57 -12.32 2.46
N ASN A 93 -13.21 -11.22 2.12
CA ASN A 93 -14.46 -11.27 1.38
C ASN A 93 -14.20 -11.88 0.00
N GLY A 94 -13.10 -11.47 -0.60
CA GLY A 94 -12.73 -11.97 -1.91
C GLY A 94 -13.05 -10.94 -2.99
N GLU A 95 -12.72 -9.69 -2.70
CA GLU A 95 -12.97 -8.60 -3.64
C GLU A 95 -11.87 -7.54 -3.51
N LEU A 96 -10.64 -8.00 -3.69
CA LEU A 96 -9.50 -7.10 -3.60
C LEU A 96 -8.77 -7.09 -4.95
N LEU A 97 -8.66 -8.27 -5.53
CA LEU A 97 -7.99 -8.41 -6.81
C LEU A 97 -8.60 -7.44 -7.81
N PRO A 98 -9.96 -7.40 -7.83
CA PRO A 98 -10.67 -6.51 -8.73
C PRO A 98 -10.61 -5.06 -8.25
N ILE A 99 -10.11 -4.90 -7.03
CA ILE A 99 -10.00 -3.58 -6.44
C ILE A 99 -8.59 -3.04 -6.68
N LEU A 100 -7.63 -3.96 -6.73
CA LEU A 100 -6.25 -3.60 -6.97
C LEU A 100 -6.03 -3.37 -8.46
N LYS A 101 -6.41 -4.37 -9.25
CA LYS A 101 -6.26 -4.29 -10.69
C LYS A 101 -6.87 -2.98 -11.18
N GLY A 102 -8.19 -2.89 -11.08
CA GLY A 102 -8.91 -1.71 -11.51
C GLY A 102 -10.31 -1.66 -10.89
N GLU A 103 -11.24 -2.29 -11.57
CA GLU A 103 -12.62 -2.33 -11.11
C GLU A 103 -13.09 -3.78 -10.97
N SER A 104 -13.16 -4.46 -12.09
CA SER A 104 -13.59 -5.85 -12.10
C SER A 104 -12.87 -6.62 -13.22
N GLY A 105 -11.90 -7.41 -12.81
CA GLY A 105 -11.13 -8.20 -13.75
C GLY A 105 -11.63 -9.64 -13.80
N PRO A 106 -12.28 -9.99 -14.95
CA PRO A 106 -12.81 -11.33 -15.12
C PRO A 106 -11.70 -12.33 -15.43
N SER A 107 -10.90 -11.98 -16.43
CA SER A 107 -9.79 -12.84 -16.83
C SER A 107 -10.31 -14.24 -17.16
N SER A 108 -9.41 -15.06 -17.68
CA SER A 108 -9.75 -16.42 -18.04
C SER A 108 -10.77 -16.41 -19.19
N GLY A 109 -10.25 -16.32 -20.40
CA GLY A 109 -11.09 -16.30 -21.58
C GLY A 109 -11.70 -17.68 -21.84
N GLY A 1 13.34 5.34 -14.32
CA GLY A 1 14.68 5.92 -14.42
C GLY A 1 14.84 7.06 -13.42
N SER A 2 15.28 8.20 -13.93
CA SER A 2 15.49 9.38 -13.11
C SER A 2 14.18 9.78 -12.43
N SER A 3 14.25 9.92 -11.11
CA SER A 3 13.08 10.30 -10.34
C SER A 3 12.90 11.82 -10.39
N GLY A 4 11.76 12.27 -9.89
CA GLY A 4 11.45 13.69 -9.86
C GLY A 4 12.34 14.41 -8.86
N SER A 5 11.69 15.22 -8.02
CA SER A 5 12.40 15.98 -7.00
C SER A 5 11.78 15.74 -5.63
N SER A 6 10.49 16.04 -5.55
CA SER A 6 9.76 15.86 -4.30
C SER A 6 8.28 15.62 -4.58
N GLY A 7 7.74 14.63 -3.90
CA GLY A 7 6.33 14.29 -4.07
C GLY A 7 6.00 12.99 -3.35
N LEU A 8 4.82 12.97 -2.73
CA LEU A 8 4.37 11.79 -2.01
C LEU A 8 3.51 10.93 -2.93
N LYS A 9 2.57 11.59 -3.60
CA LYS A 9 1.67 10.90 -4.51
C LYS A 9 2.46 9.87 -5.32
N VAL A 10 3.60 10.32 -5.84
CA VAL A 10 4.45 9.45 -6.63
C VAL A 10 4.64 8.13 -5.90
N LEU A 11 5.10 8.23 -4.66
CA LEU A 11 5.33 7.06 -3.85
C LEU A 11 4.05 6.20 -3.80
N THR A 12 2.96 6.87 -3.44
CA THR A 12 1.68 6.20 -3.36
C THR A 12 1.25 5.69 -4.74
N ASN A 13 1.96 6.17 -5.76
CA ASN A 13 1.66 5.77 -7.12
C ASN A 13 2.94 5.25 -7.79
N LYS A 14 3.81 4.69 -6.96
CA LYS A 14 5.07 4.16 -7.45
C LYS A 14 4.81 2.84 -8.17
N ALA A 15 4.20 1.91 -7.44
CA ALA A 15 3.88 0.60 -8.00
C ALA A 15 2.36 0.41 -7.99
N SER A 16 1.91 -0.45 -8.89
CA SER A 16 0.49 -0.74 -8.99
C SER A 16 -0.13 -0.83 -7.59
N VAL A 17 0.48 -1.68 -6.77
CA VAL A 17 0.00 -1.87 -5.41
C VAL A 17 1.09 -1.46 -4.42
N MET A 18 0.82 -0.36 -3.73
CA MET A 18 1.77 0.16 -2.75
C MET A 18 1.47 -0.37 -1.36
N LEU A 19 2.53 -0.60 -0.59
CA LEU A 19 2.38 -1.10 0.76
C LEU A 19 3.50 -0.52 1.63
N PHE A 20 3.11 0.43 2.48
CA PHE A 20 4.06 1.06 3.38
C PHE A 20 4.01 0.44 4.77
N MET A 21 5.15 -0.03 5.22
CA MET A 21 5.25 -0.65 6.53
C MET A 21 6.64 -0.44 7.14
N LYS A 22 6.80 -0.94 8.36
CA LYS A 22 8.07 -0.81 9.05
C LYS A 22 8.82 -2.14 8.99
N GLY A 23 10.03 -2.08 8.47
CA GLY A 23 10.86 -3.27 8.34
C GLY A 23 10.96 -3.71 6.88
N ASN A 24 10.05 -3.19 6.07
CA ASN A 24 10.02 -3.53 4.66
C ASN A 24 9.90 -5.05 4.50
N LYS A 25 9.76 -5.47 3.25
CA LYS A 25 9.63 -6.88 2.95
C LYS A 25 10.71 -7.66 3.71
N GLN A 26 11.86 -7.04 3.84
CA GLN A 26 12.98 -7.66 4.54
C GLN A 26 12.58 -7.99 5.98
N GLU A 27 12.28 -6.95 6.74
CA GLU A 27 11.89 -7.11 8.13
C GLU A 27 10.38 -6.96 8.27
N ALA A 28 9.75 -7.98 8.82
CA ALA A 28 8.31 -7.97 9.02
C ALA A 28 7.99 -8.59 10.38
N LYS A 29 6.86 -9.29 10.42
CA LYS A 29 6.43 -9.93 11.65
C LYS A 29 6.06 -8.86 12.67
N CYS A 30 5.38 -7.83 12.19
CA CYS A 30 4.96 -6.74 13.06
C CYS A 30 3.49 -6.43 12.75
N GLY A 31 2.66 -6.61 13.77
CA GLY A 31 1.24 -6.35 13.63
C GLY A 31 0.66 -7.07 12.41
N PHE A 32 0.66 -6.36 11.29
CA PHE A 32 0.15 -6.92 10.06
C PHE A 32 1.06 -6.56 8.87
N SER A 33 2.28 -6.21 9.20
CA SER A 33 3.26 -5.85 8.18
C SER A 33 3.43 -7.00 7.19
N LYS A 34 3.56 -8.20 7.73
CA LYS A 34 3.73 -9.38 6.91
C LYS A 34 2.35 -9.84 6.39
N GLN A 35 1.42 -9.97 7.32
CA GLN A 35 0.08 -10.39 6.99
C GLN A 35 -0.37 -9.74 5.66
N ILE A 36 -0.35 -8.42 5.66
CA ILE A 36 -0.74 -7.67 4.48
C ILE A 36 0.12 -8.11 3.29
N LEU A 37 1.40 -8.29 3.58
CA LEU A 37 2.33 -8.71 2.55
C LEU A 37 1.92 -10.08 2.01
N GLU A 38 1.60 -10.97 2.93
CA GLU A 38 1.18 -12.31 2.56
C GLU A 38 -0.01 -12.26 1.61
N ILE A 39 -0.95 -11.39 1.94
CA ILE A 39 -2.15 -11.23 1.12
C ILE A 39 -1.78 -10.46 -0.15
N LEU A 40 -1.04 -9.38 0.04
CA LEU A 40 -0.63 -8.55 -1.08
C LEU A 40 -0.02 -9.43 -2.17
N ASN A 41 0.46 -10.59 -1.73
CA ASN A 41 1.07 -11.55 -2.66
C ASN A 41 0.01 -12.51 -3.16
N SER A 42 -0.66 -13.16 -2.22
CA SER A 42 -1.71 -14.11 -2.56
C SER A 42 -2.53 -13.59 -3.73
N THR A 43 -2.81 -12.29 -3.70
CA THR A 43 -3.58 -11.66 -4.74
C THR A 43 -3.09 -12.12 -6.12
N GLY A 44 -1.78 -12.17 -6.25
CA GLY A 44 -1.18 -12.59 -7.51
C GLY A 44 -0.83 -11.39 -8.39
N VAL A 45 -1.19 -10.21 -7.88
CA VAL A 45 -0.93 -8.98 -8.61
C VAL A 45 0.51 -8.53 -8.34
N GLU A 46 0.80 -7.31 -8.76
CA GLU A 46 2.13 -6.74 -8.57
C GLU A 46 2.07 -5.57 -7.60
N TYR A 47 2.94 -5.63 -6.59
CA TYR A 47 3.01 -4.59 -5.59
C TYR A 47 4.46 -4.33 -5.16
N GLU A 48 4.63 -3.28 -4.38
CA GLU A 48 5.95 -2.90 -3.89
C GLU A 48 5.86 -2.35 -2.47
N THR A 49 7.01 -2.22 -1.85
CA THR A 49 7.08 -1.70 -0.49
C THR A 49 8.07 -0.54 -0.41
N PHE A 50 7.96 0.21 0.67
CA PHE A 50 8.84 1.36 0.89
C PHE A 50 9.33 1.42 2.34
N ASP A 51 10.32 2.26 2.56
CA ASP A 51 10.88 2.42 3.90
C ASP A 51 10.35 3.71 4.50
N ILE A 52 9.59 3.56 5.58
CA ILE A 52 9.02 4.70 6.26
C ILE A 52 9.95 5.13 7.40
N LEU A 53 10.69 4.16 7.91
CA LEU A 53 11.63 4.42 8.99
C LEU A 53 12.71 5.38 8.50
N GLU A 54 13.60 4.86 7.68
CA GLU A 54 14.69 5.65 7.13
C GLU A 54 14.20 7.07 6.80
N ASP A 55 13.36 7.14 5.79
CA ASP A 55 12.81 8.41 5.37
C ASP A 55 11.74 8.86 6.37
N GLU A 56 12.19 9.58 7.38
CA GLU A 56 11.30 10.08 8.41
C GLU A 56 10.42 11.21 7.85
N GLU A 57 11.08 12.13 7.16
CA GLU A 57 10.38 13.26 6.58
C GLU A 57 9.08 12.80 5.90
N VAL A 58 9.19 11.68 5.19
CA VAL A 58 8.05 11.12 4.50
C VAL A 58 7.16 10.37 5.50
N ARG A 59 7.82 9.70 6.43
CA ARG A 59 7.11 8.94 7.45
C ARG A 59 5.89 9.73 7.95
N GLN A 60 6.12 11.01 8.20
CA GLN A 60 5.07 11.89 8.68
C GLN A 60 4.37 12.57 7.50
N GLY A 61 5.17 12.90 6.50
CA GLY A 61 4.66 13.57 5.32
C GLY A 61 3.59 12.70 4.63
N LEU A 62 3.77 11.39 4.76
CA LEU A 62 2.84 10.45 4.16
C LEU A 62 1.60 10.33 5.04
N LYS A 63 1.79 9.78 6.21
CA LYS A 63 0.70 9.61 7.16
C LYS A 63 -0.21 10.84 7.13
N THR A 64 0.45 12.00 7.07
CA THR A 64 -0.28 13.26 7.03
C THR A 64 -1.02 13.41 5.70
N PHE A 65 -0.29 13.10 4.63
CA PHE A 65 -0.87 13.20 3.29
C PHE A 65 -2.25 12.56 3.24
N SER A 66 -2.27 11.25 3.46
CA SER A 66 -3.52 10.50 3.43
C SER A 66 -4.26 10.70 4.76
N ASN A 67 -3.49 10.90 5.81
CA ASN A 67 -4.07 11.11 7.14
C ASN A 67 -4.43 9.75 7.73
N TRP A 68 -3.59 8.77 7.47
CA TRP A 68 -3.81 7.43 7.97
C TRP A 68 -2.46 6.88 8.46
N PRO A 69 -2.06 7.32 9.68
CA PRO A 69 -0.80 6.88 10.26
C PRO A 69 -0.92 5.44 10.78
N THR A 70 -2.10 4.87 10.60
CA THR A 70 -2.34 3.51 11.05
C THR A 70 -1.83 2.51 10.01
N TYR A 71 -0.52 2.52 9.82
CA TYR A 71 0.10 1.62 8.87
C TYR A 71 -0.01 0.16 9.33
N PRO A 72 0.13 -0.77 8.34
CA PRO A 72 0.39 -0.37 6.97
C PRO A 72 -0.88 0.17 6.31
N GLN A 73 -0.76 0.50 5.04
CA GLN A 73 -1.89 1.01 4.29
C GLN A 73 -1.66 0.84 2.79
N LEU A 74 -2.72 0.40 2.10
CA LEU A 74 -2.64 0.18 0.67
C LEU A 74 -3.21 1.40 -0.05
N TYR A 75 -2.82 1.53 -1.31
CA TYR A 75 -3.28 2.64 -2.13
C TYR A 75 -3.78 2.15 -3.49
N VAL A 76 -4.99 2.57 -3.82
CA VAL A 76 -5.59 2.19 -5.09
C VAL A 76 -6.06 3.44 -5.83
N ARG A 77 -5.59 3.57 -7.07
CA ARG A 77 -5.95 4.71 -7.89
C ARG A 77 -5.29 5.98 -7.35
N GLY A 78 -5.72 6.38 -6.16
CA GLY A 78 -5.19 7.56 -5.52
C GLY A 78 -5.67 7.68 -4.08
N ASP A 79 -6.95 7.37 -3.89
CA ASP A 79 -7.55 7.45 -2.57
C ASP A 79 -7.07 6.25 -1.74
N LEU A 80 -6.69 6.54 -0.50
CA LEU A 80 -6.22 5.50 0.40
C LEU A 80 -7.32 4.45 0.59
N VAL A 81 -6.91 3.20 0.47
CA VAL A 81 -7.85 2.09 0.62
C VAL A 81 -7.95 1.71 2.10
N GLY A 82 -6.81 1.30 2.64
CA GLY A 82 -6.74 0.90 4.04
C GLY A 82 -5.56 -0.04 4.29
N GLY A 83 -5.51 -0.55 5.52
CA GLY A 83 -4.43 -1.45 5.90
C GLY A 83 -4.88 -2.91 5.77
N LEU A 84 -4.44 -3.71 6.72
CA LEU A 84 -4.78 -5.12 6.73
C LEU A 84 -6.27 -5.28 7.03
N ASP A 85 -6.66 -4.79 8.20
CA ASP A 85 -8.06 -4.88 8.61
C ASP A 85 -8.96 -4.53 7.43
N ILE A 86 -8.46 -3.64 6.58
CA ILE A 86 -9.22 -3.21 5.42
C ILE A 86 -8.94 -4.18 4.26
N VAL A 87 -7.69 -4.17 3.81
CA VAL A 87 -7.28 -5.03 2.71
C VAL A 87 -7.95 -6.40 2.88
N LYS A 88 -7.66 -7.02 4.02
CA LYS A 88 -8.22 -8.33 4.31
C LYS A 88 -9.72 -8.30 4.08
N GLU A 89 -10.37 -7.32 4.70
CA GLU A 89 -11.81 -7.17 4.56
C GLU A 89 -12.23 -7.40 3.12
N LEU A 90 -11.51 -6.77 2.21
CA LEU A 90 -11.79 -6.90 0.79
C LEU A 90 -11.39 -8.30 0.32
N LYS A 91 -10.12 -8.60 0.46
CA LYS A 91 -9.60 -9.89 0.05
C LYS A 91 -10.54 -11.00 0.55
N ASP A 92 -10.59 -11.12 1.87
CA ASP A 92 -11.44 -12.12 2.49
C ASP A 92 -12.79 -12.16 1.76
N ASN A 93 -13.43 -11.01 1.73
CA ASN A 93 -14.73 -10.91 1.07
C ASN A 93 -14.62 -11.44 -0.35
N GLY A 94 -13.51 -11.10 -1.00
CA GLY A 94 -13.27 -11.54 -2.36
C GLY A 94 -13.46 -10.39 -3.34
N GLU A 95 -13.05 -9.21 -2.92
CA GLU A 95 -13.17 -8.02 -3.75
C GLU A 95 -11.94 -7.13 -3.59
N LEU A 96 -10.78 -7.74 -3.82
CA LEU A 96 -9.53 -7.01 -3.71
C LEU A 96 -8.74 -7.15 -5.01
N LEU A 97 -8.71 -8.38 -5.52
CA LEU A 97 -8.00 -8.66 -6.75
C LEU A 97 -8.46 -7.68 -7.84
N PRO A 98 -9.81 -7.51 -7.93
CA PRO A 98 -10.39 -6.61 -8.91
C PRO A 98 -10.19 -5.15 -8.50
N ILE A 99 -9.97 -4.96 -7.20
CA ILE A 99 -9.76 -3.62 -6.68
C ILE A 99 -8.31 -3.19 -6.92
N LEU A 100 -7.41 -4.15 -6.73
CA LEU A 100 -5.99 -3.88 -6.92
C LEU A 100 -5.70 -3.73 -8.41
N LYS A 101 -6.08 -4.75 -9.16
CA LYS A 101 -5.87 -4.74 -10.60
C LYS A 101 -6.17 -3.34 -11.14
N GLY A 102 -7.44 -3.08 -11.38
CA GLY A 102 -7.87 -1.79 -11.90
C GLY A 102 -9.40 -1.69 -11.92
N GLU A 103 -10.00 -2.44 -12.84
CA GLU A 103 -11.44 -2.44 -12.96
C GLU A 103 -12.05 -3.59 -12.16
N SER A 104 -13.34 -3.45 -11.86
CA SER A 104 -14.05 -4.45 -11.10
C SER A 104 -14.79 -5.41 -12.04
N GLY A 105 -14.74 -6.69 -11.70
CA GLY A 105 -15.39 -7.70 -12.50
C GLY A 105 -16.27 -8.61 -11.64
N PRO A 106 -17.27 -9.24 -12.30
CA PRO A 106 -18.19 -10.13 -11.61
C PRO A 106 -17.51 -11.47 -11.28
N SER A 107 -16.79 -11.48 -10.17
CA SER A 107 -16.10 -12.68 -9.74
C SER A 107 -17.04 -13.57 -8.92
N SER A 108 -17.87 -14.31 -9.64
CA SER A 108 -18.82 -15.20 -9.01
C SER A 108 -19.48 -14.50 -7.82
N GLY A 109 -20.44 -13.64 -8.14
CA GLY A 109 -21.16 -12.90 -7.11
C GLY A 109 -22.66 -13.06 -7.27
N GLY A 1 25.15 12.32 -8.99
CA GLY A 1 24.35 13.16 -8.10
C GLY A 1 23.22 12.37 -7.47
N SER A 2 22.23 13.10 -6.95
CA SER A 2 21.09 12.48 -6.32
C SER A 2 19.79 12.98 -6.97
N SER A 3 19.29 12.16 -7.89
CA SER A 3 18.06 12.50 -8.59
C SER A 3 17.05 11.37 -8.45
N GLY A 4 16.27 11.44 -7.38
CA GLY A 4 15.26 10.42 -7.11
C GLY A 4 13.87 10.92 -7.54
N SER A 5 12.86 10.20 -7.08
CA SER A 5 11.49 10.55 -7.40
C SER A 5 10.81 11.20 -6.18
N SER A 6 10.94 12.52 -6.12
CA SER A 6 10.35 13.28 -5.03
C SER A 6 8.83 13.24 -5.13
N GLY A 7 8.18 13.38 -3.98
CA GLY A 7 6.73 13.37 -3.93
C GLY A 7 6.22 12.12 -3.21
N LEU A 8 5.08 12.27 -2.54
CA LEU A 8 4.49 11.17 -1.82
C LEU A 8 3.55 10.39 -2.76
N LYS A 9 2.62 11.12 -3.35
CA LYS A 9 1.66 10.52 -4.27
C LYS A 9 2.42 9.70 -5.32
N VAL A 10 3.45 10.33 -5.88
CA VAL A 10 4.26 9.67 -6.90
C VAL A 10 4.83 8.38 -6.32
N LEU A 11 5.10 8.40 -5.03
CA LEU A 11 5.64 7.24 -4.34
C LEU A 11 4.54 6.21 -4.14
N THR A 12 3.39 6.69 -3.68
CA THR A 12 2.25 5.83 -3.44
C THR A 12 1.70 5.28 -4.76
N ASN A 13 2.17 5.89 -5.85
CA ASN A 13 1.73 5.48 -7.17
C ASN A 13 2.93 4.94 -7.95
N LYS A 14 3.92 4.48 -7.21
CA LYS A 14 5.12 3.93 -7.81
C LYS A 14 4.78 2.61 -8.50
N ALA A 15 4.37 1.65 -7.70
CA ALA A 15 4.01 0.34 -8.22
C ALA A 15 2.49 0.19 -8.21
N SER A 16 2.01 -0.73 -9.04
CA SER A 16 0.58 -0.98 -9.12
C SER A 16 -0.03 -1.04 -7.72
N VAL A 17 0.60 -1.83 -6.87
CA VAL A 17 0.13 -1.98 -5.50
C VAL A 17 1.23 -1.53 -4.54
N MET A 18 0.94 -0.43 -3.85
CA MET A 18 1.89 0.12 -2.90
C MET A 18 1.59 -0.37 -1.48
N LEU A 19 2.65 -0.61 -0.73
CA LEU A 19 2.51 -1.07 0.64
C LEU A 19 3.59 -0.42 1.52
N PHE A 20 3.15 0.53 2.33
CA PHE A 20 4.06 1.24 3.20
C PHE A 20 4.03 0.64 4.62
N MET A 21 5.09 -0.10 4.94
CA MET A 21 5.19 -0.73 6.24
C MET A 21 6.54 -0.40 6.90
N LYS A 22 6.59 -0.65 8.20
CA LYS A 22 7.80 -0.39 8.95
C LYS A 22 8.61 -1.68 9.08
N GLY A 23 9.71 -1.73 8.34
CA GLY A 23 10.58 -2.89 8.36
C GLY A 23 10.96 -3.31 6.94
N ASN A 24 10.18 -2.85 5.98
CA ASN A 24 10.42 -3.16 4.58
C ASN A 24 10.38 -4.68 4.39
N LYS A 25 10.15 -5.09 3.15
CA LYS A 25 10.10 -6.49 2.83
C LYS A 25 11.21 -7.24 3.58
N GLN A 26 12.30 -6.52 3.80
CA GLN A 26 13.44 -7.09 4.50
C GLN A 26 13.01 -7.65 5.86
N GLU A 27 12.53 -6.74 6.70
CA GLU A 27 12.08 -7.13 8.04
C GLU A 27 10.63 -6.72 8.24
N ALA A 28 9.91 -7.55 8.99
CA ALA A 28 8.51 -7.29 9.26
C ALA A 28 8.34 -6.92 10.74
N LYS A 29 7.12 -7.08 11.22
CA LYS A 29 6.82 -6.78 12.61
C LYS A 29 5.84 -7.82 13.16
N CYS A 30 5.95 -9.02 12.60
CA CYS A 30 5.08 -10.12 13.03
C CYS A 30 3.63 -9.72 12.74
N GLY A 31 3.07 -10.36 11.71
CA GLY A 31 1.71 -10.09 11.33
C GLY A 31 1.57 -8.68 10.75
N PHE A 32 0.36 -8.37 10.31
CA PHE A 32 0.07 -7.06 9.74
C PHE A 32 1.08 -6.73 8.62
N SER A 33 2.18 -6.12 9.03
CA SER A 33 3.22 -5.75 8.07
C SER A 33 3.65 -6.98 7.26
N LYS A 34 3.62 -8.12 7.93
CA LYS A 34 4.01 -9.37 7.28
C LYS A 34 2.79 -9.97 6.57
N GLN A 35 1.66 -9.92 7.26
CA GLN A 35 0.43 -10.46 6.71
C GLN A 35 0.05 -9.70 5.44
N ILE A 36 -0.16 -8.40 5.60
CA ILE A 36 -0.53 -7.56 4.47
C ILE A 36 0.30 -7.95 3.25
N LEU A 37 1.59 -8.16 3.49
CA LEU A 37 2.50 -8.54 2.42
C LEU A 37 2.03 -9.86 1.81
N GLU A 38 2.02 -10.89 2.63
CA GLU A 38 1.61 -12.21 2.18
C GLU A 38 0.30 -12.10 1.38
N ILE A 39 -0.57 -11.20 1.83
CA ILE A 39 -1.85 -11.00 1.17
C ILE A 39 -1.61 -10.26 -0.15
N LEU A 40 -0.92 -9.14 -0.06
CA LEU A 40 -0.63 -8.34 -1.23
C LEU A 40 0.01 -9.23 -2.30
N ASN A 41 0.63 -10.31 -1.84
CA ASN A 41 1.27 -11.24 -2.75
C ASN A 41 0.27 -12.31 -3.18
N SER A 42 -0.47 -12.82 -2.20
CA SER A 42 -1.47 -13.84 -2.47
C SER A 42 -2.32 -13.43 -3.66
N THR A 43 -2.76 -12.17 -3.65
CA THR A 43 -3.58 -11.64 -4.73
C THR A 43 -3.06 -12.13 -6.08
N GLY A 44 -1.74 -12.19 -6.19
CA GLY A 44 -1.11 -12.64 -7.41
C GLY A 44 -0.75 -11.44 -8.30
N VAL A 45 -1.15 -10.27 -7.85
CA VAL A 45 -0.88 -9.05 -8.59
C VAL A 45 0.55 -8.58 -8.29
N GLU A 46 0.84 -7.38 -8.75
CA GLU A 46 2.17 -6.80 -8.54
C GLU A 46 2.10 -5.68 -7.51
N TYR A 47 3.07 -5.68 -6.61
CA TYR A 47 3.14 -4.66 -5.57
C TYR A 47 4.58 -4.39 -5.15
N GLU A 48 4.74 -3.41 -4.29
CA GLU A 48 6.06 -3.05 -3.80
C GLU A 48 5.98 -2.54 -2.36
N THR A 49 7.13 -2.48 -1.72
CA THR A 49 7.20 -2.01 -0.34
C THR A 49 8.20 -0.85 -0.22
N PHE A 50 7.88 0.07 0.67
CA PHE A 50 8.73 1.23 0.89
C PHE A 50 9.21 1.28 2.34
N ASP A 51 10.20 2.12 2.58
CA ASP A 51 10.75 2.28 3.91
C ASP A 51 10.15 3.53 4.57
N ILE A 52 9.33 3.27 5.59
CA ILE A 52 8.69 4.37 6.30
C ILE A 52 9.57 4.79 7.48
N LEU A 53 10.34 3.82 7.98
CA LEU A 53 11.22 4.08 9.10
C LEU A 53 12.40 4.94 8.63
N GLU A 54 13.24 4.35 7.80
CA GLU A 54 14.39 5.04 7.27
C GLU A 54 14.03 6.50 6.94
N ASP A 55 13.01 6.65 6.12
CA ASP A 55 12.56 7.97 5.72
C ASP A 55 11.47 8.44 6.68
N GLU A 56 11.85 9.34 7.58
CA GLU A 56 10.92 9.87 8.56
C GLU A 56 10.08 10.98 7.94
N GLU A 57 10.76 11.86 7.21
CA GLU A 57 10.08 12.98 6.56
C GLU A 57 8.86 12.47 5.78
N VAL A 58 9.06 11.36 5.08
CA VAL A 58 7.99 10.77 4.30
C VAL A 58 6.99 10.06 5.24
N ARG A 59 7.55 9.52 6.32
CA ARG A 59 6.73 8.82 7.30
C ARG A 59 5.58 9.71 7.76
N GLN A 60 5.95 10.84 8.35
CA GLN A 60 4.96 11.79 8.85
C GLN A 60 4.24 12.47 7.67
N GLY A 61 4.99 12.63 6.59
CA GLY A 61 4.44 13.27 5.40
C GLY A 61 3.32 12.42 4.79
N LEU A 62 3.58 11.13 4.72
CA LEU A 62 2.60 10.20 4.16
C LEU A 62 1.35 10.19 5.05
N LYS A 63 1.54 9.70 6.27
CA LYS A 63 0.46 9.63 7.23
C LYS A 63 -0.33 10.95 7.22
N THR A 64 0.42 12.03 7.05
CA THR A 64 -0.18 13.35 7.02
C THR A 64 -0.93 13.57 5.70
N PHE A 65 -0.35 13.02 4.64
CA PHE A 65 -0.95 13.15 3.32
C PHE A 65 -2.41 12.73 3.34
N SER A 66 -2.69 11.65 4.05
CA SER A 66 -4.04 11.13 4.16
C SER A 66 -4.46 11.07 5.64
N ASN A 67 -3.71 11.77 6.46
CA ASN A 67 -3.98 11.80 7.89
C ASN A 67 -4.34 10.39 8.36
N TRP A 68 -3.64 9.41 7.78
CA TRP A 68 -3.88 8.03 8.14
C TRP A 68 -2.52 7.38 8.46
N PRO A 69 -2.07 7.60 9.72
CA PRO A 69 -0.79 7.05 10.16
C PRO A 69 -0.91 5.55 10.42
N THR A 70 -2.14 5.10 10.58
CA THR A 70 -2.39 3.69 10.84
C THR A 70 -1.82 2.84 9.71
N TYR A 71 -0.57 2.42 9.89
CA TYR A 71 0.11 1.60 8.91
C TYR A 71 -0.02 0.12 9.25
N PRO A 72 0.26 -0.74 8.23
CA PRO A 72 0.65 -0.23 6.92
C PRO A 72 -0.57 0.32 6.17
N GLN A 73 -0.30 0.83 4.98
CA GLN A 73 -1.35 1.41 4.15
C GLN A 73 -1.15 1.00 2.69
N LEU A 74 -2.25 0.58 2.07
CA LEU A 74 -2.21 0.17 0.68
C LEU A 74 -2.75 1.30 -0.20
N TYR A 75 -2.03 1.56 -1.28
CA TYR A 75 -2.43 2.61 -2.21
C TYR A 75 -2.46 2.09 -3.65
N VAL A 76 -3.51 2.48 -4.36
CA VAL A 76 -3.67 2.05 -5.74
C VAL A 76 -4.05 3.27 -6.60
N ARG A 77 -4.17 3.02 -7.89
CA ARG A 77 -4.53 4.07 -8.83
C ARG A 77 -5.98 4.50 -8.61
N GLY A 78 -6.26 4.96 -7.40
CA GLY A 78 -7.60 5.41 -7.05
C GLY A 78 -7.61 6.16 -5.71
N ASP A 79 -8.35 5.60 -4.76
CA ASP A 79 -8.45 6.20 -3.44
C ASP A 79 -7.84 5.25 -2.41
N LEU A 80 -7.29 5.84 -1.36
CA LEU A 80 -6.68 5.06 -0.30
C LEU A 80 -7.56 3.86 0.02
N VAL A 81 -7.05 2.68 -0.33
CA VAL A 81 -7.77 1.45 -0.09
C VAL A 81 -8.03 1.30 1.41
N GLY A 82 -6.94 1.26 2.17
CA GLY A 82 -7.03 1.13 3.62
C GLY A 82 -5.82 0.40 4.17
N GLY A 83 -6.00 -0.17 5.36
CA GLY A 83 -4.92 -0.90 6.01
C GLY A 83 -5.14 -2.41 5.91
N LEU A 84 -4.60 -3.12 6.89
CA LEU A 84 -4.72 -4.56 6.92
C LEU A 84 -6.20 -4.94 7.04
N ASP A 85 -6.80 -4.49 8.12
CA ASP A 85 -8.20 -4.77 8.37
C ASP A 85 -8.99 -4.62 7.06
N ILE A 86 -8.70 -3.54 6.35
CA ILE A 86 -9.37 -3.28 5.08
C ILE A 86 -8.98 -4.36 4.07
N VAL A 87 -7.72 -4.35 3.71
CA VAL A 87 -7.21 -5.32 2.75
C VAL A 87 -7.76 -6.70 3.08
N LYS A 88 -7.54 -7.11 4.33
CA LYS A 88 -8.01 -8.41 4.78
C LYS A 88 -9.52 -8.51 4.53
N GLU A 89 -10.25 -7.55 5.08
CA GLU A 89 -11.69 -7.54 4.92
C GLU A 89 -12.07 -7.83 3.47
N LEU A 90 -11.71 -6.89 2.60
CA LEU A 90 -12.01 -7.04 1.18
C LEU A 90 -11.58 -8.43 0.72
N LYS A 91 -10.29 -8.70 0.85
CA LYS A 91 -9.75 -9.99 0.45
C LYS A 91 -10.66 -11.10 0.97
N ASP A 92 -11.22 -10.87 2.15
CA ASP A 92 -12.11 -11.85 2.76
C ASP A 92 -13.26 -12.15 1.80
N ASN A 93 -14.07 -11.14 1.57
CA ASN A 93 -15.21 -11.28 0.68
C ASN A 93 -14.71 -11.49 -0.75
N GLY A 94 -13.47 -11.10 -0.97
CA GLY A 94 -12.86 -11.24 -2.27
C GLY A 94 -13.20 -10.04 -3.17
N GLU A 95 -12.89 -8.86 -2.65
CA GLU A 95 -13.16 -7.63 -3.39
C GLU A 95 -11.95 -6.70 -3.32
N LEU A 96 -10.77 -7.30 -3.37
CA LEU A 96 -9.54 -6.54 -3.31
C LEU A 96 -8.77 -6.72 -4.63
N LEU A 97 -8.83 -7.94 -5.15
CA LEU A 97 -8.15 -8.26 -6.39
C LEU A 97 -8.60 -7.30 -7.48
N PRO A 98 -9.94 -7.08 -7.53
CA PRO A 98 -10.52 -6.18 -8.52
C PRO A 98 -10.27 -4.71 -8.14
N ILE A 99 -10.14 -4.48 -6.84
CA ILE A 99 -9.89 -3.14 -6.35
C ILE A 99 -8.43 -2.77 -6.58
N LEU A 100 -7.57 -3.78 -6.51
CA LEU A 100 -6.16 -3.57 -6.72
C LEU A 100 -5.88 -3.42 -8.22
N LYS A 101 -6.20 -4.47 -8.96
CA LYS A 101 -6.00 -4.46 -10.40
C LYS A 101 -6.33 -3.07 -10.94
N GLY A 102 -7.62 -2.75 -10.93
CA GLY A 102 -8.08 -1.46 -11.42
C GLY A 102 -8.74 -1.60 -12.79
N GLU A 103 -9.99 -2.02 -12.76
CA GLU A 103 -10.75 -2.20 -13.99
C GLU A 103 -9.84 -2.74 -15.10
N SER A 104 -9.55 -4.03 -15.01
CA SER A 104 -8.69 -4.68 -15.99
C SER A 104 -8.69 -6.19 -15.78
N GLY A 105 -8.49 -6.91 -16.86
CA GLY A 105 -8.46 -8.37 -16.80
C GLY A 105 -9.87 -8.95 -16.90
N PRO A 106 -10.31 -9.18 -18.16
CA PRO A 106 -11.63 -9.73 -18.40
C PRO A 106 -11.68 -11.22 -18.07
N SER A 107 -11.94 -11.51 -16.81
CA SER A 107 -12.02 -12.88 -16.36
C SER A 107 -13.00 -13.00 -15.19
N SER A 108 -13.46 -14.22 -14.97
CA SER A 108 -14.40 -14.48 -13.88
C SER A 108 -13.71 -15.21 -12.74
N GLY A 109 -14.26 -15.05 -11.55
CA GLY A 109 -13.69 -15.69 -10.37
C GLY A 109 -13.21 -14.64 -9.36
N GLY A 1 22.36 20.36 -3.59
CA GLY A 1 22.88 19.67 -2.42
C GLY A 1 22.50 18.19 -2.43
N SER A 2 22.91 17.50 -1.37
CA SER A 2 22.62 16.08 -1.25
C SER A 2 21.16 15.87 -0.85
N SER A 3 20.50 14.97 -1.56
CA SER A 3 19.11 14.68 -1.29
C SER A 3 18.25 15.92 -1.54
N GLY A 4 17.36 15.79 -2.52
CA GLY A 4 16.48 16.90 -2.86
C GLY A 4 15.03 16.41 -2.98
N SER A 5 14.17 17.33 -3.40
CA SER A 5 12.75 17.02 -3.55
C SER A 5 12.59 15.65 -4.22
N SER A 6 11.49 14.99 -3.89
CA SER A 6 11.20 13.69 -4.45
C SER A 6 9.72 13.58 -4.80
N GLY A 7 8.88 13.80 -3.81
CA GLY A 7 7.45 13.74 -4.00
C GLY A 7 6.85 12.52 -3.29
N LEU A 8 5.66 12.72 -2.75
CA LEU A 8 4.96 11.65 -2.05
C LEU A 8 4.13 10.84 -3.05
N LYS A 9 3.28 11.56 -3.78
CA LYS A 9 2.42 10.93 -4.76
C LYS A 9 3.24 9.93 -5.59
N VAL A 10 4.38 10.41 -6.07
CA VAL A 10 5.26 9.57 -6.87
C VAL A 10 5.51 8.26 -6.15
N LEU A 11 5.66 8.36 -4.83
CA LEU A 11 5.90 7.18 -4.01
C LEU A 11 4.65 6.30 -4.02
N THR A 12 3.50 6.94 -3.82
CA THR A 12 2.24 6.22 -3.80
C THR A 12 1.85 5.80 -5.21
N ASN A 13 2.64 6.26 -6.18
CA ASN A 13 2.38 5.94 -7.57
C ASN A 13 3.66 5.37 -8.21
N LYS A 14 4.56 4.93 -7.34
CA LYS A 14 5.82 4.36 -7.80
C LYS A 14 5.55 3.05 -8.55
N ALA A 15 4.90 2.13 -7.84
CA ALA A 15 4.58 0.84 -8.41
C ALA A 15 3.05 0.70 -8.52
N SER A 16 2.64 -0.42 -9.09
CA SER A 16 1.22 -0.69 -9.25
C SER A 16 0.52 -0.71 -7.89
N VAL A 17 0.99 -1.62 -7.05
CA VAL A 17 0.42 -1.77 -5.72
C VAL A 17 1.46 -1.34 -4.68
N MET A 18 1.16 -0.24 -4.02
CA MET A 18 2.05 0.29 -3.00
C MET A 18 1.67 -0.23 -1.61
N LEU A 19 2.70 -0.66 -0.88
CA LEU A 19 2.49 -1.18 0.46
C LEU A 19 3.58 -0.64 1.39
N PHE A 20 3.17 0.28 2.24
CA PHE A 20 4.09 0.88 3.20
C PHE A 20 3.99 0.22 4.57
N MET A 21 5.14 -0.25 5.04
CA MET A 21 5.19 -0.92 6.34
C MET A 21 6.54 -0.69 7.02
N LYS A 22 6.66 -1.24 8.21
CA LYS A 22 7.89 -1.10 8.98
C LYS A 22 8.65 -2.43 8.95
N GLY A 23 9.87 -2.36 8.45
CA GLY A 23 10.72 -3.55 8.37
C GLY A 23 11.12 -3.82 6.92
N ASN A 24 10.34 -3.26 6.00
CA ASN A 24 10.61 -3.45 4.58
C ASN A 24 10.58 -4.94 4.25
N LYS A 25 10.34 -5.23 2.97
CA LYS A 25 10.28 -6.60 2.52
C LYS A 25 11.43 -7.39 3.15
N GLN A 26 12.58 -6.74 3.22
CA GLN A 26 13.77 -7.37 3.79
C GLN A 26 13.40 -8.10 5.08
N GLU A 27 12.72 -7.39 5.96
CA GLU A 27 12.31 -7.96 7.23
C GLU A 27 10.87 -7.54 7.56
N ALA A 28 10.08 -8.53 7.97
CA ALA A 28 8.69 -8.27 8.31
C ALA A 28 8.52 -8.41 9.82
N LYS A 29 7.26 -8.46 10.24
CA LYS A 29 6.94 -8.59 11.65
C LYS A 29 6.34 -9.97 11.91
N CYS A 30 5.54 -10.43 10.96
CA CYS A 30 4.91 -11.73 11.07
C CYS A 30 3.60 -11.57 11.86
N GLY A 31 2.75 -10.69 11.35
CA GLY A 31 1.48 -10.44 12.00
C GLY A 31 0.67 -9.38 11.23
N PHE A 32 1.40 -8.40 10.70
CA PHE A 32 0.78 -7.33 9.96
C PHE A 32 1.55 -7.03 8.67
N SER A 33 2.70 -6.39 8.84
CA SER A 33 3.54 -6.05 7.72
C SER A 33 3.61 -7.21 6.74
N LYS A 34 3.77 -8.41 7.30
CA LYS A 34 3.85 -9.61 6.49
C LYS A 34 2.46 -9.98 5.98
N GLN A 35 1.51 -9.98 6.92
CA GLN A 35 0.13 -10.31 6.58
C GLN A 35 -0.30 -9.58 5.31
N ILE A 36 -0.46 -8.27 5.45
CA ILE A 36 -0.86 -7.43 4.32
C ILE A 36 -0.09 -7.87 3.07
N LEU A 37 1.19 -8.14 3.27
CA LEU A 37 2.05 -8.56 2.17
C LEU A 37 1.53 -9.88 1.61
N GLU A 38 1.53 -10.89 2.46
CA GLU A 38 1.07 -12.21 2.07
C GLU A 38 -0.21 -12.10 1.24
N ILE A 39 -1.06 -11.16 1.64
CA ILE A 39 -2.32 -10.95 0.95
C ILE A 39 -2.05 -10.18 -0.36
N LEU A 40 -1.32 -9.09 -0.22
CA LEU A 40 -0.99 -8.26 -1.37
C LEU A 40 -0.33 -9.15 -2.45
N ASN A 41 0.23 -10.26 -2.00
CA ASN A 41 0.89 -11.18 -2.90
C ASN A 41 -0.11 -12.25 -3.35
N SER A 42 -0.95 -12.66 -2.40
CA SER A 42 -1.96 -13.67 -2.69
C SER A 42 -2.76 -13.28 -3.93
N THR A 43 -2.81 -11.98 -4.18
CA THR A 43 -3.53 -11.46 -5.32
C THR A 43 -2.85 -11.90 -6.63
N GLY A 44 -1.53 -12.03 -6.55
CA GLY A 44 -0.76 -12.44 -7.71
C GLY A 44 -0.42 -11.24 -8.60
N VAL A 45 -1.03 -10.11 -8.25
CA VAL A 45 -0.80 -8.88 -9.00
C VAL A 45 0.61 -8.37 -8.72
N GLU A 46 0.87 -7.16 -9.19
CA GLU A 46 2.17 -6.53 -9.00
C GLU A 46 2.09 -5.48 -7.89
N TYR A 47 3.08 -5.52 -7.01
CA TYR A 47 3.14 -4.58 -5.90
C TYR A 47 4.60 -4.31 -5.49
N GLU A 48 4.74 -3.42 -4.53
CA GLU A 48 6.06 -3.06 -4.04
C GLU A 48 5.99 -2.64 -2.57
N THR A 49 7.14 -2.22 -2.05
CA THR A 49 7.21 -1.80 -0.67
C THR A 49 8.18 -0.62 -0.52
N PHE A 50 8.08 0.05 0.62
CA PHE A 50 8.93 1.19 0.89
C PHE A 50 9.28 1.28 2.38
N ASP A 51 10.26 2.11 2.68
CA ASP A 51 10.70 2.30 4.05
C ASP A 51 10.11 3.60 4.60
N ILE A 52 9.41 3.48 5.72
CA ILE A 52 8.80 4.63 6.36
C ILE A 52 9.66 5.07 7.55
N LEU A 53 10.45 4.13 8.04
CA LEU A 53 11.33 4.41 9.17
C LEU A 53 12.43 5.37 8.72
N GLU A 54 13.30 4.87 7.87
CA GLU A 54 14.41 5.67 7.36
C GLU A 54 13.93 7.09 7.05
N ASP A 55 13.06 7.19 6.06
CA ASP A 55 12.52 8.48 5.65
C ASP A 55 11.41 8.88 6.61
N GLU A 56 11.81 9.53 7.69
CA GLU A 56 10.85 9.99 8.69
C GLU A 56 9.89 11.02 8.09
N GLU A 57 10.48 12.02 7.44
CA GLU A 57 9.69 13.07 6.82
C GLU A 57 8.49 12.47 6.09
N VAL A 58 8.76 11.40 5.36
CA VAL A 58 7.71 10.73 4.60
C VAL A 58 6.73 10.07 5.58
N ARG A 59 7.29 9.50 6.64
CA ARG A 59 6.49 8.84 7.65
C ARG A 59 5.29 9.72 8.03
N GLN A 60 5.60 10.97 8.37
CA GLN A 60 4.56 11.91 8.77
C GLN A 60 4.03 12.64 7.53
N GLY A 61 4.85 12.68 6.50
CA GLY A 61 4.47 13.34 5.26
C GLY A 61 3.39 12.55 4.52
N LEU A 62 3.38 11.25 4.77
CA LEU A 62 2.41 10.37 4.13
C LEU A 62 1.15 10.31 5.00
N LYS A 63 1.31 9.79 6.20
CA LYS A 63 0.20 9.67 7.12
C LYS A 63 -0.64 10.95 7.07
N THR A 64 0.05 12.07 6.91
CA THR A 64 -0.61 13.35 6.84
C THR A 64 -1.39 13.48 5.53
N PHE A 65 -0.65 13.41 4.43
CA PHE A 65 -1.26 13.52 3.11
C PHE A 65 -2.58 12.75 3.06
N SER A 66 -2.49 11.46 3.32
CA SER A 66 -3.68 10.61 3.31
C SER A 66 -4.50 10.83 4.58
N ASN A 67 -3.80 11.20 5.64
CA ASN A 67 -4.45 11.43 6.92
C ASN A 67 -4.81 10.09 7.57
N TRP A 68 -3.92 9.13 7.41
CA TRP A 68 -4.13 7.81 7.96
C TRP A 68 -2.75 7.18 8.23
N PRO A 69 -2.29 7.34 9.50
CA PRO A 69 -1.00 6.79 9.89
C PRO A 69 -1.08 5.28 10.06
N THR A 70 -2.17 4.83 10.65
CA THR A 70 -2.38 3.41 10.88
C THR A 70 -1.86 2.60 9.70
N TYR A 71 -0.71 1.99 9.91
CA TYR A 71 -0.09 1.18 8.88
C TYR A 71 -0.20 -0.32 9.21
N PRO A 72 0.07 -1.16 8.18
CA PRO A 72 0.43 -0.64 6.86
C PRO A 72 -0.81 -0.09 6.14
N GLN A 73 -0.60 0.28 4.89
CA GLN A 73 -1.69 0.82 4.08
C GLN A 73 -1.36 0.66 2.59
N LEU A 74 -2.37 0.23 1.84
CA LEU A 74 -2.21 0.03 0.41
C LEU A 74 -2.78 1.24 -0.34
N TYR A 75 -2.28 1.44 -1.54
CA TYR A 75 -2.74 2.55 -2.37
C TYR A 75 -3.18 2.06 -3.75
N VAL A 76 -4.40 2.42 -4.10
CA VAL A 76 -4.96 2.03 -5.39
C VAL A 76 -5.71 3.22 -6.00
N ARG A 77 -5.43 3.46 -7.27
CA ARG A 77 -6.08 4.56 -7.98
C ARG A 77 -6.08 5.82 -7.11
N GLY A 78 -5.05 5.92 -6.27
CA GLY A 78 -4.93 7.06 -5.38
C GLY A 78 -6.01 7.06 -4.30
N ASP A 79 -6.29 5.85 -3.81
CA ASP A 79 -7.30 5.69 -2.78
C ASP A 79 -6.69 4.97 -1.58
N LEU A 80 -6.98 5.50 -0.40
CA LEU A 80 -6.46 4.91 0.82
C LEU A 80 -7.33 3.73 1.23
N VAL A 81 -6.91 2.55 0.81
CA VAL A 81 -7.64 1.33 1.12
C VAL A 81 -8.04 1.35 2.60
N GLY A 82 -7.03 1.30 3.46
CA GLY A 82 -7.26 1.30 4.89
C GLY A 82 -6.26 0.40 5.61
N GLY A 83 -6.40 0.34 6.92
CA GLY A 83 -5.52 -0.49 7.74
C GLY A 83 -5.43 -1.91 7.17
N LEU A 84 -4.66 -2.73 7.87
CA LEU A 84 -4.47 -4.11 7.44
C LEU A 84 -5.83 -4.83 7.47
N ASP A 85 -6.48 -4.76 8.62
CA ASP A 85 -7.77 -5.41 8.79
C ASP A 85 -8.67 -5.03 7.61
N ILE A 86 -8.50 -3.81 7.14
CA ILE A 86 -9.30 -3.31 6.02
C ILE A 86 -8.95 -4.13 4.78
N VAL A 87 -7.77 -3.87 4.24
CA VAL A 87 -7.31 -4.58 3.05
C VAL A 87 -7.72 -6.05 3.14
N LYS A 88 -7.29 -6.68 4.22
CA LYS A 88 -7.60 -8.08 4.44
C LYS A 88 -9.09 -8.31 4.23
N GLU A 89 -9.88 -7.46 4.87
CA GLU A 89 -11.33 -7.56 4.76
C GLU A 89 -11.74 -7.76 3.30
N LEU A 90 -11.35 -6.79 2.47
CA LEU A 90 -11.66 -6.84 1.05
C LEU A 90 -11.34 -8.24 0.51
N LYS A 91 -10.22 -8.78 0.98
CA LYS A 91 -9.79 -10.09 0.56
C LYS A 91 -10.79 -11.14 1.07
N ASP A 92 -11.09 -11.04 2.35
CA ASP A 92 -12.03 -11.97 2.97
C ASP A 92 -13.36 -11.92 2.21
N ASN A 93 -13.81 -10.71 1.92
CA ASN A 93 -15.06 -10.53 1.21
C ASN A 93 -14.88 -10.98 -0.24
N GLY A 94 -13.92 -10.36 -0.90
CA GLY A 94 -13.64 -10.69 -2.30
C GLY A 94 -13.67 -9.43 -3.18
N GLU A 95 -12.84 -8.47 -2.78
CA GLU A 95 -12.76 -7.21 -3.51
C GLU A 95 -11.34 -6.64 -3.42
N LEU A 96 -10.37 -7.49 -3.73
CA LEU A 96 -8.98 -7.09 -3.69
C LEU A 96 -8.37 -7.22 -5.09
N LEU A 97 -8.33 -8.45 -5.57
CA LEU A 97 -7.77 -8.73 -6.88
C LEU A 97 -8.37 -7.76 -7.90
N PRO A 98 -9.73 -7.61 -7.82
CA PRO A 98 -10.43 -6.73 -8.72
C PRO A 98 -10.22 -5.26 -8.33
N ILE A 99 -9.62 -5.07 -7.16
CA ILE A 99 -9.36 -3.74 -6.65
C ILE A 99 -7.92 -3.34 -7.02
N LEU A 100 -7.03 -4.32 -6.95
CA LEU A 100 -5.64 -4.07 -7.27
C LEU A 100 -5.47 -4.01 -8.79
N LYS A 101 -6.06 -4.99 -9.46
CA LYS A 101 -5.98 -5.04 -10.91
C LYS A 101 -6.26 -3.65 -11.49
N GLY A 102 -7.49 -3.22 -11.31
CA GLY A 102 -7.90 -1.90 -11.81
C GLY A 102 -9.40 -1.70 -11.64
N GLU A 103 -10.16 -2.29 -12.54
CA GLU A 103 -11.61 -2.17 -12.50
C GLU A 103 -12.26 -3.49 -12.96
N SER A 104 -13.59 -3.46 -13.00
CA SER A 104 -14.33 -4.64 -13.41
C SER A 104 -14.10 -5.79 -12.43
N GLY A 105 -15.19 -6.28 -11.87
CA GLY A 105 -15.11 -7.38 -10.93
C GLY A 105 -16.45 -7.57 -10.20
N PRO A 106 -17.43 -8.13 -10.95
CA PRO A 106 -18.75 -8.37 -10.39
C PRO A 106 -18.74 -9.57 -9.44
N SER A 107 -18.13 -10.66 -9.92
CA SER A 107 -18.03 -11.87 -9.13
C SER A 107 -19.43 -12.51 -9.00
N SER A 108 -20.30 -11.82 -8.27
CA SER A 108 -21.64 -12.31 -8.06
C SER A 108 -22.56 -11.83 -9.19
N GLY A 109 -22.38 -10.57 -9.55
CA GLY A 109 -23.18 -9.98 -10.62
C GLY A 109 -22.62 -10.35 -11.99
N GLY A 1 24.96 18.93 -8.44
CA GLY A 1 25.58 17.67 -8.02
C GLY A 1 24.51 16.62 -7.74
N SER A 2 23.77 16.26 -8.77
CA SER A 2 22.72 15.26 -8.65
C SER A 2 21.66 15.75 -7.67
N SER A 3 20.45 15.92 -8.19
CA SER A 3 19.34 16.38 -7.37
C SER A 3 18.32 15.26 -7.19
N GLY A 4 17.58 15.34 -6.10
CA GLY A 4 16.57 14.34 -5.81
C GLY A 4 15.22 14.73 -6.40
N SER A 5 14.17 14.49 -5.63
CA SER A 5 12.83 14.81 -6.06
C SER A 5 11.89 14.89 -4.85
N SER A 6 10.83 15.67 -5.02
CA SER A 6 9.86 15.84 -3.96
C SER A 6 8.47 15.40 -4.45
N GLY A 7 7.78 14.68 -3.58
CA GLY A 7 6.45 14.19 -3.90
C GLY A 7 6.13 12.90 -3.15
N LEU A 8 4.98 12.90 -2.51
CA LEU A 8 4.54 11.73 -1.76
C LEU A 8 3.68 10.84 -2.64
N LYS A 9 2.64 11.44 -3.21
CA LYS A 9 1.74 10.72 -4.09
C LYS A 9 2.55 9.86 -5.06
N VAL A 10 3.54 10.51 -5.68
CA VAL A 10 4.39 9.82 -6.64
C VAL A 10 4.84 8.48 -6.05
N LEU A 11 5.20 8.54 -4.78
CA LEU A 11 5.65 7.34 -4.08
C LEU A 11 4.53 6.31 -4.05
N THR A 12 3.44 6.69 -3.40
CA THR A 12 2.28 5.81 -3.30
C THR A 12 1.84 5.35 -4.68
N ASN A 13 2.22 6.13 -5.69
CA ASN A 13 1.87 5.80 -7.06
C ASN A 13 3.13 5.33 -7.80
N LYS A 14 4.07 4.80 -7.04
CA LYS A 14 5.32 4.32 -7.60
C LYS A 14 5.04 3.04 -8.40
N ALA A 15 4.50 2.05 -7.71
CA ALA A 15 4.20 0.78 -8.34
C ALA A 15 2.68 0.59 -8.37
N SER A 16 2.24 -0.39 -9.15
CA SER A 16 0.83 -0.68 -9.27
C SER A 16 0.19 -0.77 -7.88
N VAL A 17 0.76 -1.63 -7.06
CA VAL A 17 0.25 -1.82 -5.71
C VAL A 17 1.36 -1.47 -4.70
N MET A 18 1.09 -0.47 -3.89
CA MET A 18 2.04 -0.04 -2.88
C MET A 18 1.65 -0.55 -1.49
N LEU A 19 2.66 -0.76 -0.66
CA LEU A 19 2.43 -1.24 0.68
C LEU A 19 3.52 -0.69 1.60
N PHE A 20 3.12 0.28 2.42
CA PHE A 20 4.04 0.91 3.35
C PHE A 20 3.97 0.22 4.73
N MET A 21 5.15 -0.10 5.26
CA MET A 21 5.24 -0.74 6.55
C MET A 21 6.63 -0.56 7.16
N LYS A 22 6.78 -1.05 8.38
CA LYS A 22 8.04 -0.95 9.08
C LYS A 22 8.77 -2.30 8.99
N GLY A 23 9.87 -2.29 8.25
CA GLY A 23 10.67 -3.49 8.08
C GLY A 23 11.02 -3.71 6.61
N ASN A 24 10.06 -3.40 5.75
CA ASN A 24 10.26 -3.55 4.31
C ASN A 24 10.14 -5.03 3.94
N LYS A 25 9.99 -5.27 2.65
CA LYS A 25 9.87 -6.63 2.15
C LYS A 25 10.96 -7.50 2.78
N GLN A 26 12.18 -6.97 2.78
CA GLN A 26 13.31 -7.67 3.33
C GLN A 26 12.92 -8.34 4.65
N GLU A 27 12.30 -7.55 5.52
CA GLU A 27 11.88 -8.05 6.82
C GLU A 27 10.49 -7.52 7.16
N ALA A 28 9.49 -8.35 6.93
CA ALA A 28 8.12 -7.98 7.22
C ALA A 28 7.89 -8.01 8.73
N LYS A 29 8.76 -8.72 9.42
CA LYS A 29 8.66 -8.84 10.87
C LYS A 29 7.77 -10.04 11.22
N CYS A 30 6.75 -10.23 10.40
CA CYS A 30 5.82 -11.33 10.61
C CYS A 30 4.69 -10.83 11.52
N GLY A 31 3.48 -11.29 11.24
CA GLY A 31 2.33 -10.91 12.02
C GLY A 31 1.78 -9.56 11.57
N PHE A 32 0.61 -9.60 10.93
CA PHE A 32 -0.02 -8.40 10.45
C PHE A 32 0.79 -7.76 9.30
N SER A 33 1.97 -7.29 9.65
CA SER A 33 2.85 -6.67 8.67
C SER A 33 3.04 -7.60 7.48
N LYS A 34 3.56 -8.78 7.77
CA LYS A 34 3.80 -9.77 6.73
C LYS A 34 2.46 -10.21 6.13
N GLN A 35 1.44 -10.22 6.98
CA GLN A 35 0.12 -10.62 6.55
C GLN A 35 -0.25 -9.90 5.25
N ILE A 36 -0.57 -8.62 5.38
CA ILE A 36 -0.94 -7.81 4.23
C ILE A 36 -0.03 -8.17 3.06
N LEU A 37 1.27 -8.13 3.31
CA LEU A 37 2.25 -8.44 2.29
C LEU A 37 1.85 -9.74 1.59
N GLU A 38 1.80 -10.81 2.38
CA GLU A 38 1.44 -12.12 1.85
C GLU A 38 0.20 -12.00 0.97
N ILE A 39 -0.80 -11.32 1.50
CA ILE A 39 -2.05 -11.13 0.78
C ILE A 39 -1.77 -10.34 -0.51
N LEU A 40 -1.02 -9.27 -0.36
CA LEU A 40 -0.67 -8.43 -1.50
C LEU A 40 0.08 -9.26 -2.54
N ASN A 41 0.67 -10.35 -2.06
CA ASN A 41 1.42 -11.24 -2.93
C ASN A 41 0.50 -12.34 -3.45
N SER A 42 -0.36 -12.82 -2.55
CA SER A 42 -1.29 -13.87 -2.90
C SER A 42 -2.05 -13.49 -4.18
N THR A 43 -2.52 -12.25 -4.20
CA THR A 43 -3.26 -11.75 -5.36
C THR A 43 -2.53 -12.12 -6.65
N GLY A 44 -1.22 -12.18 -6.56
CA GLY A 44 -0.40 -12.51 -7.72
C GLY A 44 0.02 -11.25 -8.48
N VAL A 45 -0.77 -10.19 -8.28
CA VAL A 45 -0.49 -8.93 -8.93
C VAL A 45 0.93 -8.48 -8.61
N GLU A 46 1.25 -7.26 -9.03
CA GLU A 46 2.57 -6.71 -8.79
C GLU A 46 2.49 -5.51 -7.85
N TYR A 47 3.20 -5.61 -6.74
CA TYR A 47 3.22 -4.54 -5.76
C TYR A 47 4.64 -4.24 -5.29
N GLU A 48 4.75 -3.19 -4.49
CA GLU A 48 6.05 -2.79 -3.97
C GLU A 48 5.90 -2.22 -2.55
N THR A 49 7.04 -2.09 -1.87
CA THR A 49 7.05 -1.57 -0.52
C THR A 49 8.01 -0.39 -0.41
N PHE A 50 7.90 0.34 0.69
CA PHE A 50 8.75 1.49 0.93
C PHE A 50 9.27 1.50 2.36
N ASP A 51 10.36 2.23 2.56
CA ASP A 51 10.96 2.34 3.88
C ASP A 51 10.53 3.65 4.53
N ILE A 52 9.72 3.52 5.58
CA ILE A 52 9.24 4.68 6.31
C ILE A 52 10.20 5.01 7.44
N LEU A 53 10.95 4.00 7.85
CA LEU A 53 11.92 4.17 8.93
C LEU A 53 12.98 5.19 8.50
N GLU A 54 13.78 4.78 7.54
CA GLU A 54 14.84 5.65 7.03
C GLU A 54 14.32 7.07 6.85
N ASP A 55 13.45 7.23 5.85
CA ASP A 55 12.87 8.52 5.57
C ASP A 55 11.67 8.77 6.49
N GLU A 56 11.93 9.46 7.59
CA GLU A 56 10.88 9.76 8.55
C GLU A 56 9.94 10.82 8.00
N GLU A 57 10.53 11.80 7.33
CA GLU A 57 9.75 12.88 6.74
C GLU A 57 8.61 12.31 5.90
N VAL A 58 8.93 11.29 5.12
CA VAL A 58 7.94 10.66 4.27
C VAL A 58 6.90 9.95 5.14
N ARG A 59 7.38 9.33 6.20
CA ARG A 59 6.51 8.62 7.12
C ARG A 59 5.47 9.58 7.71
N GLN A 60 5.97 10.70 8.21
CA GLN A 60 5.10 11.71 8.80
C GLN A 60 4.35 12.46 7.71
N GLY A 61 4.99 12.58 6.57
CA GLY A 61 4.40 13.28 5.44
C GLY A 61 3.28 12.45 4.81
N LEU A 62 3.48 11.15 4.82
CA LEU A 62 2.50 10.23 4.25
C LEU A 62 1.24 10.23 5.12
N LYS A 63 1.44 9.84 6.38
CA LYS A 63 0.33 9.79 7.32
C LYS A 63 -0.43 11.13 7.28
N THR A 64 0.33 12.20 7.15
CA THR A 64 -0.25 13.52 7.09
C THR A 64 -1.03 13.72 5.80
N PHE A 65 -0.64 12.93 4.79
CA PHE A 65 -1.30 13.00 3.49
C PHE A 65 -2.50 12.06 3.43
N SER A 66 -2.23 10.79 3.72
CA SER A 66 -3.28 9.79 3.70
C SER A 66 -4.21 9.98 4.90
N ASN A 67 -3.65 10.50 5.97
CA ASN A 67 -4.41 10.74 7.19
C ASN A 67 -4.67 9.41 7.89
N TRP A 68 -3.70 8.51 7.76
CA TRP A 68 -3.81 7.20 8.38
C TRP A 68 -2.40 6.74 8.77
N PRO A 69 -1.97 7.17 9.97
CA PRO A 69 -0.66 6.81 10.48
C PRO A 69 -0.63 5.36 10.94
N THR A 70 -1.80 4.74 10.94
CA THR A 70 -1.92 3.35 11.37
C THR A 70 -1.57 2.42 10.22
N TYR A 71 -0.27 2.22 10.04
CA TYR A 71 0.21 1.36 8.98
C TYR A 71 -0.08 -0.12 9.29
N PRO A 72 0.04 -0.97 8.24
CA PRO A 72 0.41 -0.48 6.92
C PRO A 72 -0.76 0.24 6.25
N GLN A 73 -0.55 0.61 5.00
CA GLN A 73 -1.57 1.31 4.24
C GLN A 73 -1.66 0.75 2.82
N LEU A 74 -2.81 0.99 2.20
CA LEU A 74 -3.02 0.51 0.84
C LEU A 74 -3.41 1.69 -0.06
N TYR A 75 -2.73 1.77 -1.19
CA TYR A 75 -2.98 2.84 -2.14
C TYR A 75 -3.25 2.28 -3.53
N VAL A 76 -4.37 2.71 -4.10
CA VAL A 76 -4.76 2.27 -5.42
C VAL A 76 -5.29 3.45 -6.23
N ARG A 77 -4.89 3.49 -7.50
CA ARG A 77 -5.32 4.57 -8.37
C ARG A 77 -4.72 5.90 -7.92
N GLY A 78 -5.21 6.38 -6.80
CA GLY A 78 -4.73 7.64 -6.24
C GLY A 78 -5.23 7.84 -4.81
N ASP A 79 -6.49 7.49 -4.60
CA ASP A 79 -7.09 7.62 -3.29
C ASP A 79 -6.60 6.49 -2.39
N LEU A 80 -6.73 6.71 -1.09
CA LEU A 80 -6.30 5.73 -0.11
C LEU A 80 -7.39 4.67 0.05
N VAL A 81 -6.97 3.41 0.02
CA VAL A 81 -7.90 2.30 0.16
C VAL A 81 -8.14 2.04 1.64
N GLY A 82 -7.07 1.70 2.34
CA GLY A 82 -7.15 1.41 3.76
C GLY A 82 -5.91 0.67 4.25
N GLY A 83 -5.98 0.21 5.48
CA GLY A 83 -4.88 -0.53 6.08
C GLY A 83 -5.10 -2.04 5.97
N LEU A 84 -4.30 -2.78 6.74
CA LEU A 84 -4.41 -4.22 6.74
C LEU A 84 -5.86 -4.64 7.02
N ASP A 85 -6.35 -4.18 8.17
CA ASP A 85 -7.72 -4.49 8.56
C ASP A 85 -8.65 -4.30 7.37
N ILE A 86 -8.33 -3.29 6.57
CA ILE A 86 -9.13 -2.99 5.39
C ILE A 86 -8.80 -3.99 4.29
N VAL A 87 -7.56 -3.92 3.83
CA VAL A 87 -7.09 -4.81 2.78
C VAL A 87 -7.63 -6.22 3.04
N LYS A 88 -7.44 -6.67 4.27
CA LYS A 88 -7.90 -7.99 4.66
C LYS A 88 -9.42 -8.08 4.48
N GLU A 89 -10.10 -7.08 5.01
CA GLU A 89 -11.55 -7.03 4.92
C GLU A 89 -12.00 -7.31 3.49
N LEU A 90 -11.42 -6.55 2.56
CA LEU A 90 -11.75 -6.71 1.16
C LEU A 90 -11.44 -8.15 0.72
N LYS A 91 -10.16 -8.50 0.84
CA LYS A 91 -9.71 -9.82 0.46
C LYS A 91 -10.68 -10.86 1.04
N ASP A 92 -10.82 -10.84 2.35
CA ASP A 92 -11.70 -11.77 3.03
C ASP A 92 -13.02 -11.87 2.26
N ASN A 93 -13.72 -10.74 2.21
CA ASN A 93 -14.99 -10.69 1.51
C ASN A 93 -14.81 -11.19 0.08
N GLY A 94 -13.66 -10.85 -0.48
CA GLY A 94 -13.35 -11.27 -1.85
C GLY A 94 -13.54 -10.10 -2.83
N GLU A 95 -13.18 -8.92 -2.37
CA GLU A 95 -13.31 -7.73 -3.20
C GLU A 95 -12.04 -6.88 -3.12
N LEU A 96 -10.91 -7.54 -3.37
CA LEU A 96 -9.62 -6.87 -3.34
C LEU A 96 -8.86 -7.18 -4.62
N LEU A 97 -8.88 -8.45 -5.00
CA LEU A 97 -8.19 -8.89 -6.20
C LEU A 97 -8.65 -8.03 -7.38
N PRO A 98 -9.99 -7.83 -7.47
CA PRO A 98 -10.56 -7.04 -8.55
C PRO A 98 -10.33 -5.54 -8.30
N ILE A 99 -9.84 -5.24 -7.11
CA ILE A 99 -9.58 -3.86 -6.73
C ILE A 99 -8.12 -3.53 -7.02
N LEU A 100 -7.26 -4.50 -6.74
CA LEU A 100 -5.83 -4.34 -6.96
C LEU A 100 -5.54 -4.46 -8.46
N LYS A 101 -6.08 -5.51 -9.05
CA LYS A 101 -5.88 -5.76 -10.47
C LYS A 101 -6.10 -4.44 -11.24
N GLY A 102 -7.34 -3.97 -11.22
CA GLY A 102 -7.69 -2.75 -11.90
C GLY A 102 -9.01 -2.18 -11.38
N GLU A 103 -10.10 -2.78 -11.83
CA GLU A 103 -11.42 -2.34 -11.40
C GLU A 103 -12.31 -3.55 -11.12
N SER A 104 -13.48 -3.26 -10.57
CA SER A 104 -14.43 -4.31 -10.24
C SER A 104 -14.91 -5.00 -11.52
N GLY A 105 -14.26 -6.11 -11.82
CA GLY A 105 -14.60 -6.88 -13.01
C GLY A 105 -14.31 -8.37 -12.81
N PRO A 106 -15.38 -9.13 -12.50
CA PRO A 106 -15.25 -10.56 -12.28
C PRO A 106 -15.07 -11.30 -13.60
N SER A 107 -13.99 -12.06 -13.68
CA SER A 107 -13.69 -12.83 -14.88
C SER A 107 -14.27 -14.24 -14.77
N SER A 108 -14.74 -14.75 -15.90
CA SER A 108 -15.32 -16.07 -15.93
C SER A 108 -14.21 -17.13 -15.87
N GLY A 109 -13.27 -17.02 -16.79
CA GLY A 109 -12.15 -17.95 -16.84
C GLY A 109 -12.46 -19.10 -17.81
N GLY A 1 10.08 20.11 -8.96
CA GLY A 1 9.44 20.24 -7.66
C GLY A 1 8.85 21.64 -7.47
N SER A 2 7.55 21.74 -7.70
CA SER A 2 6.86 23.01 -7.55
C SER A 2 7.11 23.59 -6.16
N SER A 3 6.69 22.82 -5.16
CA SER A 3 6.86 23.24 -3.78
C SER A 3 7.91 22.38 -3.09
N GLY A 4 9.11 22.93 -3.00
CA GLY A 4 10.22 22.23 -2.38
C GLY A 4 10.64 21.02 -3.21
N SER A 5 10.83 19.90 -2.52
CA SER A 5 11.23 18.67 -3.18
C SER A 5 10.78 17.47 -2.37
N SER A 6 9.67 16.88 -2.82
CA SER A 6 9.12 15.72 -2.15
C SER A 6 8.08 15.04 -3.04
N GLY A 7 8.37 13.78 -3.36
CA GLY A 7 7.47 13.00 -4.21
C GLY A 7 6.75 11.93 -3.40
N LEU A 8 5.58 12.31 -2.88
CA LEU A 8 4.78 11.38 -2.09
C LEU A 8 3.85 10.61 -3.02
N LYS A 9 2.92 11.34 -3.62
CA LYS A 9 1.96 10.73 -4.53
C LYS A 9 2.70 9.82 -5.51
N VAL A 10 3.83 10.32 -5.99
CA VAL A 10 4.64 9.56 -6.93
C VAL A 10 5.07 8.25 -6.29
N LEU A 11 5.33 8.31 -4.99
CA LEU A 11 5.75 7.14 -4.24
C LEU A 11 4.60 6.14 -4.17
N THR A 12 3.55 6.56 -3.48
CA THR A 12 2.37 5.72 -3.33
C THR A 12 1.92 5.18 -4.68
N ASN A 13 2.31 5.90 -5.72
CA ASN A 13 1.96 5.51 -7.08
C ASN A 13 3.20 5.00 -7.81
N LYS A 14 4.09 4.39 -7.05
CA LYS A 14 5.32 3.86 -7.60
C LYS A 14 5.00 2.59 -8.41
N ALA A 15 4.57 1.56 -7.68
CA ALA A 15 4.24 0.30 -8.31
C ALA A 15 2.72 0.17 -8.41
N SER A 16 2.28 -0.96 -8.95
CA SER A 16 0.87 -1.22 -9.11
C SER A 16 0.20 -1.32 -7.73
N VAL A 17 0.95 -1.88 -6.78
CA VAL A 17 0.44 -2.04 -5.43
C VAL A 17 1.50 -1.57 -4.43
N MET A 18 1.22 -0.42 -3.82
CA MET A 18 2.13 0.15 -2.85
C MET A 18 1.78 -0.31 -1.43
N LEU A 19 2.81 -0.75 -0.72
CA LEU A 19 2.63 -1.22 0.65
C LEU A 19 3.71 -0.62 1.54
N PHE A 20 3.29 0.36 2.34
CA PHE A 20 4.22 1.03 3.24
C PHE A 20 4.26 0.32 4.60
N MET A 21 5.42 -0.26 4.89
CA MET A 21 5.61 -0.96 6.14
C MET A 21 7.01 -0.71 6.71
N LYS A 22 7.24 -1.23 7.90
CA LYS A 22 8.52 -1.06 8.57
C LYS A 22 9.19 -2.42 8.73
N GLY A 23 10.47 -2.46 8.39
CA GLY A 23 11.23 -3.69 8.50
C GLY A 23 11.42 -4.34 7.11
N ASN A 24 11.12 -3.56 6.09
CA ASN A 24 11.25 -4.04 4.72
C ASN A 24 10.46 -5.33 4.56
N LYS A 25 10.51 -5.87 3.35
CA LYS A 25 9.80 -7.11 3.05
C LYS A 25 10.42 -8.26 3.84
N GLN A 26 11.75 -8.32 3.79
CA GLN A 26 12.48 -9.36 4.49
C GLN A 26 12.06 -9.40 5.97
N GLU A 27 12.31 -8.30 6.65
CA GLU A 27 11.97 -8.20 8.06
C GLU A 27 10.48 -7.89 8.22
N ALA A 28 9.74 -8.93 8.61
CA ALA A 28 8.30 -8.78 8.81
C ALA A 28 7.79 -9.96 9.64
N LYS A 29 6.48 -10.11 9.64
CA LYS A 29 5.85 -11.18 10.40
C LYS A 29 5.57 -10.70 11.82
N CYS A 30 5.23 -9.42 11.92
CA CYS A 30 4.93 -8.83 13.22
C CYS A 30 3.42 -8.85 13.42
N GLY A 31 2.77 -9.80 12.75
CA GLY A 31 1.33 -9.94 12.85
C GLY A 31 0.62 -8.69 12.32
N PHE A 32 1.06 -8.24 11.15
CA PHE A 32 0.48 -7.06 10.54
C PHE A 32 1.31 -6.61 9.34
N SER A 33 2.60 -6.85 9.43
CA SER A 33 3.51 -6.47 8.36
C SER A 33 3.53 -7.55 7.28
N LYS A 34 3.59 -8.79 7.73
CA LYS A 34 3.62 -9.92 6.81
C LYS A 34 2.21 -10.16 6.28
N GLN A 35 1.26 -10.26 7.21
CA GLN A 35 -0.13 -10.49 6.84
C GLN A 35 -0.48 -9.72 5.57
N ILE A 36 -0.41 -8.39 5.68
CA ILE A 36 -0.71 -7.54 4.55
C ILE A 36 0.05 -8.04 3.31
N LEU A 37 1.30 -8.37 3.52
CA LEU A 37 2.14 -8.86 2.44
C LEU A 37 1.56 -10.17 1.91
N GLU A 38 1.51 -11.16 2.79
CA GLU A 38 0.99 -12.47 2.42
C GLU A 38 -0.24 -12.31 1.53
N ILE A 39 -1.05 -11.32 1.86
CA ILE A 39 -2.26 -11.05 1.09
C ILE A 39 -1.88 -10.32 -0.19
N LEU A 40 -1.16 -9.22 -0.02
CA LEU A 40 -0.74 -8.41 -1.16
C LEU A 40 -0.15 -9.32 -2.23
N ASN A 41 0.42 -10.43 -1.78
CA ASN A 41 1.01 -11.40 -2.69
C ASN A 41 -0.06 -12.34 -3.20
N SER A 42 -1.01 -12.66 -2.32
CA SER A 42 -2.09 -13.55 -2.66
C SER A 42 -2.76 -13.08 -3.96
N THR A 43 -3.01 -11.77 -4.02
CA THR A 43 -3.65 -11.18 -5.19
C THR A 43 -2.95 -11.66 -6.46
N GLY A 44 -1.66 -11.91 -6.33
CA GLY A 44 -0.88 -12.37 -7.47
C GLY A 44 -0.45 -11.20 -8.36
N VAL A 45 -0.99 -10.03 -8.02
CA VAL A 45 -0.68 -8.83 -8.78
C VAL A 45 0.74 -8.37 -8.44
N GLU A 46 1.07 -7.18 -8.91
CA GLU A 46 2.39 -6.61 -8.66
C GLU A 46 2.31 -5.55 -7.56
N TYR A 47 3.23 -5.65 -6.62
CA TYR A 47 3.28 -4.71 -5.52
C TYR A 47 4.73 -4.39 -5.12
N GLU A 48 4.88 -3.45 -4.21
CA GLU A 48 6.19 -3.04 -3.74
C GLU A 48 6.12 -2.57 -2.29
N THR A 49 7.28 -2.28 -1.74
CA THR A 49 7.36 -1.81 -0.36
C THR A 49 8.30 -0.60 -0.26
N PHE A 50 8.07 0.21 0.76
CA PHE A 50 8.88 1.39 0.97
C PHE A 50 9.39 1.44 2.41
N ASP A 51 10.36 2.32 2.63
CA ASP A 51 10.95 2.48 3.96
C ASP A 51 10.40 3.77 4.59
N ILE A 52 9.42 3.59 5.46
CA ILE A 52 8.81 4.71 6.14
C ILE A 52 9.72 5.16 7.29
N LEU A 53 10.60 4.26 7.69
CA LEU A 53 11.53 4.55 8.76
C LEU A 53 12.56 5.57 8.29
N GLU A 54 13.36 5.16 7.32
CA GLU A 54 14.39 6.02 6.77
C GLU A 54 13.83 7.44 6.59
N ASP A 55 13.17 7.65 5.46
CA ASP A 55 12.60 8.94 5.14
C ASP A 55 11.48 9.24 6.13
N GLU A 56 11.73 10.22 6.98
CA GLU A 56 10.75 10.62 7.99
C GLU A 56 9.70 11.56 7.36
N GLU A 57 10.22 12.60 6.72
CA GLU A 57 9.35 13.58 6.08
C GLU A 57 8.25 12.87 5.28
N VAL A 58 8.66 11.82 4.58
CA VAL A 58 7.72 11.06 3.77
C VAL A 58 6.71 10.36 4.68
N ARG A 59 7.21 9.85 5.79
CA ARG A 59 6.36 9.16 6.76
C ARG A 59 5.28 10.12 7.28
N GLN A 60 5.74 11.14 7.99
CA GLN A 60 4.82 12.12 8.54
C GLN A 60 3.90 12.67 7.46
N GLY A 61 4.47 12.88 6.28
CA GLY A 61 3.71 13.39 5.16
C GLY A 61 2.71 12.35 4.65
N LEU A 62 3.14 11.10 4.66
CA LEU A 62 2.31 10.01 4.21
C LEU A 62 1.18 9.78 5.22
N LYS A 63 1.57 9.40 6.42
CA LYS A 63 0.62 9.15 7.49
C LYS A 63 -0.42 10.28 7.51
N THR A 64 0.04 11.46 7.13
CA THR A 64 -0.83 12.63 7.10
C THR A 64 -1.66 12.64 5.81
N PHE A 65 -0.97 12.51 4.70
CA PHE A 65 -1.63 12.51 3.40
C PHE A 65 -2.93 11.71 3.45
N SER A 66 -2.92 10.67 4.27
CA SER A 66 -4.09 9.83 4.43
C SER A 66 -4.67 9.97 5.84
N ASN A 67 -3.78 10.26 6.78
CA ASN A 67 -4.18 10.43 8.16
C ASN A 67 -4.37 9.05 8.80
N TRP A 68 -3.45 8.15 8.48
CA TRP A 68 -3.51 6.80 9.02
C TRP A 68 -2.09 6.41 9.45
N PRO A 69 -1.63 7.05 10.56
CA PRO A 69 -0.31 6.77 11.09
C PRO A 69 -0.27 5.42 11.80
N THR A 70 -1.09 4.51 11.31
CA THR A 70 -1.16 3.18 11.89
C THR A 70 -0.31 2.20 11.08
N TYR A 71 -0.62 2.12 9.79
CA TYR A 71 0.11 1.24 8.90
C TYR A 71 0.07 -0.21 9.41
N PRO A 72 0.38 -1.15 8.48
CA PRO A 72 0.70 -0.78 7.11
C PRO A 72 -0.56 -0.37 6.34
N GLN A 73 -0.33 0.28 5.21
CA GLN A 73 -1.43 0.72 4.37
C GLN A 73 -1.12 0.47 2.89
N LEU A 74 -2.17 0.33 2.11
CA LEU A 74 -2.02 0.07 0.69
C LEU A 74 -2.53 1.28 -0.09
N TYR A 75 -1.81 1.60 -1.16
CA TYR A 75 -2.17 2.73 -2.00
C TYR A 75 -2.32 2.30 -3.46
N VAL A 76 -3.43 2.71 -4.05
CA VAL A 76 -3.71 2.37 -5.44
C VAL A 76 -3.98 3.65 -6.22
N ARG A 77 -3.87 3.53 -7.54
CA ARG A 77 -4.10 4.67 -8.41
C ARG A 77 -5.31 5.48 -7.92
N GLY A 78 -6.37 4.75 -7.59
CA GLY A 78 -7.58 5.38 -7.11
C GLY A 78 -7.33 6.19 -5.83
N ASP A 79 -7.83 5.66 -4.73
CA ASP A 79 -7.66 6.31 -3.44
C ASP A 79 -7.10 5.30 -2.43
N LEU A 80 -6.75 5.81 -1.27
CA LEU A 80 -6.21 4.97 -0.21
C LEU A 80 -7.19 3.83 0.07
N VAL A 81 -6.65 2.61 0.04
CA VAL A 81 -7.46 1.44 0.30
C VAL A 81 -7.76 1.34 1.80
N GLY A 82 -6.69 1.18 2.57
CA GLY A 82 -6.83 1.07 4.01
C GLY A 82 -5.75 0.17 4.60
N GLY A 83 -5.80 0.01 5.92
CA GLY A 83 -4.83 -0.82 6.61
C GLY A 83 -5.07 -2.31 6.32
N LEU A 84 -4.32 -3.14 7.01
CA LEU A 84 -4.44 -4.57 6.85
C LEU A 84 -5.88 -5.00 7.11
N ASP A 85 -6.37 -4.59 8.28
CA ASP A 85 -7.74 -4.92 8.67
C ASP A 85 -8.68 -4.61 7.51
N ILE A 86 -8.36 -3.53 6.80
CA ILE A 86 -9.18 -3.12 5.67
C ILE A 86 -8.93 -4.07 4.49
N VAL A 87 -7.69 -4.04 4.01
CA VAL A 87 -7.31 -4.88 2.88
C VAL A 87 -7.89 -6.28 3.09
N LYS A 88 -7.49 -6.90 4.19
CA LYS A 88 -7.96 -8.24 4.51
C LYS A 88 -9.47 -8.31 4.28
N GLU A 89 -10.19 -7.40 4.91
CA GLU A 89 -11.63 -7.35 4.77
C GLU A 89 -12.04 -7.52 3.31
N LEU A 90 -11.51 -6.64 2.47
CA LEU A 90 -11.81 -6.69 1.04
C LEU A 90 -11.46 -8.08 0.50
N LYS A 91 -10.22 -8.47 0.72
CA LYS A 91 -9.75 -9.76 0.26
C LYS A 91 -10.74 -10.85 0.69
N ASP A 92 -10.99 -10.88 2.00
CA ASP A 92 -11.92 -11.86 2.55
C ASP A 92 -13.23 -11.80 1.77
N ASN A 93 -13.80 -10.61 1.70
CA ASN A 93 -15.05 -10.40 1.00
C ASN A 93 -14.92 -10.92 -0.43
N GLY A 94 -13.90 -10.41 -1.11
CA GLY A 94 -13.64 -10.81 -2.49
C GLY A 94 -13.76 -9.61 -3.43
N GLU A 95 -13.31 -8.47 -2.95
CA GLU A 95 -13.36 -7.25 -3.73
C GLU A 95 -12.08 -6.43 -3.54
N LEU A 96 -10.95 -7.10 -3.71
CA LEU A 96 -9.66 -6.45 -3.55
C LEU A 96 -8.87 -6.59 -4.84
N LEU A 97 -8.91 -7.79 -5.41
CA LEU A 97 -8.20 -8.06 -6.64
C LEU A 97 -8.57 -7.00 -7.69
N PRO A 98 -9.90 -6.74 -7.79
CA PRO A 98 -10.39 -5.75 -8.74
C PRO A 98 -10.10 -4.33 -8.25
N ILE A 99 -9.86 -4.22 -6.96
CA ILE A 99 -9.58 -2.93 -6.36
C ILE A 99 -8.10 -2.60 -6.56
N LEU A 100 -7.27 -3.62 -6.40
CA LEU A 100 -5.83 -3.46 -6.56
C LEU A 100 -5.51 -3.27 -8.04
N LYS A 101 -5.97 -4.23 -8.85
CA LYS A 101 -5.73 -4.19 -10.28
C LYS A 101 -5.88 -2.75 -10.77
N GLY A 102 -7.11 -2.26 -10.68
CA GLY A 102 -7.41 -0.91 -11.12
C GLY A 102 -8.67 -0.87 -11.99
N GLU A 103 -9.81 -0.83 -11.32
CA GLU A 103 -11.08 -0.78 -12.02
C GLU A 103 -11.82 0.52 -11.73
N SER A 104 -12.64 0.93 -12.67
CA SER A 104 -13.40 2.16 -12.52
C SER A 104 -14.47 2.25 -13.61
N GLY A 105 -14.01 2.29 -14.85
CA GLY A 105 -14.91 2.37 -15.98
C GLY A 105 -14.14 2.72 -17.27
N PRO A 106 -14.84 3.47 -18.16
CA PRO A 106 -14.23 3.86 -19.43
C PRO A 106 -13.22 5.00 -19.22
N SER A 107 -13.52 5.83 -18.24
CA SER A 107 -12.64 6.95 -17.92
C SER A 107 -12.71 7.26 -16.42
N SER A 108 -13.88 7.70 -15.99
CA SER A 108 -14.09 8.02 -14.60
C SER A 108 -13.09 9.10 -14.16
N GLY A 109 -13.48 10.34 -14.38
CA GLY A 109 -12.63 11.47 -14.02
C GLY A 109 -13.44 12.57 -13.32
N GLY A 1 15.46 24.04 -15.35
CA GLY A 1 15.30 22.65 -14.94
C GLY A 1 13.93 22.42 -14.31
N SER A 2 13.55 21.15 -14.23
CA SER A 2 12.27 20.77 -13.66
C SER A 2 12.11 19.25 -13.67
N SER A 3 12.14 18.67 -12.48
CA SER A 3 12.00 17.23 -12.34
C SER A 3 11.76 16.87 -10.87
N GLY A 4 12.74 17.21 -10.05
CA GLY A 4 12.65 16.92 -8.63
C GLY A 4 13.50 15.71 -8.25
N SER A 5 13.32 15.24 -7.04
CA SER A 5 14.07 14.10 -6.55
C SER A 5 13.18 13.25 -5.63
N SER A 6 12.75 13.86 -4.54
CA SER A 6 11.90 13.18 -3.57
C SER A 6 10.44 13.53 -3.83
N GLY A 7 9.57 12.58 -3.52
CA GLY A 7 8.15 12.77 -3.71
C GLY A 7 7.34 11.72 -2.94
N LEU A 8 6.19 12.15 -2.43
CA LEU A 8 5.33 11.26 -1.68
C LEU A 8 4.29 10.65 -2.63
N LYS A 9 3.45 11.53 -3.16
CA LYS A 9 2.40 11.09 -4.08
C LYS A 9 2.97 10.06 -5.05
N VAL A 10 4.14 10.39 -5.59
CA VAL A 10 4.81 9.50 -6.53
C VAL A 10 5.00 8.13 -5.87
N LEU A 11 5.51 8.16 -4.66
CA LEU A 11 5.76 6.94 -3.92
C LEU A 11 4.52 6.05 -3.98
N THR A 12 3.41 6.61 -3.51
CA THR A 12 2.15 5.88 -3.51
C THR A 12 1.75 5.50 -4.93
N ASN A 13 2.31 6.23 -5.89
CA ASN A 13 2.02 5.98 -7.29
C ASN A 13 3.31 5.52 -7.99
N LYS A 14 4.13 4.80 -7.24
CA LYS A 14 5.39 4.30 -7.79
C LYS A 14 5.13 2.96 -8.48
N ALA A 15 4.56 2.04 -7.73
CA ALA A 15 4.26 0.72 -8.27
C ALA A 15 2.75 0.49 -8.25
N SER A 16 2.31 -0.40 -9.13
CA SER A 16 0.89 -0.72 -9.22
C SER A 16 0.27 -0.76 -7.82
N VAL A 17 0.75 -1.69 -7.02
CA VAL A 17 0.26 -1.85 -5.66
C VAL A 17 1.35 -1.44 -4.67
N MET A 18 1.05 -0.40 -3.91
CA MET A 18 1.99 0.10 -2.92
C MET A 18 1.67 -0.43 -1.52
N LEU A 19 2.72 -0.73 -0.78
CA LEU A 19 2.56 -1.26 0.57
C LEU A 19 3.66 -0.69 1.46
N PHE A 20 3.28 0.27 2.28
CA PHE A 20 4.22 0.89 3.19
C PHE A 20 4.21 0.20 4.56
N MET A 21 5.40 -0.12 5.04
CA MET A 21 5.55 -0.77 6.32
C MET A 21 6.84 -0.33 7.03
N LYS A 22 7.03 -0.87 8.22
CA LYS A 22 8.21 -0.54 9.00
C LYS A 22 9.14 -1.76 9.05
N GLY A 23 10.22 -1.67 8.29
CA GLY A 23 11.19 -2.75 8.23
C GLY A 23 11.53 -3.11 6.79
N ASN A 24 10.53 -2.99 5.93
CA ASN A 24 10.70 -3.30 4.52
C ASN A 24 10.63 -4.82 4.33
N LYS A 25 10.36 -5.21 3.09
CA LYS A 25 10.27 -6.62 2.77
C LYS A 25 11.38 -7.39 3.50
N GLN A 26 12.49 -6.71 3.69
CA GLN A 26 13.63 -7.31 4.36
C GLN A 26 13.17 -7.97 5.67
N GLU A 27 12.54 -7.17 6.51
CA GLU A 27 12.05 -7.66 7.79
C GLU A 27 10.64 -7.11 8.07
N ALA A 28 9.76 -8.01 8.48
CA ALA A 28 8.39 -7.64 8.77
C ALA A 28 8.19 -7.64 10.29
N LYS A 29 8.06 -6.44 10.84
CA LYS A 29 7.86 -6.30 12.28
C LYS A 29 6.96 -5.09 12.54
N CYS A 30 6.04 -4.87 11.61
CA CYS A 30 5.10 -3.76 11.73
C CYS A 30 3.72 -4.33 12.07
N GLY A 31 3.63 -4.91 13.26
CA GLY A 31 2.37 -5.49 13.70
C GLY A 31 1.64 -6.18 12.56
N PHE A 32 1.91 -7.46 12.40
CA PHE A 32 1.29 -8.23 11.34
C PHE A 32 1.47 -7.57 9.98
N SER A 33 2.72 -7.27 9.67
CA SER A 33 3.05 -6.62 8.41
C SER A 33 3.06 -7.65 7.28
N LYS A 34 3.99 -8.59 7.39
CA LYS A 34 4.12 -9.64 6.39
C LYS A 34 2.72 -10.08 5.94
N GLN A 35 1.82 -10.17 6.90
CA GLN A 35 0.46 -10.57 6.61
C GLN A 35 -0.05 -9.86 5.35
N ILE A 36 -0.10 -8.55 5.44
CA ILE A 36 -0.55 -7.73 4.32
C ILE A 36 0.24 -8.11 3.06
N LEU A 37 1.52 -8.34 3.26
CA LEU A 37 2.40 -8.71 2.16
C LEU A 37 1.95 -10.05 1.59
N GLU A 38 1.75 -11.01 2.48
CA GLU A 38 1.32 -12.34 2.07
C GLU A 38 0.03 -12.26 1.27
N ILE A 39 -0.85 -11.37 1.71
CA ILE A 39 -2.13 -11.20 1.05
C ILE A 39 -1.91 -10.44 -0.26
N LEU A 40 -1.18 -9.34 -0.17
CA LEU A 40 -0.89 -8.52 -1.33
C LEU A 40 -0.31 -9.41 -2.44
N ASN A 41 0.23 -10.54 -2.02
CA ASN A 41 0.81 -11.48 -2.96
C ASN A 41 -0.26 -12.48 -3.42
N SER A 42 -1.08 -12.90 -2.46
CA SER A 42 -2.14 -13.83 -2.75
C SER A 42 -2.92 -13.39 -4.00
N THR A 43 -3.20 -12.10 -4.04
CA THR A 43 -3.93 -11.54 -5.18
C THR A 43 -3.30 -12.00 -6.49
N GLY A 44 -1.99 -11.84 -6.58
CA GLY A 44 -1.25 -12.24 -7.77
C GLY A 44 -0.68 -11.02 -8.48
N VAL A 45 -1.23 -9.86 -8.14
CA VAL A 45 -0.78 -8.61 -8.74
C VAL A 45 0.66 -8.33 -8.32
N GLU A 46 1.19 -7.22 -8.80
CA GLU A 46 2.56 -6.83 -8.47
C GLU A 46 2.56 -5.56 -7.61
N TYR A 47 3.17 -5.69 -6.44
CA TYR A 47 3.25 -4.57 -5.52
C TYR A 47 4.70 -4.34 -5.06
N GLU A 48 4.89 -3.23 -4.37
CA GLU A 48 6.21 -2.89 -3.87
C GLU A 48 6.11 -2.31 -2.45
N THR A 49 7.25 -2.26 -1.78
CA THR A 49 7.32 -1.74 -0.43
C THR A 49 8.32 -0.60 -0.33
N PHE A 50 8.11 0.25 0.66
CA PHE A 50 8.99 1.39 0.88
C PHE A 50 9.46 1.46 2.33
N ASP A 51 10.46 2.30 2.56
CA ASP A 51 11.00 2.48 3.89
C ASP A 51 10.53 3.81 4.46
N ILE A 52 9.74 3.73 5.52
CA ILE A 52 9.22 4.91 6.17
C ILE A 52 10.18 5.35 7.28
N LEU A 53 10.85 4.36 7.86
CA LEU A 53 11.79 4.63 8.93
C LEU A 53 12.82 5.65 8.45
N GLU A 54 13.60 5.23 7.46
CA GLU A 54 14.63 6.09 6.91
C GLU A 54 14.01 7.14 5.98
N ASP A 55 13.06 7.88 6.52
CA ASP A 55 12.38 8.90 5.75
C ASP A 55 11.24 9.49 6.59
N GLU A 56 11.57 9.84 7.82
CA GLU A 56 10.59 10.41 8.73
C GLU A 56 9.68 11.39 7.99
N GLU A 57 10.29 12.15 7.09
CA GLU A 57 9.56 13.14 6.30
C GLU A 57 8.41 12.45 5.56
N VAL A 58 8.74 11.37 4.86
CA VAL A 58 7.76 10.63 4.10
C VAL A 58 6.77 9.96 5.07
N ARG A 59 7.32 9.50 6.18
CA ARG A 59 6.51 8.84 7.20
C ARG A 59 5.40 9.78 7.69
N GLN A 60 5.81 10.97 8.08
CA GLN A 60 4.88 11.97 8.58
C GLN A 60 4.07 12.55 7.41
N GLY A 61 4.75 12.70 6.28
CA GLY A 61 4.10 13.25 5.10
C GLY A 61 2.98 12.33 4.61
N LEU A 62 3.23 11.03 4.71
CA LEU A 62 2.26 10.05 4.28
C LEU A 62 1.08 10.06 5.24
N LYS A 63 1.34 9.63 6.47
CA LYS A 63 0.32 9.59 7.49
C LYS A 63 -0.53 10.87 7.42
N THR A 64 0.15 11.99 7.28
CA THR A 64 -0.51 13.28 7.18
C THR A 64 -1.34 13.35 5.90
N PHE A 65 -0.75 12.84 4.82
CA PHE A 65 -1.41 12.84 3.53
C PHE A 65 -2.87 12.40 3.66
N SER A 66 -3.04 11.21 4.22
CA SER A 66 -4.36 10.64 4.41
C SER A 66 -4.72 10.61 5.90
N ASN A 67 -3.99 11.43 6.66
CA ASN A 67 -4.22 11.51 8.09
C ASN A 67 -4.46 10.10 8.64
N TRP A 68 -3.65 9.17 8.17
CA TRP A 68 -3.77 7.78 8.61
C TRP A 68 -2.39 7.32 9.09
N PRO A 69 -2.01 7.84 10.30
CA PRO A 69 -0.73 7.48 10.89
C PRO A 69 -0.76 6.06 11.46
N THR A 70 -1.58 5.23 10.84
CA THR A 70 -1.71 3.85 11.27
C THR A 70 -1.35 2.90 10.13
N TYR A 71 -0.09 2.51 10.10
CA TYR A 71 0.40 1.59 9.07
C TYR A 71 0.09 0.14 9.43
N PRO A 72 0.17 -0.73 8.40
CA PRO A 72 0.52 -0.29 7.06
C PRO A 72 -0.65 0.43 6.40
N GLN A 73 -0.45 0.78 5.13
CA GLN A 73 -1.48 1.48 4.38
C GLN A 73 -1.61 0.88 2.98
N LEU A 74 -2.77 1.08 2.38
CA LEU A 74 -3.02 0.57 1.05
C LEU A 74 -3.54 1.71 0.16
N TYR A 75 -3.00 1.77 -1.05
CA TYR A 75 -3.40 2.79 -2.00
C TYR A 75 -3.81 2.18 -3.34
N VAL A 76 -4.99 2.54 -3.79
CA VAL A 76 -5.51 2.04 -5.05
C VAL A 76 -6.14 3.18 -5.83
N ARG A 77 -5.85 3.21 -7.13
CA ARG A 77 -6.39 4.25 -7.99
C ARG A 77 -5.75 5.60 -7.67
N GLY A 78 -6.05 6.07 -6.47
CA GLY A 78 -5.52 7.34 -6.01
C GLY A 78 -5.89 7.61 -4.55
N ASP A 79 -7.14 7.33 -4.23
CA ASP A 79 -7.63 7.53 -2.88
C ASP A 79 -7.14 6.38 -1.98
N LEU A 80 -6.86 6.72 -0.74
CA LEU A 80 -6.39 5.73 0.22
C LEU A 80 -7.46 4.65 0.39
N VAL A 81 -6.98 3.42 0.57
CA VAL A 81 -7.88 2.30 0.74
C VAL A 81 -8.02 2.00 2.24
N GLY A 82 -6.88 1.76 2.87
CA GLY A 82 -6.87 1.46 4.29
C GLY A 82 -5.68 0.57 4.66
N GLY A 83 -5.70 0.08 5.88
CA GLY A 83 -4.63 -0.79 6.36
C GLY A 83 -5.03 -2.27 6.24
N LEU A 84 -4.24 -3.11 6.88
CA LEU A 84 -4.49 -4.55 6.85
C LEU A 84 -5.98 -4.80 7.12
N ASP A 85 -6.40 -4.42 8.32
CA ASP A 85 -7.79 -4.60 8.70
C ASP A 85 -8.70 -4.28 7.51
N ILE A 86 -8.29 -3.26 6.77
CA ILE A 86 -9.06 -2.85 5.60
C ILE A 86 -8.76 -3.79 4.43
N VAL A 87 -7.53 -3.72 3.95
CA VAL A 87 -7.11 -4.56 2.85
C VAL A 87 -7.69 -5.96 3.02
N LYS A 88 -7.45 -6.53 4.20
CA LYS A 88 -7.94 -7.86 4.51
C LYS A 88 -9.45 -7.91 4.27
N GLU A 89 -10.14 -6.96 4.87
CA GLU A 89 -11.59 -6.88 4.73
C GLU A 89 -11.99 -7.14 3.28
N LEU A 90 -11.34 -6.41 2.38
CA LEU A 90 -11.62 -6.55 0.96
C LEU A 90 -11.28 -7.97 0.51
N LYS A 91 -10.01 -8.32 0.63
CA LYS A 91 -9.55 -9.63 0.25
C LYS A 91 -10.51 -10.69 0.81
N ASP A 92 -10.61 -10.71 2.13
CA ASP A 92 -11.49 -11.66 2.80
C ASP A 92 -12.83 -11.70 2.07
N ASN A 93 -13.50 -10.55 2.06
CA ASN A 93 -14.79 -10.45 1.40
C ASN A 93 -14.68 -10.96 -0.03
N GLY A 94 -13.48 -10.79 -0.59
CA GLY A 94 -13.24 -11.24 -1.95
C GLY A 94 -13.51 -10.12 -2.95
N GLU A 95 -13.04 -8.93 -2.61
CA GLU A 95 -13.24 -7.76 -3.46
C GLU A 95 -11.97 -6.90 -3.47
N LEU A 96 -10.84 -7.56 -3.63
CA LEU A 96 -9.57 -6.87 -3.67
C LEU A 96 -8.84 -7.21 -4.97
N LEU A 97 -8.90 -8.48 -5.33
CA LEU A 97 -8.25 -8.95 -6.55
C LEU A 97 -8.72 -8.10 -7.73
N PRO A 98 -10.07 -7.89 -7.78
CA PRO A 98 -10.66 -7.09 -8.85
C PRO A 98 -10.38 -5.60 -8.63
N ILE A 99 -9.92 -5.28 -7.43
CA ILE A 99 -9.62 -3.90 -7.09
C ILE A 99 -8.19 -3.57 -7.51
N LEU A 100 -7.31 -4.54 -7.31
CA LEU A 100 -5.91 -4.37 -7.67
C LEU A 100 -5.74 -4.60 -9.17
N LYS A 101 -6.23 -5.74 -9.62
CA LYS A 101 -6.14 -6.09 -11.03
C LYS A 101 -6.72 -4.95 -11.88
N GLY A 102 -7.86 -4.46 -11.43
CA GLY A 102 -8.53 -3.38 -12.14
C GLY A 102 -8.06 -2.02 -11.62
N GLU A 103 -6.78 -1.96 -11.28
CA GLU A 103 -6.19 -0.74 -10.78
C GLU A 103 -6.36 0.39 -11.79
N SER A 104 -5.96 1.59 -11.38
CA SER A 104 -6.06 2.75 -12.24
C SER A 104 -5.65 2.39 -13.68
N GLY A 105 -6.60 2.52 -14.58
CA GLY A 105 -6.35 2.21 -15.98
C GLY A 105 -5.87 0.76 -16.14
N PRO A 106 -5.68 0.35 -17.43
CA PRO A 106 -5.23 -1.00 -17.73
C PRO A 106 -3.75 -1.16 -17.41
N SER A 107 -3.34 -2.42 -17.25
CA SER A 107 -1.96 -2.72 -16.94
C SER A 107 -1.59 -4.09 -17.52
N SER A 108 -0.66 -4.07 -18.47
CA SER A 108 -0.22 -5.30 -19.10
C SER A 108 -1.40 -6.02 -19.75
N GLY A 109 -1.08 -7.02 -20.55
CA GLY A 109 -2.10 -7.79 -21.23
C GLY A 109 -2.58 -7.08 -22.49
N GLY A 1 -3.59 16.64 -2.11
CA GLY A 1 -2.67 16.86 -1.00
C GLY A 1 -1.27 17.19 -1.51
N SER A 2 -0.74 18.29 -1.01
CA SER A 2 0.59 18.73 -1.41
C SER A 2 1.64 18.14 -0.46
N SER A 3 2.86 18.00 -0.99
CA SER A 3 3.95 17.44 -0.21
C SER A 3 4.99 18.53 0.08
N GLY A 4 5.97 18.17 0.88
CA GLY A 4 7.03 19.10 1.25
C GLY A 4 8.38 18.65 0.68
N SER A 5 8.60 19.00 -0.59
CA SER A 5 9.84 18.64 -1.25
C SER A 5 10.09 17.13 -1.11
N SER A 6 9.21 16.36 -1.71
CA SER A 6 9.32 14.92 -1.65
C SER A 6 8.25 14.26 -2.53
N GLY A 7 8.59 13.11 -3.06
CA GLY A 7 7.68 12.37 -3.93
C GLY A 7 6.81 11.41 -3.11
N LEU A 8 5.77 11.96 -2.50
CA LEU A 8 4.87 11.17 -1.69
C LEU A 8 3.79 10.55 -2.59
N LYS A 9 2.99 11.43 -3.18
CA LYS A 9 1.92 11.00 -4.06
C LYS A 9 2.49 10.01 -5.09
N VAL A 10 3.68 10.34 -5.58
CA VAL A 10 4.34 9.50 -6.57
C VAL A 10 4.68 8.15 -5.94
N LEU A 11 5.06 8.20 -4.67
CA LEU A 11 5.40 6.99 -3.94
C LEU A 11 4.20 6.05 -3.93
N THR A 12 3.03 6.62 -3.72
CA THR A 12 1.80 5.85 -3.69
C THR A 12 1.43 5.38 -5.09
N ASN A 13 1.58 6.29 -6.04
CA ASN A 13 1.26 5.99 -7.43
C ASN A 13 2.52 5.50 -8.15
N LYS A 14 3.47 5.03 -7.35
CA LYS A 14 4.73 4.53 -7.90
C LYS A 14 4.47 3.24 -8.67
N ALA A 15 3.98 2.25 -7.95
CA ALA A 15 3.68 0.96 -8.56
C ALA A 15 2.16 0.72 -8.53
N SER A 16 1.77 -0.42 -9.08
CA SER A 16 0.36 -0.77 -9.13
C SER A 16 -0.18 -0.96 -7.71
N VAL A 17 0.54 -1.75 -6.94
CA VAL A 17 0.15 -2.02 -5.56
C VAL A 17 1.26 -1.57 -4.62
N MET A 18 0.96 -0.51 -3.86
CA MET A 18 1.92 0.03 -2.92
C MET A 18 1.68 -0.52 -1.51
N LEU A 19 2.78 -0.85 -0.84
CA LEU A 19 2.69 -1.38 0.51
C LEU A 19 3.78 -0.75 1.37
N PHE A 20 3.35 0.17 2.23
CA PHE A 20 4.28 0.86 3.11
C PHE A 20 4.29 0.22 4.51
N MET A 21 5.41 -0.37 4.84
CA MET A 21 5.57 -1.02 6.14
C MET A 21 6.96 -0.78 6.71
N LYS A 22 7.18 -1.31 7.90
CA LYS A 22 8.46 -1.16 8.57
C LYS A 22 9.25 -2.46 8.43
N GLY A 23 10.39 -2.35 7.77
CA GLY A 23 11.26 -3.50 7.56
C GLY A 23 11.35 -3.86 6.07
N ASN A 24 10.33 -3.44 5.34
CA ASN A 24 10.28 -3.71 3.91
C ASN A 24 10.28 -5.22 3.67
N LYS A 25 10.27 -5.60 2.40
CA LYS A 25 10.27 -7.00 2.04
C LYS A 25 11.51 -7.66 2.60
N GLN A 26 12.63 -6.95 2.53
CA GLN A 26 13.88 -7.46 3.02
C GLN A 26 13.67 -8.24 4.33
N GLU A 27 12.86 -7.65 5.20
CA GLU A 27 12.57 -8.27 6.48
C GLU A 27 11.25 -7.72 7.04
N ALA A 28 10.47 -8.62 7.62
CA ALA A 28 9.20 -8.24 8.20
C ALA A 28 9.27 -8.36 9.73
N LYS A 29 8.67 -7.39 10.39
CA LYS A 29 8.66 -7.37 11.85
C LYS A 29 8.33 -8.77 12.37
N CYS A 30 7.16 -9.25 11.97
CA CYS A 30 6.71 -10.56 12.39
C CYS A 30 5.25 -10.73 11.99
N GLY A 31 4.38 -10.05 12.73
CA GLY A 31 2.95 -10.11 12.46
C GLY A 31 2.43 -8.76 11.98
N PHE A 32 1.24 -8.80 11.39
CA PHE A 32 0.62 -7.58 10.89
C PHE A 32 1.30 -7.12 9.60
N SER A 33 2.61 -6.91 9.70
CA SER A 33 3.37 -6.47 8.55
C SER A 33 3.40 -7.55 7.48
N LYS A 34 4.13 -8.61 7.77
CA LYS A 34 4.24 -9.73 6.84
C LYS A 34 2.85 -10.12 6.35
N GLN A 35 1.88 -9.95 7.24
CA GLN A 35 0.50 -10.29 6.91
C GLN A 35 0.07 -9.59 5.63
N ILE A 36 -0.09 -8.27 5.74
CA ILE A 36 -0.50 -7.47 4.59
C ILE A 36 0.21 -8.00 3.33
N LEU A 37 1.48 -8.33 3.50
CA LEU A 37 2.27 -8.84 2.39
C LEU A 37 1.66 -10.15 1.90
N GLU A 38 1.54 -11.10 2.83
CA GLU A 38 0.98 -12.40 2.50
C GLU A 38 -0.25 -12.24 1.62
N ILE A 39 -1.11 -11.31 2.01
CA ILE A 39 -2.32 -11.04 1.25
C ILE A 39 -1.96 -10.35 -0.06
N LEU A 40 -1.15 -9.30 0.06
CA LEU A 40 -0.72 -8.54 -1.10
C LEU A 40 -0.11 -9.49 -2.13
N ASN A 41 0.48 -10.56 -1.61
CA ASN A 41 1.11 -11.56 -2.48
C ASN A 41 0.08 -12.61 -2.88
N SER A 42 -0.92 -12.77 -2.02
CA SER A 42 -1.97 -13.73 -2.27
C SER A 42 -2.71 -13.38 -3.56
N THR A 43 -2.75 -12.08 -3.85
CA THR A 43 -3.41 -11.60 -5.04
C THR A 43 -2.66 -12.07 -6.29
N GLY A 44 -1.36 -12.23 -6.14
CA GLY A 44 -0.52 -12.67 -7.24
C GLY A 44 -0.39 -11.56 -8.30
N VAL A 45 -0.73 -10.35 -7.89
CA VAL A 45 -0.66 -9.21 -8.79
C VAL A 45 0.65 -8.46 -8.55
N GLU A 46 0.89 -7.46 -9.39
CA GLU A 46 2.09 -6.65 -9.27
C GLU A 46 2.01 -5.75 -8.04
N TYR A 47 3.08 -5.78 -7.26
CA TYR A 47 3.16 -4.97 -6.06
C TYR A 47 4.60 -4.60 -5.73
N GLU A 48 4.75 -3.68 -4.78
CA GLU A 48 6.07 -3.23 -4.37
C GLU A 48 6.08 -2.94 -2.87
N THR A 49 7.22 -2.47 -2.39
CA THR A 49 7.38 -2.15 -0.99
C THR A 49 8.37 -0.99 -0.81
N PHE A 50 8.05 -0.13 0.14
CA PHE A 50 8.89 1.02 0.43
C PHE A 50 9.33 1.04 1.89
N ASP A 51 10.30 1.89 2.17
CA ASP A 51 10.81 2.02 3.53
C ASP A 51 10.31 3.32 4.14
N ILE A 52 9.46 3.17 5.14
CA ILE A 52 8.90 4.33 5.83
C ILE A 52 9.87 4.80 6.91
N LEU A 53 10.68 3.86 7.39
CA LEU A 53 11.64 4.16 8.43
C LEU A 53 12.62 5.22 7.91
N GLU A 54 13.48 4.79 6.99
CA GLU A 54 14.46 5.69 6.42
C GLU A 54 13.86 7.07 6.18
N ASP A 55 13.00 7.15 5.18
CA ASP A 55 12.34 8.40 4.84
C ASP A 55 11.30 8.72 5.91
N GLU A 56 11.74 9.44 6.93
CA GLU A 56 10.86 9.82 8.02
C GLU A 56 9.81 10.82 7.53
N GLU A 57 10.30 11.93 7.01
CA GLU A 57 9.43 12.98 6.50
C GLU A 57 8.23 12.36 5.78
N VAL A 58 8.53 11.51 4.81
CA VAL A 58 7.49 10.84 4.04
C VAL A 58 6.54 10.12 4.99
N ARG A 59 7.12 9.34 5.90
CA ARG A 59 6.34 8.60 6.87
C ARG A 59 5.46 9.55 7.68
N GLN A 60 5.94 10.78 7.81
CA GLN A 60 5.21 11.80 8.55
C GLN A 60 4.28 12.58 7.62
N GLY A 61 4.57 12.47 6.33
CA GLY A 61 3.77 13.15 5.33
C GLY A 61 2.72 12.22 4.72
N LEU A 62 2.94 10.93 4.93
CA LEU A 62 2.02 9.93 4.42
C LEU A 62 0.85 9.77 5.39
N LYS A 63 1.10 10.08 6.64
CA LYS A 63 0.09 9.98 7.67
C LYS A 63 -0.83 11.20 7.59
N THR A 64 -0.23 12.34 7.28
CA THR A 64 -0.99 13.57 7.16
C THR A 64 -1.72 13.64 5.81
N PHE A 65 -1.33 12.73 4.93
CA PHE A 65 -1.92 12.67 3.61
C PHE A 65 -3.34 12.10 3.67
N SER A 66 -3.49 11.03 4.43
CA SER A 66 -4.78 10.38 4.57
C SER A 66 -5.16 10.32 6.05
N ASN A 67 -4.47 11.13 6.85
CA ASN A 67 -4.73 11.19 8.28
C ASN A 67 -4.80 9.77 8.84
N TRP A 68 -3.98 8.89 8.26
CA TRP A 68 -3.95 7.50 8.69
C TRP A 68 -2.48 7.15 8.97
N PRO A 69 -2.05 7.48 10.21
CA PRO A 69 -0.68 7.20 10.63
C PRO A 69 -0.49 5.71 10.93
N THR A 70 -1.60 4.98 10.84
CA THR A 70 -1.57 3.55 11.10
C THR A 70 -1.03 2.80 9.89
N TYR A 71 -0.05 1.95 10.14
CA TYR A 71 0.56 1.16 9.07
C TYR A 71 0.46 -0.33 9.37
N PRO A 72 0.67 -1.14 8.30
CA PRO A 72 0.98 -0.59 6.99
C PRO A 72 -0.28 0.00 6.34
N GLN A 73 -0.06 0.66 5.20
CA GLN A 73 -1.16 1.27 4.47
C GLN A 73 -1.15 0.80 3.02
N LEU A 74 -2.34 0.67 2.46
CA LEU A 74 -2.48 0.24 1.08
C LEU A 74 -2.89 1.44 0.22
N TYR A 75 -2.12 1.65 -0.83
CA TYR A 75 -2.38 2.75 -1.75
C TYR A 75 -2.55 2.24 -3.18
N VAL A 76 -3.59 2.73 -3.83
CA VAL A 76 -3.87 2.34 -5.20
C VAL A 76 -4.11 3.58 -6.04
N ARG A 77 -4.04 3.41 -7.36
CA ARG A 77 -4.24 4.50 -8.29
C ARG A 77 -5.71 4.93 -8.30
N GLY A 78 -6.18 5.39 -7.14
CA GLY A 78 -7.55 5.82 -7.01
C GLY A 78 -7.80 6.45 -5.63
N ASP A 79 -8.35 5.63 -4.73
CA ASP A 79 -8.63 6.08 -3.39
C ASP A 79 -7.95 5.15 -2.38
N LEU A 80 -7.30 5.77 -1.40
CA LEU A 80 -6.61 5.00 -0.38
C LEU A 80 -7.51 3.86 0.11
N VAL A 81 -7.06 2.65 -0.14
CA VAL A 81 -7.81 1.48 0.26
C VAL A 81 -8.00 1.49 1.78
N GLY A 82 -6.90 1.34 2.49
CA GLY A 82 -6.92 1.33 3.94
C GLY A 82 -5.78 0.49 4.51
N GLY A 83 -5.80 0.33 5.83
CA GLY A 83 -4.78 -0.46 6.50
C GLY A 83 -5.00 -1.95 6.28
N LEU A 84 -4.19 -2.74 6.95
CA LEU A 84 -4.27 -4.18 6.84
C LEU A 84 -5.71 -4.63 7.16
N ASP A 85 -6.23 -4.10 8.26
CA ASP A 85 -7.57 -4.44 8.68
C ASP A 85 -8.53 -4.26 7.50
N ILE A 86 -8.24 -3.25 6.69
CA ILE A 86 -9.06 -2.95 5.52
C ILE A 86 -8.73 -3.95 4.41
N VAL A 87 -7.48 -3.91 3.96
CA VAL A 87 -7.02 -4.80 2.91
C VAL A 87 -7.59 -6.20 3.16
N LYS A 88 -7.32 -6.71 4.35
CA LYS A 88 -7.79 -8.03 4.73
C LYS A 88 -9.29 -8.15 4.40
N GLU A 89 -10.06 -7.27 5.01
CA GLU A 89 -11.50 -7.26 4.81
C GLU A 89 -11.81 -7.40 3.31
N LEU A 90 -11.52 -6.35 2.58
CA LEU A 90 -11.78 -6.34 1.15
C LEU A 90 -11.38 -7.70 0.56
N LYS A 91 -10.15 -8.09 0.82
CA LYS A 91 -9.64 -9.36 0.33
C LYS A 91 -10.58 -10.49 0.78
N ASP A 92 -11.01 -10.39 2.03
CA ASP A 92 -11.90 -11.39 2.60
C ASP A 92 -13.20 -11.42 1.79
N ASN A 93 -13.72 -10.24 1.51
CA ASN A 93 -14.94 -10.12 0.74
C ASN A 93 -14.68 -10.52 -0.71
N GLY A 94 -13.48 -10.20 -1.18
CA GLY A 94 -13.09 -10.52 -2.54
C GLY A 94 -13.14 -9.27 -3.43
N GLU A 95 -13.02 -8.12 -2.79
CA GLU A 95 -13.05 -6.86 -3.52
C GLU A 95 -11.70 -6.14 -3.39
N LEU A 96 -10.64 -6.87 -3.72
CA LEU A 96 -9.30 -6.31 -3.65
C LEU A 96 -8.56 -6.60 -4.95
N LEU A 97 -8.67 -7.85 -5.39
CA LEU A 97 -8.02 -8.27 -6.62
C LEU A 97 -8.38 -7.30 -7.74
N PRO A 98 -9.70 -6.98 -7.82
CA PRO A 98 -10.19 -6.07 -8.85
C PRO A 98 -9.83 -4.63 -8.51
N ILE A 99 -9.44 -4.42 -7.26
CA ILE A 99 -9.08 -3.09 -6.80
C ILE A 99 -7.59 -2.87 -7.06
N LEU A 100 -6.81 -3.92 -6.81
CA LEU A 100 -5.37 -3.84 -7.02
C LEU A 100 -5.07 -3.82 -8.51
N LYS A 101 -5.65 -4.78 -9.21
CA LYS A 101 -5.45 -4.89 -10.65
C LYS A 101 -5.49 -3.50 -11.27
N GLY A 102 -6.69 -2.97 -11.40
CA GLY A 102 -6.89 -1.65 -11.97
C GLY A 102 -8.30 -1.14 -11.74
N GLU A 103 -9.20 -1.55 -12.61
CA GLU A 103 -10.59 -1.15 -12.51
C GLU A 103 -11.42 -2.23 -11.82
N SER A 104 -12.54 -1.81 -11.26
CA SER A 104 -13.42 -2.74 -10.57
C SER A 104 -14.30 -3.49 -11.58
N GLY A 105 -14.32 -4.80 -11.43
CA GLY A 105 -15.12 -5.63 -12.32
C GLY A 105 -16.42 -6.07 -11.65
N PRO A 106 -17.42 -6.41 -12.49
CA PRO A 106 -18.72 -6.85 -11.99
C PRO A 106 -18.64 -8.28 -11.44
N SER A 107 -17.99 -8.40 -10.29
CA SER A 107 -17.84 -9.70 -9.66
C SER A 107 -17.08 -10.65 -10.58
N SER A 108 -16.66 -11.78 -10.01
CA SER A 108 -15.92 -12.77 -10.78
C SER A 108 -16.76 -14.04 -10.94
N GLY A 109 -17.08 -14.34 -12.20
CA GLY A 109 -17.88 -15.52 -12.50
C GLY A 109 -17.65 -15.98 -13.94
N GLY A 1 6.59 26.30 -6.57
CA GLY A 1 7.67 25.97 -5.66
C GLY A 1 7.52 24.55 -5.11
N SER A 2 8.64 23.87 -4.99
CA SER A 2 8.65 22.51 -4.48
C SER A 2 9.93 22.24 -3.70
N SER A 3 9.76 21.69 -2.51
CA SER A 3 10.89 21.39 -1.65
C SER A 3 11.01 19.87 -1.46
N GLY A 4 12.18 19.36 -1.81
CA GLY A 4 12.44 17.94 -1.68
C GLY A 4 12.55 17.27 -3.06
N SER A 5 13.12 16.08 -3.07
CA SER A 5 13.28 15.34 -4.31
C SER A 5 12.92 13.86 -4.08
N SER A 6 12.24 13.62 -2.97
CA SER A 6 11.84 12.26 -2.62
C SER A 6 10.55 11.90 -3.38
N GLY A 7 9.60 12.82 -3.32
CA GLY A 7 8.33 12.61 -4.00
C GLY A 7 7.47 11.59 -3.23
N LEU A 8 6.38 12.09 -2.66
CA LEU A 8 5.48 11.24 -1.91
C LEU A 8 4.38 10.74 -2.83
N LYS A 9 3.56 11.66 -3.31
CA LYS A 9 2.47 11.32 -4.20
C LYS A 9 2.95 10.30 -5.23
N VAL A 10 4.14 10.56 -5.76
CA VAL A 10 4.73 9.68 -6.75
C VAL A 10 4.99 8.32 -6.12
N LEU A 11 5.65 8.36 -4.97
CA LEU A 11 5.97 7.13 -4.25
C LEU A 11 4.71 6.28 -4.10
N THR A 12 3.79 6.79 -3.29
CA THR A 12 2.54 6.10 -3.05
C THR A 12 1.97 5.55 -4.37
N ASN A 13 2.30 6.24 -5.44
CA ASN A 13 1.83 5.84 -6.76
C ASN A 13 3.04 5.48 -7.63
N LYS A 14 3.90 4.64 -7.09
CA LYS A 14 5.09 4.22 -7.80
C LYS A 14 4.80 2.92 -8.56
N ALA A 15 4.40 1.91 -7.80
CA ALA A 15 4.08 0.62 -8.39
C ALA A 15 2.56 0.43 -8.40
N SER A 16 2.13 -0.60 -9.11
CA SER A 16 0.71 -0.90 -9.22
C SER A 16 0.07 -0.93 -7.83
N VAL A 17 0.74 -1.64 -6.93
CA VAL A 17 0.25 -1.76 -5.56
C VAL A 17 1.35 -1.32 -4.59
N MET A 18 1.06 -0.26 -3.86
CA MET A 18 2.00 0.26 -2.89
C MET A 18 1.68 -0.22 -1.48
N LEU A 19 2.72 -0.63 -0.77
CA LEU A 19 2.56 -1.11 0.60
C LEU A 19 3.65 -0.51 1.48
N PHE A 20 3.22 0.30 2.43
CA PHE A 20 4.14 0.95 3.34
C PHE A 20 4.03 0.35 4.75
N MET A 21 5.16 -0.09 5.27
CA MET A 21 5.20 -0.68 6.60
C MET A 21 6.55 -0.43 7.27
N LYS A 22 6.64 -0.86 8.52
CA LYS A 22 7.87 -0.68 9.28
C LYS A 22 8.69 -1.98 9.22
N GLY A 23 9.88 -1.86 8.65
CA GLY A 23 10.76 -3.00 8.52
C GLY A 23 10.91 -3.42 7.05
N ASN A 24 9.92 -3.05 6.26
CA ASN A 24 9.93 -3.37 4.84
C ASN A 24 9.89 -4.89 4.68
N LYS A 25 9.77 -5.31 3.42
CA LYS A 25 9.71 -6.73 3.11
C LYS A 25 10.72 -7.48 3.99
N GLN A 26 11.80 -6.77 4.34
CA GLN A 26 12.83 -7.35 5.17
C GLN A 26 12.26 -7.78 6.52
N GLU A 27 12.02 -6.80 7.37
CA GLU A 27 11.47 -7.06 8.69
C GLU A 27 9.99 -7.45 8.59
N ALA A 28 9.58 -8.31 9.49
CA ALA A 28 8.19 -8.78 9.51
C ALA A 28 7.99 -9.71 10.71
N LYS A 29 7.32 -9.18 11.72
CA LYS A 29 7.05 -9.95 12.93
C LYS A 29 5.69 -10.63 12.79
N CYS A 30 5.38 -11.01 11.56
CA CYS A 30 4.11 -11.68 11.29
C CYS A 30 3.02 -10.99 12.11
N GLY A 31 2.50 -9.90 11.55
CA GLY A 31 1.45 -9.15 12.21
C GLY A 31 1.15 -7.85 11.45
N PHE A 32 0.18 -7.94 10.57
CA PHE A 32 -0.21 -6.78 9.77
C PHE A 32 0.82 -6.48 8.69
N SER A 33 2.06 -6.30 9.13
CA SER A 33 3.15 -6.01 8.21
C SER A 33 3.28 -7.14 7.18
N LYS A 34 3.72 -8.29 7.67
CA LYS A 34 3.90 -9.45 6.81
C LYS A 34 2.55 -9.86 6.23
N GLN A 35 1.56 -9.92 7.10
CA GLN A 35 0.21 -10.31 6.69
C GLN A 35 -0.15 -9.60 5.38
N ILE A 36 -0.44 -8.31 5.49
CA ILE A 36 -0.80 -7.51 4.33
C ILE A 36 0.10 -7.91 3.16
N LEU A 37 1.37 -8.11 3.45
CA LEU A 37 2.34 -8.48 2.44
C LEU A 37 1.93 -9.82 1.83
N GLU A 38 1.66 -10.79 2.70
CA GLU A 38 1.25 -12.11 2.26
C GLU A 38 -0.03 -12.02 1.42
N ILE A 39 -0.93 -11.16 1.86
CA ILE A 39 -2.19 -10.97 1.17
C ILE A 39 -1.94 -10.27 -0.16
N LEU A 40 -1.18 -9.18 -0.08
CA LEU A 40 -0.85 -8.40 -1.27
C LEU A 40 -0.27 -9.33 -2.33
N ASN A 41 0.25 -10.46 -1.87
CA ASN A 41 0.84 -11.43 -2.76
C ASN A 41 -0.24 -12.42 -3.23
N SER A 42 -1.04 -12.86 -2.28
CA SER A 42 -2.11 -13.80 -2.59
C SER A 42 -2.91 -13.30 -3.79
N THR A 43 -3.18 -12.01 -3.78
CA THR A 43 -3.95 -11.40 -4.86
C THR A 43 -3.43 -11.90 -6.22
N GLY A 44 -2.12 -12.02 -6.31
CA GLY A 44 -1.50 -12.49 -7.54
C GLY A 44 -1.03 -11.31 -8.40
N VAL A 45 -1.33 -10.11 -7.92
CA VAL A 45 -0.94 -8.91 -8.63
C VAL A 45 0.50 -8.54 -8.26
N GLU A 46 0.92 -7.37 -8.72
CA GLU A 46 2.26 -6.90 -8.45
C GLU A 46 2.22 -5.65 -7.57
N TYR A 47 3.03 -5.69 -6.52
CA TYR A 47 3.09 -4.56 -5.59
C TYR A 47 4.54 -4.29 -5.17
N GLU A 48 4.72 -3.14 -4.52
CA GLU A 48 6.05 -2.74 -4.07
C GLU A 48 5.97 -2.19 -2.64
N THR A 49 7.12 -2.20 -1.98
CA THR A 49 7.19 -1.69 -0.62
C THR A 49 8.18 -0.53 -0.53
N PHE A 50 8.11 0.17 0.59
CA PHE A 50 8.99 1.31 0.81
C PHE A 50 9.40 1.42 2.28
N ASP A 51 10.39 2.26 2.53
CA ASP A 51 10.89 2.45 3.88
C ASP A 51 10.30 3.75 4.45
N ILE A 52 9.53 3.60 5.52
CA ILE A 52 8.91 4.74 6.17
C ILE A 52 9.80 5.20 7.32
N LEU A 53 10.49 4.25 7.93
CA LEU A 53 11.37 4.55 9.04
C LEU A 53 12.41 5.57 8.60
N GLU A 54 13.45 5.07 7.95
CA GLU A 54 14.52 5.93 7.47
C GLU A 54 13.95 7.24 6.93
N ASP A 55 13.21 7.13 5.84
CA ASP A 55 12.60 8.29 5.22
C ASP A 55 11.49 8.83 6.13
N GLU A 56 11.91 9.45 7.21
CA GLU A 56 10.98 10.02 8.17
C GLU A 56 10.08 11.05 7.48
N GLU A 57 10.72 11.95 6.75
CA GLU A 57 10.00 13.00 6.04
C GLU A 57 8.78 12.41 5.34
N VAL A 58 8.98 11.26 4.72
CA VAL A 58 7.92 10.58 4.01
C VAL A 58 6.85 10.13 5.01
N ARG A 59 7.32 9.49 6.08
CA ARG A 59 6.41 9.00 7.10
C ARG A 59 5.34 10.05 7.41
N GLN A 60 5.78 11.13 8.04
CA GLN A 60 4.87 12.21 8.40
C GLN A 60 4.07 12.66 7.16
N GLY A 61 4.78 12.92 6.08
CA GLY A 61 4.16 13.35 4.85
C GLY A 61 3.17 12.30 4.34
N LEU A 62 3.28 11.11 4.92
CA LEU A 62 2.40 10.01 4.53
C LEU A 62 1.18 9.99 5.45
N LYS A 63 1.43 9.68 6.71
CA LYS A 63 0.37 9.62 7.69
C LYS A 63 -0.54 10.85 7.52
N THR A 64 0.09 11.97 7.23
CA THR A 64 -0.65 13.21 7.04
C THR A 64 -1.38 13.20 5.70
N PHE A 65 -0.72 12.61 4.70
CA PHE A 65 -1.30 12.53 3.37
C PHE A 65 -2.77 12.13 3.44
N SER A 66 -3.06 11.13 4.26
CA SER A 66 -4.41 10.66 4.42
C SER A 66 -4.84 10.75 5.88
N ASN A 67 -3.97 11.37 6.68
CA ASN A 67 -4.23 11.54 8.10
C ASN A 67 -4.53 10.17 8.72
N TRP A 68 -3.80 9.17 8.24
CA TRP A 68 -3.98 7.82 8.74
C TRP A 68 -2.61 7.29 9.16
N PRO A 69 -2.18 7.72 10.38
CA PRO A 69 -0.90 7.30 10.92
C PRO A 69 -0.95 5.85 11.40
N THR A 70 -1.81 5.08 10.75
CA THR A 70 -1.96 3.67 11.12
C THR A 70 -1.48 2.77 9.97
N TYR A 71 -0.22 2.38 10.08
CA TYR A 71 0.38 1.52 9.07
C TYR A 71 0.01 0.06 9.31
N PRO A 72 0.19 -0.76 8.23
CA PRO A 72 0.71 -0.25 6.98
C PRO A 72 -0.37 0.54 6.23
N GLN A 73 -0.01 0.98 5.03
CA GLN A 73 -0.93 1.74 4.20
C GLN A 73 -0.88 1.25 2.76
N LEU A 74 -2.05 0.92 2.23
CA LEU A 74 -2.15 0.44 0.87
C LEU A 74 -2.84 1.50 0.00
N TYR A 75 -2.21 1.81 -1.13
CA TYR A 75 -2.73 2.80 -2.04
C TYR A 75 -2.81 2.25 -3.46
N VAL A 76 -3.96 2.46 -4.08
CA VAL A 76 -4.19 2.00 -5.44
C VAL A 76 -4.89 3.08 -6.24
N ARG A 77 -5.06 2.80 -7.53
CA ARG A 77 -5.72 3.76 -8.42
C ARG A 77 -6.86 4.45 -7.69
N GLY A 78 -7.67 3.65 -7.01
CA GLY A 78 -8.81 4.18 -6.27
C GLY A 78 -8.35 5.17 -5.19
N ASP A 79 -8.86 4.96 -3.99
CA ASP A 79 -8.51 5.83 -2.87
C ASP A 79 -7.80 4.99 -1.81
N LEU A 80 -7.37 5.69 -0.74
CA LEU A 80 -6.67 5.03 0.34
C LEU A 80 -7.45 3.78 0.76
N VAL A 81 -7.04 2.65 0.20
CA VAL A 81 -7.69 1.38 0.50
C VAL A 81 -7.99 1.31 2.00
N GLY A 82 -6.94 1.11 2.78
CA GLY A 82 -7.07 1.02 4.22
C GLY A 82 -5.99 0.12 4.82
N GLY A 83 -6.02 0.00 6.14
CA GLY A 83 -5.06 -0.82 6.84
C GLY A 83 -5.23 -2.30 6.48
N LEU A 84 -4.63 -3.14 7.30
CA LEU A 84 -4.71 -4.58 7.08
C LEU A 84 -6.17 -5.02 7.18
N ASP A 85 -6.76 -4.73 8.33
CA ASP A 85 -8.15 -5.09 8.56
C ASP A 85 -8.97 -4.83 7.29
N ILE A 86 -8.67 -3.71 6.66
CA ILE A 86 -9.36 -3.33 5.43
C ILE A 86 -8.97 -4.29 4.32
N VAL A 87 -7.71 -4.21 3.91
CA VAL A 87 -7.21 -5.07 2.85
C VAL A 87 -7.69 -6.51 3.10
N LYS A 88 -7.42 -6.98 4.29
CA LYS A 88 -7.81 -8.33 4.66
C LYS A 88 -9.30 -8.52 4.39
N GLU A 89 -10.09 -7.66 5.01
CA GLU A 89 -11.54 -7.71 4.84
C GLU A 89 -11.89 -7.90 3.37
N LEU A 90 -11.63 -6.85 2.59
CA LEU A 90 -11.92 -6.89 1.18
C LEU A 90 -11.45 -8.22 0.59
N LYS A 91 -10.19 -8.53 0.85
CA LYS A 91 -9.60 -9.77 0.36
C LYS A 91 -10.47 -10.95 0.81
N ASP A 92 -11.02 -10.81 2.01
CA ASP A 92 -11.86 -11.85 2.56
C ASP A 92 -13.16 -11.95 1.74
N ASN A 93 -13.80 -10.79 1.60
CA ASN A 93 -15.04 -10.73 0.86
C ASN A 93 -14.79 -11.15 -0.59
N GLY A 94 -13.68 -10.65 -1.13
CA GLY A 94 -13.31 -10.96 -2.51
C GLY A 94 -13.43 -9.73 -3.40
N GLU A 95 -13.21 -8.57 -2.79
CA GLU A 95 -13.30 -7.32 -3.52
C GLU A 95 -11.98 -6.54 -3.39
N LEU A 96 -10.89 -7.23 -3.71
CA LEU A 96 -9.58 -6.63 -3.62
C LEU A 96 -8.81 -6.90 -4.92
N LEU A 97 -8.83 -8.16 -5.32
CA LEU A 97 -8.14 -8.57 -6.53
C LEU A 97 -8.61 -7.69 -7.70
N PRO A 98 -9.96 -7.52 -7.78
CA PRO A 98 -10.54 -6.72 -8.84
C PRO A 98 -10.33 -5.23 -8.57
N ILE A 99 -9.92 -4.92 -7.34
CA ILE A 99 -9.68 -3.54 -6.95
C ILE A 99 -8.23 -3.17 -7.27
N LEU A 100 -7.33 -4.10 -6.93
CA LEU A 100 -5.92 -3.88 -7.18
C LEU A 100 -5.65 -3.93 -8.68
N LYS A 101 -6.16 -4.97 -9.32
CA LYS A 101 -5.99 -5.14 -10.75
C LYS A 101 -6.23 -3.79 -11.44
N GLY A 102 -7.05 -2.97 -10.81
CA GLY A 102 -7.37 -1.66 -11.36
C GLY A 102 -6.37 -0.60 -10.86
N GLU A 103 -5.12 -1.02 -10.73
CA GLU A 103 -4.07 -0.13 -10.27
C GLU A 103 -3.90 1.04 -11.25
N SER A 104 -3.33 2.11 -10.73
CA SER A 104 -3.11 3.30 -11.53
C SER A 104 -2.51 2.91 -12.89
N GLY A 105 -2.82 3.71 -13.90
CA GLY A 105 -2.32 3.46 -15.24
C GLY A 105 -2.56 2.01 -15.65
N PRO A 106 -3.87 1.68 -15.85
CA PRO A 106 -4.26 0.34 -16.24
C PRO A 106 -3.93 0.09 -17.72
N SER A 107 -3.91 -1.18 -18.09
CA SER A 107 -3.62 -1.57 -19.45
C SER A 107 -2.22 -1.08 -19.84
N SER A 108 -1.22 -1.77 -19.31
CA SER A 108 0.16 -1.44 -19.59
C SER A 108 1.04 -2.68 -19.49
N GLY A 109 1.01 -3.29 -18.32
CA GLY A 109 1.79 -4.49 -18.08
C GLY A 109 3.24 -4.13 -17.70
N GLY A 1 5.22 16.69 -21.22
CA GLY A 1 4.48 16.76 -19.97
C GLY A 1 5.38 16.41 -18.78
N SER A 2 5.22 17.19 -17.71
CA SER A 2 6.01 16.97 -16.52
C SER A 2 5.74 15.58 -15.95
N SER A 3 6.79 14.97 -15.43
CA SER A 3 6.68 13.63 -14.86
C SER A 3 6.75 13.72 -13.33
N GLY A 4 7.81 14.33 -12.84
CA GLY A 4 8.00 14.48 -11.41
C GLY A 4 8.93 13.40 -10.86
N SER A 5 10.19 13.77 -10.67
CA SER A 5 11.17 12.84 -10.16
C SER A 5 11.12 12.82 -8.63
N SER A 6 10.83 11.64 -8.11
CA SER A 6 10.75 11.47 -6.66
C SER A 6 9.56 12.25 -6.11
N GLY A 7 9.32 12.08 -4.82
CA GLY A 7 8.22 12.76 -4.16
C GLY A 7 7.27 11.76 -3.50
N LEU A 8 6.33 12.31 -2.75
CA LEU A 8 5.36 11.46 -2.05
C LEU A 8 4.33 10.95 -3.06
N LYS A 9 3.63 11.89 -3.68
CA LYS A 9 2.62 11.55 -4.66
C LYS A 9 3.16 10.47 -5.60
N VAL A 10 4.38 10.71 -6.07
CA VAL A 10 5.03 9.77 -6.97
C VAL A 10 5.20 8.43 -6.27
N LEU A 11 5.50 8.51 -4.98
CA LEU A 11 5.70 7.31 -4.19
C LEU A 11 4.39 6.50 -4.17
N THR A 12 3.32 7.17 -3.77
CA THR A 12 2.02 6.53 -3.70
C THR A 12 1.51 6.21 -5.10
N ASN A 13 2.20 6.77 -6.09
CA ASN A 13 1.82 6.54 -7.48
C ASN A 13 2.97 5.83 -8.20
N LYS A 14 3.86 5.25 -7.41
CA LYS A 14 5.00 4.54 -7.96
C LYS A 14 4.53 3.21 -8.55
N ALA A 15 3.96 2.38 -7.69
CA ALA A 15 3.46 1.08 -8.12
C ALA A 15 1.93 1.07 -8.02
N SER A 16 1.32 0.32 -8.92
CA SER A 16 -0.13 0.21 -8.94
C SER A 16 -0.65 -0.03 -7.52
N VAL A 17 -0.03 -0.99 -6.85
CA VAL A 17 -0.43 -1.31 -5.49
C VAL A 17 0.70 -0.96 -4.54
N MET A 18 0.49 0.10 -3.77
CA MET A 18 1.48 0.56 -2.81
C MET A 18 1.20 -0.01 -1.42
N LEU A 19 2.21 -0.68 -0.87
CA LEU A 19 2.08 -1.27 0.45
C LEU A 19 3.11 -0.62 1.39
N PHE A 20 2.61 0.22 2.27
CA PHE A 20 3.47 0.91 3.22
C PHE A 20 3.39 0.25 4.60
N MET A 21 4.47 -0.45 4.95
CA MET A 21 4.54 -1.12 6.23
C MET A 21 5.89 -0.91 6.90
N LYS A 22 6.03 -1.47 8.09
CA LYS A 22 7.27 -1.35 8.84
C LYS A 22 8.04 -2.66 8.77
N GLY A 23 9.13 -2.63 8.00
CA GLY A 23 9.96 -3.81 7.84
C GLY A 23 10.38 -3.99 6.37
N ASN A 24 9.51 -3.54 5.49
CA ASN A 24 9.77 -3.64 4.06
C ASN A 24 9.89 -5.10 3.68
N LYS A 25 9.63 -5.38 2.40
CA LYS A 25 9.70 -6.73 1.90
C LYS A 25 10.92 -7.44 2.52
N GLN A 26 11.99 -6.68 2.67
CA GLN A 26 13.21 -7.21 3.25
C GLN A 26 12.88 -8.15 4.41
N GLU A 27 11.92 -7.73 5.21
CA GLU A 27 11.50 -8.51 6.36
C GLU A 27 10.56 -7.70 7.25
N ALA A 28 9.88 -8.40 8.14
CA ALA A 28 8.95 -7.76 9.05
C ALA A 28 8.90 -8.54 10.36
N LYS A 29 8.25 -9.69 10.31
CA LYS A 29 8.12 -10.54 11.48
C LYS A 29 7.87 -9.67 12.72
N CYS A 30 6.66 -9.15 12.81
CA CYS A 30 6.27 -8.30 13.93
C CYS A 30 4.76 -8.35 14.09
N GLY A 31 4.08 -8.20 12.95
CA GLY A 31 2.62 -8.23 12.95
C GLY A 31 2.06 -7.22 11.94
N PHE A 32 0.87 -7.53 11.45
CA PHE A 32 0.22 -6.68 10.49
C PHE A 32 1.07 -6.50 9.24
N SER A 33 2.10 -5.66 9.38
CA SER A 33 3.01 -5.40 8.26
C SER A 33 3.21 -6.66 7.45
N LYS A 34 3.55 -7.74 8.15
CA LYS A 34 3.77 -9.01 7.50
C LYS A 34 2.47 -9.52 6.89
N GLN A 35 1.41 -9.47 7.69
CA GLN A 35 0.10 -9.91 7.25
C GLN A 35 -0.21 -9.33 5.87
N ILE A 36 -0.33 -8.02 5.83
CA ILE A 36 -0.63 -7.33 4.58
C ILE A 36 0.19 -7.95 3.46
N LEU A 37 1.46 -8.19 3.76
CA LEU A 37 2.36 -8.77 2.78
C LEU A 37 1.91 -10.20 2.45
N GLU A 38 1.65 -10.95 3.51
CA GLU A 38 1.21 -12.33 3.36
C GLU A 38 -0.04 -12.38 2.46
N ILE A 39 -0.87 -11.35 2.58
CA ILE A 39 -2.08 -11.27 1.80
C ILE A 39 -1.75 -10.77 0.40
N LEU A 40 -1.02 -9.67 0.36
CA LEU A 40 -0.63 -9.07 -0.91
C LEU A 40 -0.01 -10.16 -1.81
N ASN A 41 0.48 -11.20 -1.17
CA ASN A 41 1.09 -12.31 -1.90
C ASN A 41 0.04 -12.95 -2.81
N SER A 42 -1.21 -12.84 -2.39
CA SER A 42 -2.32 -13.40 -3.16
C SER A 42 -2.58 -12.54 -4.39
N THR A 43 -1.83 -11.44 -4.48
CA THR A 43 -1.98 -10.53 -5.61
C THR A 43 -0.61 -10.15 -6.16
N GLY A 44 -0.10 -10.99 -7.03
CA GLY A 44 1.20 -10.75 -7.65
C GLY A 44 1.12 -9.63 -8.68
N VAL A 45 -0.02 -8.95 -8.68
CA VAL A 45 -0.24 -7.85 -9.60
C VAL A 45 0.89 -6.82 -9.44
N GLU A 46 0.65 -5.65 -9.99
CA GLU A 46 1.63 -4.57 -9.92
C GLU A 46 1.58 -3.90 -8.55
N TYR A 47 2.62 -4.12 -7.77
CA TYR A 47 2.70 -3.55 -6.44
C TYR A 47 4.15 -3.32 -6.03
N GLU A 48 4.32 -2.76 -4.83
CA GLU A 48 5.65 -2.48 -4.32
C GLU A 48 5.59 -2.27 -2.80
N THR A 49 6.76 -2.10 -2.22
CA THR A 49 6.87 -1.88 -0.78
C THR A 49 7.87 -0.77 -0.47
N PHE A 50 7.50 0.06 0.48
CA PHE A 50 8.35 1.18 0.88
C PHE A 50 8.71 1.09 2.37
N ASP A 51 9.71 1.86 2.75
CA ASP A 51 10.15 1.88 4.13
C ASP A 51 9.78 3.22 4.77
N ILE A 52 8.90 3.13 5.76
CA ILE A 52 8.44 4.32 6.46
C ILE A 52 9.40 4.63 7.62
N LEU A 53 10.21 3.63 7.96
CA LEU A 53 11.17 3.78 9.04
C LEU A 53 12.33 4.66 8.56
N GLU A 54 13.07 4.14 7.60
CA GLU A 54 14.21 4.85 7.05
C GLU A 54 13.83 6.31 6.77
N ASP A 55 12.99 6.49 5.75
CA ASP A 55 12.54 7.81 5.38
C ASP A 55 11.44 8.28 6.35
N GLU A 56 11.89 8.88 7.44
CA GLU A 56 10.96 9.37 8.44
C GLU A 56 10.11 10.50 7.87
N GLU A 57 10.73 11.30 7.02
CA GLU A 57 10.03 12.42 6.40
C GLU A 57 8.84 11.91 5.58
N VAL A 58 9.12 10.99 4.68
CA VAL A 58 8.08 10.43 3.84
C VAL A 58 6.95 9.88 4.73
N ARG A 59 7.37 9.15 5.75
CA ARG A 59 6.42 8.56 6.68
C ARG A 59 5.48 9.63 7.24
N GLN A 60 6.05 10.49 8.07
CA GLN A 60 5.28 11.56 8.68
C GLN A 60 4.59 12.40 7.61
N GLY A 61 5.28 12.54 6.48
CA GLY A 61 4.75 13.32 5.37
C GLY A 61 3.64 12.55 4.65
N LEU A 62 3.55 11.27 4.98
CA LEU A 62 2.54 10.41 4.38
C LEU A 62 1.29 10.40 5.27
N LYS A 63 1.47 9.90 6.48
CA LYS A 63 0.38 9.83 7.42
C LYS A 63 -0.40 11.15 7.40
N THR A 64 0.34 12.23 7.23
CA THR A 64 -0.26 13.56 7.20
C THR A 64 -0.95 13.78 5.85
N PHE A 65 -0.33 13.26 4.81
CA PHE A 65 -0.88 13.41 3.47
C PHE A 65 -2.32 12.90 3.41
N SER A 66 -2.58 11.83 4.15
CA SER A 66 -3.90 11.26 4.18
C SER A 66 -4.42 11.22 5.62
N ASN A 67 -3.72 11.95 6.49
CA ASN A 67 -4.10 12.01 7.89
C ASN A 67 -4.53 10.63 8.36
N TRP A 68 -3.80 9.63 7.88
CA TRP A 68 -4.10 8.25 8.25
C TRP A 68 -2.78 7.59 8.69
N PRO A 69 -2.38 7.91 9.95
CA PRO A 69 -1.15 7.36 10.50
C PRO A 69 -1.34 5.89 10.90
N THR A 70 -2.54 5.40 10.65
CA THR A 70 -2.87 4.02 10.98
C THR A 70 -2.24 3.07 9.96
N TYR A 71 -1.01 2.66 10.25
CA TYR A 71 -0.30 1.75 9.37
C TYR A 71 -0.63 0.29 9.70
N PRO A 72 -0.43 -0.59 8.69
CA PRO A 72 0.07 -0.14 7.39
C PRO A 72 -1.03 0.57 6.60
N GLN A 73 -0.61 1.24 5.53
CA GLN A 73 -1.54 1.97 4.69
C GLN A 73 -1.26 1.66 3.22
N LEU A 74 -2.25 1.06 2.57
CA LEU A 74 -2.12 0.71 1.17
C LEU A 74 -2.73 1.84 0.32
N TYR A 75 -2.18 1.99 -0.88
CA TYR A 75 -2.65 3.01 -1.80
C TYR A 75 -2.85 2.45 -3.20
N VAL A 76 -4.04 2.66 -3.72
CA VAL A 76 -4.37 2.18 -5.06
C VAL A 76 -5.14 3.25 -5.81
N ARG A 77 -4.89 3.32 -7.11
CA ARG A 77 -5.55 4.30 -7.96
C ARG A 77 -5.13 5.72 -7.54
N GLY A 78 -5.65 6.14 -6.41
CA GLY A 78 -5.35 7.46 -5.89
C GLY A 78 -5.83 7.62 -4.45
N ASP A 79 -7.03 7.10 -4.20
CA ASP A 79 -7.61 7.17 -2.87
C ASP A 79 -6.97 6.11 -1.98
N LEU A 80 -7.12 6.32 -0.67
CA LEU A 80 -6.56 5.39 0.30
C LEU A 80 -7.49 4.19 0.44
N VAL A 81 -6.91 3.01 0.22
CA VAL A 81 -7.67 1.77 0.33
C VAL A 81 -7.97 1.49 1.79
N GLY A 82 -6.91 1.26 2.55
CA GLY A 82 -7.03 0.96 3.96
C GLY A 82 -5.81 0.22 4.49
N GLY A 83 -5.94 -0.29 5.71
CA GLY A 83 -4.85 -1.03 6.33
C GLY A 83 -5.04 -2.53 6.15
N LEU A 84 -4.32 -3.28 6.97
CA LEU A 84 -4.39 -4.73 6.92
C LEU A 84 -5.85 -5.17 7.09
N ASP A 85 -6.43 -4.74 8.21
CA ASP A 85 -7.81 -5.08 8.51
C ASP A 85 -8.67 -4.88 7.27
N ILE A 86 -8.32 -3.84 6.52
CA ILE A 86 -9.06 -3.52 5.30
C ILE A 86 -8.71 -4.54 4.22
N VAL A 87 -7.47 -4.46 3.74
CA VAL A 87 -7.02 -5.37 2.71
C VAL A 87 -7.54 -6.77 3.00
N LYS A 88 -7.19 -7.27 4.18
CA LYS A 88 -7.62 -8.60 4.59
C LYS A 88 -9.09 -8.80 4.21
N GLU A 89 -9.91 -7.85 4.64
CA GLU A 89 -11.33 -7.91 4.35
C GLU A 89 -11.57 -8.19 2.87
N LEU A 90 -11.24 -7.19 2.05
CA LEU A 90 -11.41 -7.32 0.61
C LEU A 90 -10.95 -8.71 0.17
N LYS A 91 -9.69 -9.01 0.49
CA LYS A 91 -9.11 -10.29 0.13
C LYS A 91 -10.06 -11.41 0.58
N ASP A 92 -10.54 -11.28 1.80
CA ASP A 92 -11.44 -12.28 2.36
C ASP A 92 -12.75 -12.27 1.57
N ASN A 93 -13.45 -11.14 1.65
CA ASN A 93 -14.71 -10.99 0.95
C ASN A 93 -14.57 -11.53 -0.47
N GLY A 94 -13.46 -11.19 -1.10
CA GLY A 94 -13.18 -11.64 -2.45
C GLY A 94 -13.35 -10.49 -3.45
N GLU A 95 -12.88 -9.32 -3.05
CA GLU A 95 -12.98 -8.15 -3.90
C GLU A 95 -11.71 -7.30 -3.77
N LEU A 96 -10.57 -7.96 -3.93
CA LEU A 96 -9.29 -7.28 -3.83
C LEU A 96 -8.56 -7.39 -5.17
N LEU A 97 -8.61 -8.58 -5.74
CA LEU A 97 -7.96 -8.84 -7.02
C LEU A 97 -8.45 -7.80 -8.04
N PRO A 98 -9.79 -7.58 -8.05
CA PRO A 98 -10.38 -6.62 -8.97
C PRO A 98 -10.12 -5.19 -8.51
N ILE A 99 -10.14 -5.00 -7.19
CA ILE A 99 -9.91 -3.69 -6.61
C ILE A 99 -8.47 -3.27 -6.89
N LEU A 100 -7.58 -4.25 -6.82
CA LEU A 100 -6.16 -3.99 -7.05
C LEU A 100 -5.92 -3.84 -8.55
N LYS A 101 -6.22 -4.91 -9.28
CA LYS A 101 -6.04 -4.90 -10.72
C LYS A 101 -6.43 -3.52 -11.28
N GLY A 102 -7.71 -3.20 -11.14
CA GLY A 102 -8.21 -1.93 -11.62
C GLY A 102 -8.60 -2.02 -13.10
N GLU A 103 -9.84 -2.43 -13.33
CA GLU A 103 -10.34 -2.57 -14.68
C GLU A 103 -9.24 -3.08 -15.61
N SER A 104 -9.02 -4.39 -15.56
CA SER A 104 -8.00 -5.01 -16.38
C SER A 104 -8.35 -6.48 -16.62
N GLY A 105 -7.92 -6.98 -17.77
CA GLY A 105 -8.17 -8.36 -18.12
C GLY A 105 -7.79 -8.64 -19.58
N PRO A 106 -6.57 -9.23 -19.76
CA PRO A 106 -6.08 -9.54 -21.08
C PRO A 106 -6.79 -10.77 -21.65
N SER A 107 -8.04 -10.57 -22.06
CA SER A 107 -8.83 -11.64 -22.61
C SER A 107 -8.91 -12.80 -21.62
N SER A 108 -9.87 -12.70 -20.71
CA SER A 108 -10.07 -13.73 -19.70
C SER A 108 -8.72 -14.14 -19.11
N GLY A 109 -8.27 -13.34 -18.15
CA GLY A 109 -7.00 -13.61 -17.49
C GLY A 109 -7.22 -14.07 -16.05
#